data_5GMG
#
_entry.id   5GMG
#
_cell.length_a   98.277
_cell.length_b   99.410
_cell.length_c   112.096
_cell.angle_alpha   90.00
_cell.angle_beta   98.58
_cell.angle_gamma   90.00
#
_symmetry.space_group_name_H-M   'P 1 21 1'
#
loop_
_entity.id
_entity.type
_entity.pdbx_description
1 polymer 'Toll-like receptor 7'
2 polymer "RNA (5'-R(P*UP*UP*UP*U)-3')"
3 branched 2-acetamido-2-deoxy-beta-D-glucopyranose-(1-4)-2-acetamido-2-deoxy-beta-D-glucopyranose
4 non-polymer 2-acetamido-2-deoxy-beta-D-glucopyranose
5 non-polymer 2-azanyl-9-[(2~{R},3~{R},4~{S},5~{R})-5-(hydroxymethyl)-3,4-bis(oxidanyl)oxolan-2-yl]-7-prop-2-enyl-1~{H}-purine-6,8-dione
6 non-polymer 'PHOSPHATE ION'
7 water water
#
loop_
_entity_poly.entity_id
_entity_poly.type
_entity_poly.pdbx_seq_one_letter_code
_entity_poly.pdbx_strand_id
1 'polypeptide(L)'
;RSPWARWFPKTLPCDVTLDVSKNHVIVDCTDKHLTEIPGGIPTNTTNLTLTINHIPDISPASFHRLVHLVEIDFRCNCVP
IRLGSKSNMCPRRLQIKPRSFSGLTYLKSLYLDGNQLLEIPQGLPPSLQLLSLEANNIFSIRKEQLTELANIEILYLGQN
CYYRNPCYVSYSIEKDAFLNLTKLKVLSLKDNNVTTVPTVLPSTLTELYLYNNMIAEIQEDDFNNLNQLQILDLSGNCPR
CYNAPFPCTPCKNNSPLQIPVNAFDALTELKVLRLHSNSLQHVPPRWFKNINNLQELDLSQNFLAKEIGDAKFLHFLPNL
IQLDLSFNFELQVYRASMNLSQAFSSLKSLKILRIRGYVFKELKSFQLSPLHNLQNLEVLDLGTNFIKIANLSMFKQFKR
LKVIDLSVNKISPSGDSSEVGFCSNARTSVESYEPQVLEQLYYFRYDKYARSCRFKNKEASFTSVQESCYKYGQTLDLSK
NSIFFIKSSDFQHLSFLKCLNLSGNLISQTLNGSEFQPLAELRYLDFSNNRLDLLHSTAFEELRKLEVLDISSNSHYFQS
EGITHMLNFTKNLKVLQKLMMNDNDISSSTSRTMESESLRTLEFRGNHLDVLWRDGDNRYLQLFKNLLKLEELDISKNSL
SFLPSGVFDGMPPNLKNLSLAKNGLKSFIWEKLRYLKNLETLDLSHNQLTTVPERLSNCSRSLKNLILKNNQIRSLTKYF
LQDAFQLRYLDLSSNKIQMIQKTSFPENVLNNLKMLLLHHNRFLCTCDAVWFVWWVQHTEVTIPYLATDVTCVGPGAHKG
QSVISLDLYTCELDLTN
;
A,B
2 'polyribonucleotide' UUUU C,D
#
# COMPACT_ATOMS: atom_id res chain seq x y z
N ARG A 6 23.56 16.12 -35.06
CA ARG A 6 22.93 15.54 -36.29
C ARG A 6 22.77 16.59 -37.38
N TRP A 7 22.84 16.13 -38.63
CA TRP A 7 22.63 17.01 -39.75
C TRP A 7 21.12 17.25 -39.95
N PHE A 8 20.35 16.18 -39.80
CA PHE A 8 18.89 16.25 -39.88
C PHE A 8 18.20 15.67 -38.63
N PRO A 9 17.23 16.40 -38.01
CA PRO A 9 16.31 15.76 -37.06
C PRO A 9 15.49 14.79 -37.99
N LYS A 10 15.10 13.53 -37.74
CA LYS A 10 14.83 12.82 -36.49
C LYS A 10 13.32 13.02 -36.23
N THR A 11 12.51 13.01 -37.28
CA THR A 11 11.10 13.39 -37.26
C THR A 11 10.07 12.26 -37.37
N LEU A 12 10.52 11.13 -37.87
CA LEU A 12 9.71 9.93 -37.91
C LEU A 12 9.37 9.46 -36.48
N PRO A 13 8.08 9.18 -36.18
CA PRO A 13 7.73 8.79 -34.81
C PRO A 13 8.04 7.34 -34.39
N CYS A 14 9.21 6.79 -34.78
CA CYS A 14 9.41 5.32 -34.75
C CYS A 14 10.85 4.98 -34.46
N ASP A 15 11.08 3.99 -33.62
CA ASP A 15 12.46 3.58 -33.30
C ASP A 15 13.06 2.85 -34.52
N VAL A 16 13.95 3.53 -35.24
CA VAL A 16 14.65 2.92 -36.38
C VAL A 16 15.90 2.23 -35.86
N THR A 17 15.77 0.96 -35.48
CA THR A 17 16.91 0.12 -35.12
C THR A 17 17.52 -0.32 -36.47
N LEU A 18 18.62 -1.08 -36.44
CA LEU A 18 19.38 -1.38 -37.68
C LEU A 18 20.39 -2.52 -37.52
N ASP A 19 20.11 -3.68 -38.14
CA ASP A 19 20.73 -4.97 -37.78
C ASP A 19 21.30 -5.70 -39.01
N HIS A 24 18.81 -6.48 -42.56
CA HIS A 24 17.81 -6.06 -41.56
C HIS A 24 17.80 -4.55 -41.15
N VAL A 25 16.70 -3.86 -41.48
CA VAL A 25 16.41 -2.48 -41.07
C VAL A 25 15.08 -2.50 -40.30
N ILE A 26 15.12 -2.36 -38.97
CA ILE A 26 13.91 -2.49 -38.12
C ILE A 26 13.31 -1.12 -37.82
N VAL A 27 12.06 -0.92 -38.23
CA VAL A 27 11.30 0.31 -38.01
C VAL A 27 10.15 -0.04 -37.10
N ASP A 28 10.12 0.55 -35.91
CA ASP A 28 9.14 0.21 -34.88
C ASP A 28 8.27 1.37 -34.45
N CYS A 29 7.00 1.36 -34.87
CA CYS A 29 6.04 2.40 -34.55
C CYS A 29 4.97 1.90 -33.60
N THR A 30 5.34 0.95 -32.74
CA THR A 30 4.45 0.42 -31.68
C THR A 30 3.95 1.54 -30.76
N ASP A 31 2.62 1.61 -30.60
CA ASP A 31 1.97 2.55 -29.66
C ASP A 31 2.53 3.96 -29.79
N LYS A 32 2.22 4.57 -30.93
CA LYS A 32 2.63 5.93 -31.22
C LYS A 32 1.44 6.77 -31.60
N HIS A 33 0.25 6.34 -31.20
CA HIS A 33 -0.99 7.08 -31.45
C HIS A 33 -1.17 7.57 -32.89
N LEU A 34 -0.80 6.73 -33.85
CA LEU A 34 -0.84 7.06 -35.28
C LEU A 34 -2.22 6.73 -35.86
N THR A 35 -2.70 7.58 -36.77
CA THR A 35 -3.92 7.32 -37.56
C THR A 35 -3.68 7.09 -39.07
N GLU A 36 -2.42 7.21 -39.50
CA GLU A 36 -1.98 6.93 -40.87
C GLU A 36 -0.58 6.36 -40.72
N ILE A 37 -0.17 5.49 -41.63
CA ILE A 37 1.23 5.15 -41.71
C ILE A 37 1.96 6.48 -41.91
N PRO A 38 3.06 6.70 -41.16
CA PRO A 38 3.78 7.95 -41.35
C PRO A 38 4.59 8.00 -42.65
N GLY A 39 4.75 9.21 -43.18
CA GLY A 39 5.72 9.47 -44.23
C GLY A 39 7.15 9.30 -43.73
N GLY A 40 8.07 9.12 -44.65
CA GLY A 40 9.48 9.12 -44.34
C GLY A 40 10.04 7.79 -43.94
N ILE A 41 9.23 6.73 -44.07
CA ILE A 41 9.73 5.42 -43.70
C ILE A 41 10.82 5.06 -44.71
N PRO A 42 11.99 4.64 -44.20
CA PRO A 42 13.09 4.27 -45.08
C PRO A 42 12.71 3.23 -46.14
N THR A 43 13.24 3.43 -47.34
CA THR A 43 13.02 2.54 -48.46
C THR A 43 13.60 1.13 -48.21
N ASN A 44 14.73 1.03 -47.50
CA ASN A 44 15.31 -0.27 -47.14
C ASN A 44 14.68 -0.97 -45.92
N THR A 45 13.51 -0.51 -45.42
CA THR A 45 12.81 -1.17 -44.30
C THR A 45 12.52 -2.68 -44.57
N THR A 46 13.10 -3.54 -43.72
CA THR A 46 12.85 -4.97 -43.77
C THR A 46 11.70 -5.36 -42.85
N ASN A 47 11.81 -5.10 -41.55
CA ASN A 47 10.69 -5.29 -40.61
C ASN A 47 10.06 -3.94 -40.28
N LEU A 48 8.75 -3.79 -40.49
CA LEU A 48 7.95 -2.63 -40.03
C LEU A 48 6.85 -3.03 -39.00
N THR A 49 6.87 -2.44 -37.81
CA THR A 49 5.85 -2.69 -36.78
C THR A 49 4.94 -1.48 -36.53
N LEU A 50 3.63 -1.71 -36.65
CA LEU A 50 2.62 -0.68 -36.42
C LEU A 50 1.55 -1.15 -35.42
N THR A 51 1.93 -2.03 -34.51
CA THR A 51 0.97 -2.58 -33.56
C THR A 51 0.57 -1.56 -32.49
N ILE A 52 -0.70 -1.59 -32.12
CA ILE A 52 -1.33 -0.62 -31.24
C ILE A 52 -1.23 0.79 -31.81
N ASN A 53 -1.97 1.02 -32.88
CA ASN A 53 -2.23 2.35 -33.41
C ASN A 53 -3.69 2.43 -33.80
N HIS A 54 -4.12 3.49 -34.49
CA HIS A 54 -5.52 3.61 -34.91
C HIS A 54 -5.60 3.97 -36.37
N ILE A 55 -4.84 3.22 -37.15
CA ILE A 55 -4.75 3.40 -38.58
C ILE A 55 -5.93 2.61 -39.14
N PRO A 56 -6.94 3.28 -39.71
CA PRO A 56 -8.20 2.58 -39.99
C PRO A 56 -8.26 1.78 -41.29
N ASP A 57 -7.25 1.94 -42.17
CA ASP A 57 -7.19 1.14 -43.40
C ASP A 57 -5.78 0.95 -43.98
N ILE A 58 -5.69 -0.04 -44.85
CA ILE A 58 -4.47 -0.39 -45.57
C ILE A 58 -4.80 -0.34 -47.08
N SER A 59 -3.88 0.21 -47.88
CA SER A 59 -4.09 0.41 -49.32
C SER A 59 -2.79 0.08 -50.07
N PRO A 60 -2.79 0.21 -51.41
CA PRO A 60 -1.52 0.06 -52.12
C PRO A 60 -0.53 1.20 -51.81
N ALA A 61 -1.03 2.37 -51.42
CA ALA A 61 -0.19 3.46 -50.91
C ALA A 61 0.55 3.08 -49.63
N SER A 62 -0.11 2.34 -48.76
CA SER A 62 0.46 1.98 -47.46
C SER A 62 1.91 1.57 -47.57
N PHE A 63 2.20 0.62 -48.46
CA PHE A 63 3.57 0.08 -48.54
C PHE A 63 4.30 0.40 -49.86
N HIS A 64 3.75 1.32 -50.67
CA HIS A 64 4.21 1.67 -52.04
C HIS A 64 5.70 1.50 -52.24
N ARG A 65 6.49 2.30 -51.55
CA ARG A 65 7.94 2.32 -51.79
C ARG A 65 8.71 1.21 -51.06
N LEU A 66 8.07 0.44 -50.19
CA LEU A 66 8.78 -0.37 -49.15
C LEU A 66 9.12 -1.76 -49.66
N VAL A 67 9.91 -1.80 -50.72
CA VAL A 67 10.02 -3.00 -51.53
C VAL A 67 10.80 -4.16 -50.91
N HIS A 68 11.63 -3.89 -49.91
CA HIS A 68 12.42 -4.97 -49.32
C HIS A 68 11.76 -5.56 -48.07
N LEU A 69 10.49 -5.20 -47.76
CA LEU A 69 9.78 -5.71 -46.56
C LEU A 69 9.71 -7.22 -46.43
N VAL A 70 10.33 -7.79 -45.38
CA VAL A 70 10.14 -9.22 -45.04
C VAL A 70 9.13 -9.47 -43.93
N GLU A 71 8.82 -8.45 -43.12
CA GLU A 71 7.83 -8.61 -42.04
C GLU A 71 7.01 -7.36 -41.83
N ILE A 72 5.70 -7.53 -41.64
CA ILE A 72 4.79 -6.44 -41.29
C ILE A 72 4.05 -6.89 -40.05
N ASP A 73 4.14 -6.11 -38.98
CA ASP A 73 3.39 -6.38 -37.77
C ASP A 73 2.36 -5.27 -37.64
N PHE A 74 1.17 -5.53 -38.14
CA PHE A 74 0.06 -4.59 -38.12
C PHE A 74 -0.98 -5.10 -37.14
N ARG A 75 -0.54 -5.41 -35.91
CA ARG A 75 -1.48 -5.98 -34.88
C ARG A 75 -2.29 -4.91 -34.12
N CYS A 76 -3.52 -5.24 -33.73
CA CYS A 76 -4.23 -4.44 -32.72
C CYS A 76 -4.41 -2.95 -33.09
N ASN A 77 -4.81 -2.70 -34.33
CA ASN A 77 -5.32 -1.39 -34.71
C ASN A 77 -6.83 -1.32 -34.57
N CYS A 78 -7.45 -2.44 -34.23
CA CYS A 78 -8.88 -2.47 -33.97
C CYS A 78 -9.23 -3.76 -33.20
N VAL A 79 -8.84 -3.84 -31.92
CA VAL A 79 -9.04 -5.09 -31.21
C VAL A 79 -10.52 -5.21 -30.89
N PRO A 80 -11.05 -6.45 -30.85
CA PRO A 80 -12.46 -6.71 -30.53
C PRO A 80 -12.92 -6.08 -29.24
N ILE A 81 -14.19 -5.68 -29.21
CA ILE A 81 -14.74 -4.79 -28.18
C ILE A 81 -14.38 -5.16 -26.73
N ARG A 82 -14.54 -6.44 -26.37
CA ARG A 82 -14.30 -6.94 -25.00
C ARG A 82 -12.81 -7.16 -24.66
N LEU A 83 -12.00 -7.31 -25.72
CA LEU A 83 -10.55 -7.45 -25.60
C LEU A 83 -9.82 -6.11 -25.48
N GLY A 84 -10.43 -5.03 -25.96
CA GLY A 84 -9.80 -3.72 -26.07
C GLY A 84 -10.04 -2.81 -24.91
N SER A 85 -9.65 -1.55 -25.09
CA SER A 85 -9.80 -0.56 -24.03
C SER A 85 -11.21 -0.07 -24.17
N LYS A 86 -11.86 0.16 -23.02
CA LYS A 86 -13.25 0.64 -23.00
C LYS A 86 -13.38 2.14 -23.00
N SER A 87 -12.27 2.87 -22.79
CA SER A 87 -12.25 4.32 -23.03
C SER A 87 -12.17 4.62 -24.53
N ASN A 88 -11.38 3.82 -25.24
CA ASN A 88 -11.05 4.02 -26.63
C ASN A 88 -11.44 2.80 -27.50
N MET A 89 -12.74 2.53 -27.60
CA MET A 89 -13.25 1.37 -28.37
C MET A 89 -13.15 1.65 -29.87
N CYS A 90 -12.72 0.64 -30.63
CA CYS A 90 -12.56 0.80 -32.07
C CYS A 90 -13.91 0.91 -32.77
N PRO A 91 -14.18 2.03 -33.47
CA PRO A 91 -15.51 2.26 -34.01
C PRO A 91 -15.86 1.43 -35.26
N ARG A 92 -14.86 0.92 -35.98
CA ARG A 92 -15.08 0.32 -37.30
C ARG A 92 -13.89 -0.57 -37.66
N ARG A 93 -14.14 -1.77 -38.18
CA ARG A 93 -13.05 -2.71 -38.43
C ARG A 93 -12.03 -2.16 -39.44
N LEU A 94 -10.79 -2.58 -39.29
CA LEU A 94 -9.74 -2.31 -40.28
C LEU A 94 -10.22 -2.69 -41.68
N GLN A 95 -10.02 -1.79 -42.64
CA GLN A 95 -10.32 -2.03 -44.05
C GLN A 95 -9.05 -2.38 -44.79
N ILE A 96 -9.06 -3.44 -45.59
CA ILE A 96 -7.90 -3.77 -46.42
C ILE A 96 -8.34 -3.75 -47.88
N LYS A 97 -7.96 -2.69 -48.60
CA LYS A 97 -8.34 -2.52 -50.01
C LYS A 97 -7.59 -3.52 -50.89
N PRO A 98 -8.11 -3.78 -52.11
CA PRO A 98 -7.40 -4.69 -53.01
C PRO A 98 -5.96 -4.23 -53.34
N ARG A 99 -5.09 -5.20 -53.61
CA ARG A 99 -3.75 -4.94 -54.13
C ARG A 99 -2.75 -4.44 -53.07
N SER A 100 -3.18 -4.31 -51.81
CA SER A 100 -2.32 -3.72 -50.77
C SER A 100 -1.05 -4.49 -50.47
N PHE A 101 -1.05 -5.80 -50.66
CA PHE A 101 0.11 -6.63 -50.29
C PHE A 101 0.87 -7.27 -51.46
N SER A 102 0.25 -7.30 -52.65
CA SER A 102 0.72 -8.16 -53.75
C SER A 102 1.93 -7.57 -54.48
N GLY A 103 2.29 -6.32 -54.16
CA GLY A 103 3.55 -5.73 -54.58
C GLY A 103 4.78 -6.25 -53.85
N LEU A 104 4.59 -6.92 -52.70
CA LEU A 104 5.68 -7.21 -51.75
C LEU A 104 6.28 -8.60 -51.92
N THR A 105 7.21 -8.68 -52.86
CA THR A 105 7.78 -9.94 -53.33
C THR A 105 8.55 -10.68 -52.26
N TYR A 106 9.14 -9.94 -51.31
CA TYR A 106 10.05 -10.53 -50.31
C TYR A 106 9.38 -10.75 -48.95
N LEU A 107 8.09 -10.40 -48.84
CA LEU A 107 7.32 -10.53 -47.58
C LEU A 107 7.23 -12.00 -47.09
N LYS A 108 7.71 -12.25 -45.87
CA LYS A 108 7.71 -13.60 -45.28
C LYS A 108 6.82 -13.75 -44.03
N SER A 109 6.53 -12.66 -43.32
CA SER A 109 5.67 -12.71 -42.15
C SER A 109 4.68 -11.57 -42.22
N LEU A 110 3.44 -11.85 -41.87
CA LEU A 110 2.41 -10.84 -41.82
C LEU A 110 1.59 -11.11 -40.58
N TYR A 111 1.40 -10.07 -39.77
CA TYR A 111 0.67 -10.16 -38.53
C TYR A 111 -0.52 -9.18 -38.59
N LEU A 112 -1.74 -9.68 -38.79
CA LEU A 112 -2.94 -8.84 -38.80
C LEU A 112 -3.90 -9.19 -37.65
N ASP A 113 -3.33 -9.68 -36.56
CA ASP A 113 -4.13 -10.08 -35.38
C ASP A 113 -4.81 -8.87 -34.73
N GLY A 114 -6.01 -9.09 -34.19
CA GLY A 114 -6.69 -8.08 -33.41
C GLY A 114 -7.14 -6.87 -34.21
N ASN A 115 -7.76 -7.10 -35.35
CA ASN A 115 -8.28 -6.01 -36.18
C ASN A 115 -9.73 -6.10 -36.58
N GLN A 116 -10.46 -6.98 -35.92
CA GLN A 116 -11.85 -7.24 -36.23
C GLN A 116 -12.13 -7.62 -37.70
N LEU A 117 -11.19 -8.34 -38.31
CA LEU A 117 -11.35 -8.80 -39.68
C LEU A 117 -12.43 -9.89 -39.77
N LEU A 118 -13.26 -9.79 -40.82
CA LEU A 118 -14.35 -10.72 -41.07
C LEU A 118 -13.96 -11.91 -41.93
N GLU A 119 -12.85 -11.82 -42.65
CA GLU A 119 -12.46 -12.87 -43.60
C GLU A 119 -10.95 -12.93 -43.72
N ILE A 120 -10.44 -14.09 -44.12
CA ILE A 120 -9.03 -14.23 -44.43
C ILE A 120 -8.74 -13.25 -45.56
N PRO A 121 -7.79 -12.30 -45.34
CA PRO A 121 -7.56 -11.29 -46.38
C PRO A 121 -6.89 -11.90 -47.58
N GLN A 122 -7.36 -11.48 -48.75
CA GLN A 122 -6.93 -12.07 -50.00
C GLN A 122 -5.79 -11.25 -50.63
N GLY A 123 -5.30 -11.71 -51.76
CA GLY A 123 -4.29 -10.97 -52.53
C GLY A 123 -2.94 -10.98 -51.88
N LEU A 124 -2.68 -12.03 -51.11
CA LEU A 124 -1.41 -12.10 -50.37
C LEU A 124 -0.35 -12.67 -51.30
N PRO A 125 0.93 -12.30 -51.10
CA PRO A 125 1.98 -12.80 -51.96
C PRO A 125 2.36 -14.26 -51.72
N PRO A 126 2.87 -14.92 -52.76
CA PRO A 126 3.34 -16.30 -52.66
C PRO A 126 4.64 -16.47 -51.86
N SER A 127 5.35 -15.39 -51.58
CA SER A 127 6.51 -15.43 -50.71
C SER A 127 6.18 -15.67 -49.24
N LEU A 128 4.89 -15.56 -48.88
CA LEU A 128 4.47 -15.51 -47.47
C LEU A 128 4.59 -16.86 -46.75
N GLN A 129 5.37 -16.89 -45.67
CA GLN A 129 5.57 -18.09 -44.87
C GLN A 129 4.74 -18.15 -43.58
N LEU A 130 4.33 -16.98 -43.07
CA LEU A 130 3.67 -16.86 -41.78
C LEU A 130 2.51 -15.91 -41.91
N LEU A 131 1.33 -16.32 -41.42
CA LEU A 131 0.15 -15.44 -41.38
C LEU A 131 -0.54 -15.61 -40.05
N SER A 132 -0.79 -14.47 -39.40
CA SER A 132 -1.34 -14.47 -38.07
C SER A 132 -2.59 -13.62 -38.05
N LEU A 133 -3.69 -14.23 -37.64
CA LEU A 133 -4.97 -13.59 -37.68
C LEU A 133 -5.70 -13.76 -36.35
N GLU A 134 -4.95 -13.94 -35.26
CA GLU A 134 -5.57 -14.17 -33.95
C GLU A 134 -6.47 -12.99 -33.56
N ALA A 135 -7.45 -13.24 -32.71
CA ALA A 135 -8.31 -12.15 -32.19
C ALA A 135 -8.97 -11.32 -33.29
N ASN A 136 -9.38 -11.98 -34.36
CA ASN A 136 -10.23 -11.37 -35.37
C ASN A 136 -11.64 -11.96 -35.27
N ASN A 137 -12.49 -11.72 -36.26
CA ASN A 137 -13.81 -12.34 -36.29
C ASN A 137 -14.00 -13.26 -37.52
N ILE A 138 -13.04 -14.18 -37.65
CA ILE A 138 -13.01 -15.20 -38.69
C ILE A 138 -13.27 -16.58 -38.03
N PHE A 139 -14.43 -17.15 -38.32
CA PHE A 139 -14.87 -18.44 -37.75
C PHE A 139 -15.41 -19.45 -38.77
N SER A 140 -15.09 -19.23 -40.05
CA SER A 140 -15.41 -20.17 -41.11
C SER A 140 -14.25 -20.19 -42.08
N ILE A 141 -13.60 -21.35 -42.20
CA ILE A 141 -12.46 -21.54 -43.10
C ILE A 141 -12.89 -22.38 -44.31
N ARG A 142 -12.74 -21.76 -45.49
CA ARG A 142 -13.03 -22.41 -46.77
C ARG A 142 -11.73 -22.68 -47.51
N LYS A 143 -11.74 -23.75 -48.29
CA LYS A 143 -10.57 -24.15 -49.08
C LYS A 143 -10.18 -23.10 -50.08
N GLU A 144 -11.17 -22.44 -50.69
CA GLU A 144 -10.91 -21.46 -51.74
C GLU A 144 -10.10 -20.29 -51.18
N GLN A 145 -10.52 -19.79 -50.02
CA GLN A 145 -9.83 -18.70 -49.32
C GLN A 145 -8.35 -19.01 -48.97
N LEU A 146 -8.01 -20.28 -48.79
CA LEU A 146 -6.64 -20.73 -48.48
C LEU A 146 -5.69 -21.05 -49.64
N THR A 147 -6.12 -20.94 -50.91
CA THR A 147 -5.23 -21.32 -52.03
C THR A 147 -4.16 -20.27 -52.30
N GLU A 148 -4.40 -19.01 -51.92
CA GLU A 148 -3.32 -18.01 -51.90
C GLU A 148 -2.12 -18.39 -51.02
N LEU A 149 -2.29 -19.34 -50.10
CA LEU A 149 -1.24 -19.71 -49.16
C LEU A 149 -0.49 -20.99 -49.53
N ALA A 150 -0.25 -21.23 -50.82
CA ALA A 150 0.44 -22.45 -51.25
C ALA A 150 1.74 -22.68 -50.46
N ASN A 151 2.50 -21.60 -50.27
CA ASN A 151 3.83 -21.69 -49.66
C ASN A 151 3.89 -21.37 -48.16
N ILE A 152 2.73 -21.32 -47.49
CA ILE A 152 2.66 -20.98 -46.06
C ILE A 152 3.18 -22.14 -45.19
N GLU A 153 3.92 -21.77 -44.15
CA GLU A 153 4.46 -22.72 -43.18
C GLU A 153 3.85 -22.57 -41.80
N ILE A 154 3.45 -21.36 -41.44
CA ILE A 154 2.94 -21.08 -40.08
C ILE A 154 1.63 -20.35 -40.21
N LEU A 155 0.63 -20.79 -39.47
CA LEU A 155 -0.72 -20.21 -39.57
C LEU A 155 -1.45 -20.13 -38.22
N TYR A 156 -1.63 -18.90 -37.73
CA TYR A 156 -2.29 -18.63 -36.44
C TYR A 156 -3.71 -18.14 -36.71
N LEU A 157 -4.69 -18.95 -36.34
CA LEU A 157 -6.09 -18.61 -36.57
C LEU A 157 -6.93 -18.56 -35.29
N GLY A 158 -6.27 -18.65 -34.14
CA GLY A 158 -6.95 -18.76 -32.86
C GLY A 158 -7.59 -17.50 -32.29
N GLN A 159 -8.32 -17.68 -31.21
CA GLN A 159 -8.96 -16.58 -30.50
C GLN A 159 -9.90 -15.76 -31.37
N ASN A 160 -10.57 -16.42 -32.33
CA ASN A 160 -11.68 -15.79 -33.09
C ASN A 160 -13.12 -16.18 -32.61
N CYS A 161 -13.23 -17.20 -31.75
CA CYS A 161 -14.51 -17.58 -31.17
C CYS A 161 -14.34 -18.20 -29.79
N TYR A 162 -14.33 -17.33 -28.78
CA TYR A 162 -14.31 -17.77 -27.38
C TYR A 162 -15.11 -16.79 -26.53
N TYR A 163 -15.21 -17.07 -25.22
CA TYR A 163 -16.02 -16.24 -24.33
C TYR A 163 -15.74 -14.73 -24.39
N ARG A 164 -14.49 -14.34 -24.65
CA ARG A 164 -14.14 -12.90 -24.77
C ARG A 164 -14.32 -12.27 -26.17
N ASN A 165 -14.57 -13.09 -27.17
CA ASN A 165 -14.62 -12.63 -28.56
C ASN A 165 -15.51 -13.63 -29.24
N PRO A 166 -16.80 -13.62 -28.85
CA PRO A 166 -17.68 -14.71 -29.24
C PRO A 166 -18.13 -14.60 -30.70
N CYS A 167 -18.20 -15.73 -31.41
CA CYS A 167 -18.83 -15.75 -32.73
C CYS A 167 -20.26 -16.31 -32.72
N TYR A 168 -20.70 -16.84 -31.58
CA TYR A 168 -22.09 -17.29 -31.41
C TYR A 168 -22.50 -18.55 -32.19
N VAL A 169 -21.53 -19.23 -32.81
CA VAL A 169 -21.77 -20.46 -33.58
C VAL A 169 -20.56 -21.37 -33.45
N SER A 170 -20.70 -22.61 -33.92
CA SER A 170 -19.57 -23.53 -34.08
C SER A 170 -18.63 -23.03 -35.15
N TYR A 171 -17.35 -23.31 -34.94
CA TYR A 171 -16.34 -22.95 -35.89
C TYR A 171 -16.54 -23.95 -37.05
N SER A 172 -16.30 -23.52 -38.28
CA SER A 172 -16.41 -24.37 -39.49
C SER A 172 -15.13 -24.42 -40.32
N ILE A 173 -14.62 -25.62 -40.52
CA ILE A 173 -13.52 -25.86 -41.42
C ILE A 173 -13.98 -26.92 -42.44
N GLU A 174 -14.02 -26.54 -43.72
CA GLU A 174 -14.26 -27.49 -44.81
C GLU A 174 -13.38 -28.76 -44.68
N LYS A 175 -13.93 -29.90 -45.12
CA LYS A 175 -13.18 -31.13 -45.28
C LYS A 175 -11.95 -30.82 -46.17
N ASP A 176 -10.78 -31.28 -45.71
CA ASP A 176 -9.50 -31.13 -46.43
C ASP A 176 -9.07 -29.67 -46.72
N ALA A 177 -9.56 -28.72 -45.92
CA ALA A 177 -9.24 -27.29 -46.11
C ALA A 177 -7.73 -27.01 -46.10
N PHE A 178 -7.02 -27.63 -45.16
CA PHE A 178 -5.60 -27.41 -45.01
C PHE A 178 -4.71 -28.37 -45.82
N LEU A 179 -5.31 -29.35 -46.51
CA LEU A 179 -4.54 -30.48 -47.08
C LEU A 179 -3.56 -30.09 -48.20
N ASN A 180 -3.98 -29.18 -49.07
CA ASN A 180 -3.17 -28.68 -50.18
C ASN A 180 -2.17 -27.56 -49.75
N LEU A 181 -2.01 -27.34 -48.44
CA LEU A 181 -0.93 -26.52 -47.90
C LEU A 181 0.18 -27.51 -47.63
N THR A 182 0.96 -27.75 -48.68
CA THR A 182 1.94 -28.81 -48.70
C THR A 182 3.20 -28.48 -47.88
N LYS A 183 3.37 -27.22 -47.50
CA LYS A 183 4.51 -26.78 -46.68
C LYS A 183 4.14 -26.41 -45.23
N LEU A 184 2.86 -26.52 -44.87
CA LEU A 184 2.37 -26.12 -43.54
C LEU A 184 3.00 -26.91 -42.43
N LYS A 185 3.61 -26.23 -41.48
CA LYS A 185 4.27 -26.88 -40.36
C LYS A 185 3.51 -26.63 -39.06
N VAL A 186 3.16 -25.38 -38.79
CA VAL A 186 2.51 -25.00 -37.53
C VAL A 186 1.13 -24.51 -37.88
N LEU A 187 0.12 -25.02 -37.16
CA LEU A 187 -1.27 -24.60 -37.32
C LEU A 187 -1.89 -24.48 -35.94
N SER A 188 -2.49 -23.31 -35.67
CA SER A 188 -3.08 -23.03 -34.37
C SER A 188 -4.52 -22.68 -34.58
N LEU A 189 -5.39 -23.50 -34.02
CA LEU A 189 -6.83 -23.22 -34.02
C LEU A 189 -7.39 -23.19 -32.60
N LYS A 190 -6.59 -22.77 -31.64
CA LYS A 190 -7.03 -22.66 -30.23
C LYS A 190 -8.15 -21.63 -30.02
N ASP A 191 -8.88 -21.80 -28.92
CA ASP A 191 -9.74 -20.73 -28.40
C ASP A 191 -10.74 -20.32 -29.48
N ASN A 192 -11.31 -21.34 -30.12
CA ASN A 192 -12.06 -21.16 -31.35
C ASN A 192 -13.42 -21.85 -31.51
N ASN A 193 -13.87 -22.69 -30.59
CA ASN A 193 -15.21 -23.29 -30.72
C ASN A 193 -15.28 -24.28 -31.90
N VAL A 194 -14.17 -24.98 -32.07
CA VAL A 194 -13.98 -26.04 -33.04
C VAL A 194 -14.52 -27.32 -32.46
N THR A 195 -15.27 -28.06 -33.27
CA THR A 195 -15.95 -29.30 -32.85
C THR A 195 -15.22 -30.60 -33.23
N THR A 196 -14.36 -30.57 -34.25
CA THR A 196 -13.63 -31.77 -34.73
C THR A 196 -12.26 -31.38 -35.33
N VAL A 197 -11.33 -32.32 -35.28
CA VAL A 197 -10.02 -32.18 -35.89
C VAL A 197 -10.26 -31.98 -37.40
N PRO A 198 -9.79 -30.88 -37.99
CA PRO A 198 -10.14 -30.58 -39.40
C PRO A 198 -9.35 -31.43 -40.42
N THR A 199 -9.77 -32.68 -40.56
CA THR A 199 -9.16 -33.62 -41.49
C THR A 199 -9.46 -33.22 -42.95
N VAL A 200 -8.60 -33.64 -43.89
CA VAL A 200 -7.31 -34.33 -43.62
C VAL A 200 -6.21 -33.28 -43.52
N LEU A 201 -5.27 -33.49 -42.60
CA LEU A 201 -4.17 -32.54 -42.37
C LEU A 201 -2.92 -32.93 -43.10
N PRO A 202 -2.15 -31.93 -43.60
CA PRO A 202 -0.93 -32.22 -44.39
C PRO A 202 0.17 -32.80 -43.50
N SER A 203 0.87 -33.82 -44.01
CA SER A 203 1.76 -34.68 -43.19
C SER A 203 2.98 -33.92 -42.67
N THR A 204 3.30 -32.85 -43.40
CA THR A 204 4.31 -31.89 -43.04
C THR A 204 4.15 -31.13 -41.66
N LEU A 205 2.94 -31.10 -41.07
CA LEU A 205 2.71 -30.52 -39.72
C LEU A 205 3.67 -31.03 -38.64
N THR A 206 4.28 -30.06 -37.97
CA THR A 206 5.15 -30.27 -36.81
C THR A 206 4.49 -29.92 -35.48
N GLU A 207 3.69 -28.86 -35.48
CA GLU A 207 2.97 -28.41 -34.28
C GLU A 207 1.50 -28.21 -34.61
N LEU A 208 0.62 -28.65 -33.71
CA LEU A 208 -0.81 -28.56 -33.95
C LEU A 208 -1.48 -28.17 -32.65
N TYR A 209 -2.06 -26.97 -32.62
CA TYR A 209 -2.67 -26.47 -31.38
C TYR A 209 -4.16 -26.38 -31.55
N LEU A 210 -4.84 -27.21 -30.75
CA LEU A 210 -6.27 -27.39 -30.84
C LEU A 210 -6.95 -27.26 -29.48
N TYR A 211 -6.37 -26.48 -28.58
CA TYR A 211 -6.86 -26.40 -27.21
C TYR A 211 -7.96 -25.37 -27.03
N ASN A 212 -8.68 -25.52 -25.94
CA ASN A 212 -9.85 -24.68 -25.62
C ASN A 212 -10.84 -24.60 -26.75
N ASN A 213 -11.52 -25.72 -26.97
CA ASN A 213 -12.45 -25.90 -28.09
C ASN A 213 -13.61 -26.80 -27.66
N MET A 214 -14.49 -27.22 -28.59
CA MET A 214 -15.60 -28.15 -28.28
C MET A 214 -15.43 -29.53 -28.94
N ILE A 215 -14.21 -30.05 -28.92
CA ILE A 215 -13.89 -31.32 -29.53
C ILE A 215 -14.19 -32.41 -28.51
N ALA A 216 -15.28 -33.16 -28.74
CA ALA A 216 -15.68 -34.21 -27.80
C ALA A 216 -14.95 -35.53 -28.02
N GLU A 217 -14.45 -35.77 -29.24
CA GLU A 217 -13.83 -37.06 -29.60
C GLU A 217 -12.75 -36.94 -30.65
N ILE A 218 -11.74 -37.79 -30.50
CA ILE A 218 -10.71 -37.98 -31.51
C ILE A 218 -11.08 -39.26 -32.32
N GLN A 219 -11.20 -39.13 -33.64
CA GLN A 219 -11.36 -40.29 -34.52
C GLN A 219 -9.99 -40.88 -34.77
N GLU A 220 -9.89 -42.20 -34.96
CA GLU A 220 -8.58 -42.86 -35.03
C GLU A 220 -7.81 -42.58 -36.31
N ASP A 221 -8.48 -42.03 -37.30
CA ASP A 221 -7.83 -41.55 -38.52
C ASP A 221 -7.44 -40.06 -38.45
N ASP A 222 -7.68 -39.40 -37.30
CA ASP A 222 -7.47 -37.96 -37.19
C ASP A 222 -6.01 -37.53 -37.34
N PHE A 223 -5.08 -38.33 -36.82
CA PHE A 223 -3.66 -38.02 -36.96
C PHE A 223 -2.86 -39.06 -37.77
N ASN A 224 -3.55 -39.74 -38.69
CA ASN A 224 -3.01 -40.86 -39.52
C ASN A 224 -1.68 -40.67 -40.25
N ASN A 225 -1.51 -39.48 -40.78
CA ASN A 225 -0.43 -39.21 -41.72
C ASN A 225 0.65 -38.29 -41.14
N LEU A 226 0.56 -37.97 -39.85
CA LEU A 226 1.36 -36.90 -39.23
C LEU A 226 2.60 -37.46 -38.54
N ASN A 227 3.45 -38.15 -39.32
CA ASN A 227 4.74 -38.70 -38.86
C ASN A 227 5.71 -37.64 -38.31
N GLN A 228 5.70 -36.45 -38.92
CA GLN A 228 6.55 -35.33 -38.51
C GLN A 228 6.10 -34.50 -37.27
N LEU A 229 4.87 -34.70 -36.80
CA LEU A 229 4.35 -33.92 -35.66
C LEU A 229 5.20 -34.08 -34.40
N GLN A 230 5.80 -32.97 -33.94
CA GLN A 230 6.53 -32.88 -32.66
C GLN A 230 5.69 -32.37 -31.48
N ILE A 231 4.72 -31.46 -31.74
CA ILE A 231 3.92 -30.90 -30.65
C ILE A 231 2.42 -31.03 -30.97
N LEU A 232 1.69 -31.60 -30.00
CA LEU A 232 0.24 -31.71 -30.04
C LEU A 232 -0.36 -31.18 -28.74
N ASP A 233 -1.36 -30.30 -28.87
CA ASP A 233 -2.10 -29.80 -27.72
C ASP A 233 -3.59 -29.93 -27.95
N LEU A 234 -4.22 -30.75 -27.11
CA LEU A 234 -5.68 -31.01 -27.20
C LEU A 234 -6.34 -30.59 -25.90
N SER A 235 -5.67 -29.70 -25.16
CA SER A 235 -6.13 -29.31 -23.83
C SER A 235 -7.48 -28.57 -23.84
N GLY A 236 -8.12 -28.52 -22.69
CA GLY A 236 -9.38 -27.76 -22.58
C GLY A 236 -10.48 -28.19 -23.54
N ASN A 237 -10.58 -29.49 -23.77
CA ASN A 237 -11.65 -30.10 -24.56
C ASN A 237 -12.28 -31.11 -23.64
N CYS A 238 -13.54 -30.90 -23.29
CA CYS A 238 -14.13 -31.56 -22.15
C CYS A 238 -13.31 -31.15 -20.92
N PRO A 239 -13.28 -29.82 -20.66
CA PRO A 239 -12.48 -29.27 -19.58
C PRO A 239 -12.99 -29.71 -18.24
N ARG A 240 -12.07 -29.72 -17.28
CA ARG A 240 -12.40 -29.91 -15.88
C ARG A 240 -12.74 -28.51 -15.38
N CYS A 241 -14.00 -28.26 -15.03
CA CYS A 241 -14.46 -26.90 -14.75
C CYS A 241 -14.41 -26.41 -13.29
N TYR A 242 -13.96 -27.27 -12.37
CA TYR A 242 -13.98 -26.98 -10.94
C TYR A 242 -13.03 -25.81 -10.65
N ASN A 243 -13.56 -24.71 -10.10
CA ASN A 243 -12.84 -23.47 -9.80
C ASN A 243 -12.12 -22.90 -11.02
N ALA A 244 -12.74 -23.01 -12.18
CA ALA A 244 -12.25 -22.35 -13.36
C ALA A 244 -12.46 -20.87 -13.16
N PRO A 245 -11.42 -20.04 -13.36
CA PRO A 245 -11.65 -18.59 -13.27
C PRO A 245 -12.21 -17.97 -14.57
N PHE A 246 -12.81 -18.79 -15.43
CA PHE A 246 -13.45 -18.35 -16.67
C PHE A 246 -14.67 -19.22 -16.98
N PRO A 247 -15.57 -18.77 -17.89
CA PRO A 247 -16.76 -19.58 -18.24
C PRO A 247 -16.35 -20.92 -18.83
N CYS A 248 -16.79 -22.02 -18.21
CA CYS A 248 -16.29 -23.35 -18.49
C CYS A 248 -17.47 -24.31 -18.62
N THR A 249 -17.69 -24.84 -19.83
CA THR A 249 -18.77 -25.80 -20.09
C THR A 249 -18.21 -27.21 -20.26
N PRO A 250 -18.50 -28.10 -19.30
CA PRO A 250 -17.90 -29.44 -19.41
C PRO A 250 -18.64 -30.27 -20.43
N CYS A 251 -18.00 -31.36 -20.84
CA CYS A 251 -18.70 -32.37 -21.63
C CYS A 251 -19.74 -33.07 -20.75
N LYS A 252 -20.86 -33.49 -21.36
CA LYS A 252 -22.01 -34.10 -20.67
C LYS A 252 -21.61 -35.35 -19.89
N ASN A 253 -22.32 -35.59 -18.80
CA ASN A 253 -22.06 -36.73 -17.90
C ASN A 253 -20.64 -36.77 -17.33
N ASN A 254 -20.02 -35.60 -17.16
CA ASN A 254 -18.60 -35.50 -16.78
C ASN A 254 -17.69 -36.34 -17.71
N SER A 255 -18.04 -36.40 -18.99
CA SER A 255 -17.38 -37.30 -19.92
C SER A 255 -15.97 -36.81 -20.19
N PRO A 256 -15.02 -37.71 -20.43
CA PRO A 256 -13.72 -37.25 -20.93
C PRO A 256 -13.71 -37.00 -22.41
N LEU A 257 -12.67 -36.31 -22.86
CA LEU A 257 -12.30 -36.25 -24.27
C LEU A 257 -11.97 -37.68 -24.71
N GLN A 258 -12.76 -38.25 -25.61
CA GLN A 258 -12.56 -39.66 -26.00
C GLN A 258 -11.45 -39.81 -27.06
N ILE A 259 -10.41 -40.56 -26.67
CA ILE A 259 -9.18 -40.75 -27.48
C ILE A 259 -8.97 -42.26 -27.71
N PRO A 260 -9.24 -42.76 -28.94
CA PRO A 260 -9.06 -44.16 -29.29
C PRO A 260 -7.69 -44.58 -28.89
N VAL A 261 -7.56 -45.80 -28.37
CA VAL A 261 -6.27 -46.34 -27.90
C VAL A 261 -5.12 -46.22 -28.93
N ASN A 262 -5.49 -46.20 -30.21
CA ASN A 262 -4.53 -46.18 -31.32
C ASN A 262 -4.41 -44.83 -32.00
N ALA A 263 -5.03 -43.80 -31.43
CA ALA A 263 -5.10 -42.47 -32.07
C ALA A 263 -3.74 -41.81 -32.36
N PHE A 264 -2.71 -42.18 -31.59
CA PHE A 264 -1.37 -41.59 -31.73
C PHE A 264 -0.34 -42.44 -32.49
N ASP A 265 -0.69 -43.66 -32.87
CA ASP A 265 0.22 -44.61 -33.58
C ASP A 265 1.07 -44.03 -34.72
N ALA A 266 0.54 -43.06 -35.46
CA ALA A 266 1.30 -42.40 -36.52
C ALA A 266 2.34 -41.36 -36.08
N LEU A 267 2.31 -40.94 -34.80
CA LEU A 267 3.10 -39.79 -34.32
C LEU A 267 4.45 -40.25 -33.76
N THR A 268 5.34 -40.68 -34.65
CA THR A 268 6.61 -41.32 -34.25
C THR A 268 7.58 -40.32 -33.63
N GLU A 269 7.60 -39.12 -34.21
CA GLU A 269 8.52 -38.04 -33.82
C GLU A 269 8.07 -37.18 -32.62
N LEU A 270 6.92 -37.50 -32.01
CA LEU A 270 6.24 -36.60 -31.05
C LEU A 270 7.03 -36.33 -29.76
N LYS A 271 7.30 -35.06 -29.49
CA LYS A 271 8.13 -34.63 -28.36
C LYS A 271 7.31 -34.08 -27.23
N VAL A 272 6.22 -33.37 -27.56
CA VAL A 272 5.36 -32.75 -26.54
C VAL A 272 3.90 -33.10 -26.80
N LEU A 273 3.28 -33.68 -25.77
CA LEU A 273 1.86 -34.02 -25.75
C LEU A 273 1.24 -33.37 -24.55
N ARG A 274 0.29 -32.46 -24.77
CA ARG A 274 -0.37 -31.76 -23.66
C ARG A 274 -1.84 -32.13 -23.69
N LEU A 275 -2.28 -32.78 -22.61
CA LEU A 275 -3.66 -33.21 -22.44
C LEU A 275 -4.16 -32.63 -21.13
N HIS A 276 -4.00 -31.31 -21.00
CA HIS A 276 -4.40 -30.54 -19.81
C HIS A 276 -5.90 -30.29 -19.89
N SER A 277 -6.61 -30.43 -18.77
CA SER A 277 -8.04 -30.14 -18.72
C SER A 277 -8.82 -30.84 -19.84
N ASN A 278 -8.77 -32.18 -19.82
CA ASN A 278 -9.57 -33.02 -20.69
C ASN A 278 -10.52 -33.98 -19.92
N SER A 279 -10.67 -33.79 -18.60
CA SER A 279 -11.51 -34.66 -17.75
C SER A 279 -11.15 -36.18 -17.77
N LEU A 280 -9.92 -36.50 -18.16
CA LEU A 280 -9.46 -37.87 -18.27
C LEU A 280 -9.49 -38.60 -16.92
N GLN A 281 -10.04 -39.83 -16.92
CA GLN A 281 -9.93 -40.76 -15.78
C GLN A 281 -8.87 -41.86 -15.92
N HIS A 282 -8.54 -42.26 -17.15
CA HIS A 282 -7.58 -43.36 -17.37
C HIS A 282 -6.59 -42.87 -18.39
N VAL A 283 -5.34 -43.31 -18.25
CA VAL A 283 -4.33 -42.99 -19.24
C VAL A 283 -3.88 -44.35 -19.80
N PRO A 284 -4.61 -44.85 -20.83
CA PRO A 284 -4.42 -46.20 -21.31
C PRO A 284 -3.06 -46.36 -21.96
N PRO A 285 -2.22 -47.28 -21.44
CA PRO A 285 -0.83 -47.38 -21.89
C PRO A 285 -0.72 -47.50 -23.38
N ARG A 286 -1.72 -48.13 -23.97
CA ARG A 286 -1.77 -48.33 -25.39
C ARG A 286 -1.59 -47.05 -26.22
N TRP A 287 -1.99 -45.88 -25.71
CA TRP A 287 -1.73 -44.58 -26.39
C TRP A 287 -0.27 -44.40 -26.83
N PHE A 288 0.68 -44.81 -25.98
CA PHE A 288 2.13 -44.52 -26.16
C PHE A 288 2.98 -45.62 -26.79
N LYS A 289 2.34 -46.65 -27.35
CA LYS A 289 3.06 -47.82 -27.87
C LYS A 289 4.09 -47.42 -28.93
N ASN A 290 3.69 -46.59 -29.90
CA ASN A 290 4.61 -46.19 -30.98
C ASN A 290 5.27 -44.79 -30.80
N ILE A 291 5.13 -44.19 -29.60
CA ILE A 291 5.77 -42.90 -29.28
C ILE A 291 6.99 -43.15 -28.40
N ASN A 292 8.14 -43.36 -29.03
CA ASN A 292 9.37 -43.61 -28.28
C ASN A 292 9.87 -42.35 -27.58
N ASN A 293 10.14 -41.32 -28.39
CA ASN A 293 10.90 -40.15 -27.96
C ASN A 293 10.15 -39.06 -27.17
N LEU A 294 9.01 -39.39 -26.53
CA LEU A 294 8.25 -38.36 -25.84
C LEU A 294 9.08 -37.73 -24.72
N GLN A 295 9.16 -36.39 -24.76
CA GLN A 295 9.97 -35.59 -23.83
C GLN A 295 9.15 -34.87 -22.78
N GLU A 296 7.90 -34.55 -23.11
CA GLU A 296 7.09 -33.66 -22.29
C GLU A 296 5.60 -34.05 -22.28
N LEU A 297 5.07 -34.33 -21.09
CA LEU A 297 3.70 -34.78 -20.96
C LEU A 297 3.00 -34.00 -19.89
N ASP A 298 1.94 -33.29 -20.29
CA ASP A 298 1.13 -32.48 -19.40
C ASP A 298 -0.25 -33.09 -19.26
N LEU A 299 -0.50 -33.64 -18.09
CA LEU A 299 -1.77 -34.29 -17.74
C LEU A 299 -2.48 -33.58 -16.60
N SER A 300 -2.25 -32.26 -16.47
CA SER A 300 -2.78 -31.48 -15.33
C SER A 300 -4.26 -31.15 -15.54
N GLN A 301 -4.99 -30.95 -14.44
CA GLN A 301 -6.44 -30.63 -14.48
C GLN A 301 -7.31 -31.70 -15.18
N ASN A 302 -7.15 -32.94 -14.73
CA ASN A 302 -7.97 -34.08 -15.16
C ASN A 302 -8.51 -34.77 -13.91
N PHE A 303 -8.96 -36.03 -13.98
CA PHE A 303 -9.36 -36.77 -12.75
C PHE A 303 -8.58 -38.07 -12.63
N LEU A 304 -7.30 -37.93 -12.37
CA LEU A 304 -6.36 -39.03 -12.36
C LEU A 304 -5.78 -39.33 -10.97
N ALA A 305 -6.52 -39.04 -9.90
CA ALA A 305 -6.02 -39.40 -8.56
C ALA A 305 -5.76 -40.92 -8.46
N LYS A 306 -6.76 -41.71 -8.85
CA LYS A 306 -6.66 -43.18 -8.94
C LYS A 306 -5.62 -43.58 -9.95
N GLU A 307 -5.72 -43.08 -11.16
CA GLU A 307 -4.75 -43.47 -12.18
C GLU A 307 -3.28 -43.30 -11.76
N ILE A 308 -3.00 -42.34 -10.87
CA ILE A 308 -1.63 -42.10 -10.38
C ILE A 308 -1.12 -43.28 -9.57
N GLY A 309 -2.00 -43.95 -8.82
CA GLY A 309 -1.66 -45.21 -8.11
C GLY A 309 -1.26 -46.37 -9.04
N ASP A 310 -2.11 -46.62 -10.03
CA ASP A 310 -1.85 -47.56 -11.12
C ASP A 310 -0.73 -47.00 -12.04
N ALA A 311 -1.09 -46.27 -13.11
CA ALA A 311 -0.11 -45.58 -13.96
C ALA A 311 0.81 -46.50 -14.75
N LYS A 312 0.23 -47.57 -15.29
CA LYS A 312 0.99 -48.53 -16.10
C LYS A 312 1.68 -47.87 -17.31
N PHE A 313 1.05 -46.85 -17.88
CA PHE A 313 1.62 -46.14 -19.04
C PHE A 313 3.05 -45.58 -18.85
N LEU A 314 3.43 -45.27 -17.60
CA LEU A 314 4.79 -44.74 -17.37
C LEU A 314 5.89 -45.70 -17.84
N HIS A 315 5.60 -47.02 -17.80
CA HIS A 315 6.52 -48.06 -18.31
C HIS A 315 6.97 -47.82 -19.77
N PHE A 316 6.17 -47.11 -20.56
CA PHE A 316 6.53 -46.81 -21.96
C PHE A 316 7.13 -45.42 -22.16
N LEU A 317 7.67 -44.78 -21.10
CA LEU A 317 8.17 -43.38 -21.20
C LEU A 317 9.60 -43.18 -20.65
N PRO A 318 10.56 -44.03 -21.10
CA PRO A 318 11.96 -43.92 -20.64
C PRO A 318 12.73 -42.67 -21.11
N ASN A 319 12.20 -41.93 -22.09
CA ASN A 319 12.80 -40.67 -22.55
C ASN A 319 12.22 -39.38 -21.93
N LEU A 320 11.24 -39.50 -21.04
CA LEU A 320 10.42 -38.36 -20.64
C LEU A 320 11.13 -37.44 -19.65
N ILE A 321 11.30 -36.19 -20.05
CA ILE A 321 11.96 -35.15 -19.25
C ILE A 321 10.98 -34.49 -18.25
N GLN A 322 9.79 -34.09 -18.72
CA GLN A 322 8.81 -33.46 -17.83
C GLN A 322 7.50 -34.17 -17.82
N LEU A 323 6.97 -34.39 -16.62
CA LEU A 323 5.64 -34.96 -16.46
C LEU A 323 4.88 -34.08 -15.49
N ASP A 324 3.70 -33.63 -15.91
CA ASP A 324 2.86 -32.80 -15.05
C ASP A 324 1.56 -33.52 -14.72
N LEU A 325 1.33 -33.79 -13.43
CA LEU A 325 0.11 -34.43 -12.93
C LEU A 325 -0.65 -33.58 -11.89
N SER A 326 -0.39 -32.29 -11.97
CA SER A 326 -0.92 -31.30 -11.03
C SER A 326 -2.43 -31.20 -11.21
N PHE A 327 -3.11 -30.93 -10.12
CA PHE A 327 -4.55 -30.71 -10.06
C PHE A 327 -5.39 -31.83 -10.66
N ASN A 328 -5.22 -33.00 -10.07
CA ASN A 328 -6.03 -34.16 -10.37
C ASN A 328 -6.87 -34.65 -9.18
N PHE A 329 -6.93 -33.87 -8.11
CA PHE A 329 -7.66 -34.29 -6.92
C PHE A 329 -9.12 -34.63 -7.21
N GLU A 330 -9.66 -35.49 -6.36
CA GLU A 330 -11.06 -35.86 -6.40
C GLU A 330 -11.78 -34.82 -5.57
N LEU A 331 -12.91 -34.31 -6.06
CA LEU A 331 -13.62 -33.24 -5.37
C LEU A 331 -14.09 -33.79 -4.03
N GLN A 332 -14.01 -32.97 -2.98
CA GLN A 332 -14.50 -33.33 -1.62
C GLN A 332 -13.68 -34.42 -0.91
N VAL A 333 -12.45 -34.69 -1.34
CA VAL A 333 -11.66 -35.82 -0.80
C VAL A 333 -10.24 -35.41 -0.36
N TYR A 334 -10.03 -35.53 0.95
CA TYR A 334 -8.76 -35.31 1.56
C TYR A 334 -8.08 -36.67 1.84
N ARG A 335 -7.35 -37.17 0.85
CA ARG A 335 -6.55 -38.39 1.00
C ARG A 335 -5.62 -38.30 2.16
N ALA A 336 -5.44 -39.41 2.87
CA ALA A 336 -4.54 -39.45 4.01
C ALA A 336 -3.07 -39.50 3.57
N SER A 337 -2.79 -39.83 2.30
CA SER A 337 -1.40 -39.96 1.83
C SER A 337 -1.32 -39.94 0.31
N MET A 338 -0.11 -40.00 -0.24
CA MET A 338 0.06 -39.98 -1.68
C MET A 338 0.42 -41.36 -2.28
N ASN A 339 -0.61 -42.07 -2.77
CA ASN A 339 -0.44 -43.35 -3.47
C ASN A 339 0.26 -43.09 -4.84
N LEU A 340 1.59 -43.04 -4.83
CA LEU A 340 2.40 -43.04 -6.09
C LEU A 340 2.74 -44.45 -6.59
N SER A 341 2.64 -44.70 -7.90
CA SER A 341 2.96 -46.01 -8.47
C SER A 341 4.43 -46.33 -8.45
N GLN A 342 4.77 -47.61 -8.34
CA GLN A 342 6.14 -48.04 -8.60
C GLN A 342 6.53 -47.76 -10.03
N ALA A 343 5.53 -47.71 -10.92
CA ALA A 343 5.75 -47.36 -12.32
C ALA A 343 6.71 -46.18 -12.50
N PHE A 344 6.55 -45.18 -11.62
CA PHE A 344 7.38 -43.96 -11.64
C PHE A 344 8.87 -44.23 -11.80
N SER A 345 9.36 -45.32 -11.21
CA SER A 345 10.76 -45.77 -11.38
C SER A 345 11.18 -46.04 -12.83
N SER A 346 10.21 -46.30 -13.71
CA SER A 346 10.50 -46.41 -15.14
C SER A 346 11.10 -45.15 -15.70
N LEU A 347 10.70 -43.98 -15.15
CA LEU A 347 10.96 -42.68 -15.76
C LEU A 347 12.42 -42.26 -15.59
N LYS A 348 13.30 -43.05 -16.21
CA LYS A 348 14.73 -42.94 -16.05
C LYS A 348 15.18 -41.52 -16.40
N SER A 349 14.67 -41.01 -17.53
CA SER A 349 15.09 -39.72 -18.05
C SER A 349 14.52 -38.48 -17.32
N LEU A 350 13.49 -38.65 -16.48
CA LEU A 350 12.77 -37.54 -15.80
C LEU A 350 13.63 -36.53 -15.04
N LYS A 351 13.63 -35.28 -15.53
CA LYS A 351 14.27 -34.13 -14.88
C LYS A 351 13.27 -33.36 -14.01
N ILE A 352 12.03 -33.22 -14.47
CA ILE A 352 11.06 -32.37 -13.78
C ILE A 352 9.75 -33.12 -13.55
N LEU A 353 9.28 -33.18 -12.31
CA LEU A 353 7.97 -33.82 -12.01
C LEU A 353 7.13 -32.90 -11.16
N ARG A 354 5.87 -32.72 -11.53
CA ARG A 354 4.99 -31.83 -10.79
C ARG A 354 3.67 -32.52 -10.48
N ILE A 355 3.31 -32.52 -9.20
CA ILE A 355 2.09 -33.16 -8.72
C ILE A 355 1.48 -32.24 -7.66
N ARG A 356 1.11 -31.06 -8.12
CA ARG A 356 0.40 -30.10 -7.29
C ARG A 356 -1.05 -30.55 -7.21
N GLY A 357 -1.80 -30.11 -6.22
CA GLY A 357 -3.22 -30.39 -6.20
C GLY A 357 -3.67 -31.83 -6.34
N TYR A 358 -2.91 -32.76 -5.76
CA TYR A 358 -3.35 -34.15 -5.50
C TYR A 358 -4.20 -34.19 -4.23
N VAL A 359 -3.80 -33.36 -3.25
CA VAL A 359 -4.58 -33.05 -2.03
C VAL A 359 -4.50 -34.19 -1.01
N PHE A 360 -3.45 -34.14 -0.18
CA PHE A 360 -3.25 -35.10 0.90
C PHE A 360 -2.72 -34.53 2.20
N LYS A 361 -2.94 -35.27 3.29
CA LYS A 361 -2.64 -34.81 4.66
C LYS A 361 -1.19 -35.05 5.12
N GLU A 362 -0.67 -36.24 4.91
CA GLU A 362 0.63 -36.61 5.45
C GLU A 362 1.52 -37.15 4.36
N LEU A 363 2.69 -36.54 4.22
CA LEU A 363 3.75 -37.04 3.33
C LEU A 363 4.76 -37.79 4.21
N LYS A 364 5.00 -39.07 3.90
CA LYS A 364 6.04 -39.89 4.56
C LYS A 364 7.07 -40.34 3.55
N SER A 365 8.28 -40.60 4.04
CA SER A 365 9.47 -40.79 3.22
C SER A 365 9.34 -41.87 2.13
N PHE A 366 8.56 -42.90 2.45
CA PHE A 366 8.36 -44.07 1.58
C PHE A 366 7.51 -43.79 0.36
N GLN A 367 6.55 -42.87 0.50
CA GLN A 367 5.63 -42.54 -0.59
C GLN A 367 6.41 -42.04 -1.79
N LEU A 368 7.61 -41.53 -1.53
CA LEU A 368 8.51 -41.05 -2.58
C LEU A 368 9.51 -42.08 -3.08
N SER A 369 9.42 -43.33 -2.59
CA SER A 369 10.44 -44.33 -2.89
C SER A 369 10.49 -44.68 -4.38
N PRO A 370 9.34 -44.68 -5.07
CA PRO A 370 9.39 -44.88 -6.54
C PRO A 370 10.32 -43.96 -7.31
N LEU A 371 10.66 -42.81 -6.74
CA LEU A 371 11.51 -41.80 -7.41
C LEU A 371 12.99 -41.91 -7.05
N HIS A 372 13.33 -42.74 -6.04
CA HIS A 372 14.69 -42.74 -5.44
C HIS A 372 15.83 -42.96 -6.44
N ASN A 373 15.58 -43.76 -7.48
CA ASN A 373 16.61 -44.04 -8.49
C ASN A 373 16.57 -43.17 -9.74
N LEU A 374 15.67 -42.20 -9.80
CA LEU A 374 15.59 -41.31 -10.96
C LEU A 374 16.82 -40.39 -10.94
N GLN A 375 17.79 -40.75 -11.77
CA GLN A 375 19.15 -40.23 -11.69
C GLN A 375 19.17 -38.76 -12.11
N ASN A 376 18.39 -38.44 -13.13
CA ASN A 376 18.39 -37.10 -13.73
C ASN A 376 17.41 -36.11 -13.09
N LEU A 377 16.66 -36.54 -12.07
CA LEU A 377 15.63 -35.73 -11.42
C LEU A 377 16.20 -34.45 -10.81
N GLU A 378 15.58 -33.31 -11.16
CA GLU A 378 16.00 -31.97 -10.74
C GLU A 378 14.92 -31.25 -9.95
N VAL A 379 13.65 -31.40 -10.34
CA VAL A 379 12.55 -30.65 -9.75
C VAL A 379 11.43 -31.60 -9.36
N LEU A 380 11.10 -31.59 -8.07
CA LEU A 380 9.93 -32.27 -7.55
C LEU A 380 9.05 -31.22 -6.90
N ASP A 381 7.80 -31.14 -7.37
CA ASP A 381 6.87 -30.09 -7.03
C ASP A 381 5.62 -30.72 -6.47
N LEU A 382 5.45 -30.62 -5.16
CA LEU A 382 4.26 -31.09 -4.47
C LEU A 382 3.56 -29.93 -3.81
N GLY A 383 3.47 -28.82 -4.55
CA GLY A 383 2.83 -27.60 -4.07
C GLY A 383 1.33 -27.72 -3.95
N THR A 384 0.73 -26.91 -3.11
CA THR A 384 -0.73 -26.77 -3.11
C THR A 384 -1.36 -28.16 -2.98
N ASN A 385 -0.98 -28.84 -1.91
CA ASN A 385 -1.54 -30.15 -1.55
C ASN A 385 -2.20 -30.23 -0.17
N PHE A 386 -2.26 -29.11 0.54
CA PHE A 386 -2.83 -29.05 1.88
C PHE A 386 -2.21 -30.04 2.84
N ILE A 387 -0.93 -30.30 2.61
CA ILE A 387 -0.13 -31.23 3.40
C ILE A 387 0.04 -30.66 4.80
N LYS A 388 -0.50 -31.34 5.81
CA LYS A 388 -0.34 -30.91 7.21
C LYS A 388 0.90 -31.45 7.97
N ILE A 389 1.44 -32.59 7.55
CA ILE A 389 2.49 -33.28 8.31
C ILE A 389 3.57 -33.73 7.34
N ALA A 390 4.83 -33.40 7.65
CA ALA A 390 5.94 -33.91 6.86
C ALA A 390 7.29 -33.81 7.57
N ASN A 391 7.96 -34.94 7.74
CA ASN A 391 9.31 -34.96 8.29
C ASN A 391 10.18 -34.54 7.15
N LEU A 392 10.73 -33.34 7.28
CA LEU A 392 11.50 -32.74 6.21
C LEU A 392 12.83 -33.45 6.00
N SER A 393 13.26 -34.24 6.99
CA SER A 393 14.55 -34.97 6.86
C SER A 393 14.52 -35.93 5.71
N MET A 394 13.32 -36.44 5.38
CA MET A 394 13.10 -37.31 4.20
C MET A 394 13.83 -36.89 2.96
N PHE A 395 14.06 -35.58 2.81
CA PHE A 395 14.75 -35.06 1.64
C PHE A 395 16.26 -35.27 1.65
N LYS A 396 16.78 -35.91 2.70
CA LYS A 396 18.18 -36.42 2.71
C LYS A 396 18.54 -37.26 1.46
N GLN A 397 17.55 -38.00 0.97
CA GLN A 397 17.68 -38.83 -0.24
C GLN A 397 17.87 -38.00 -1.53
N PHE A 398 17.40 -36.74 -1.51
CA PHE A 398 17.30 -35.90 -2.69
C PHE A 398 18.31 -34.73 -2.74
N LYS A 399 19.53 -34.98 -2.26
CA LYS A 399 20.65 -34.04 -2.37
C LYS A 399 20.98 -33.65 -3.81
N ARG A 400 20.65 -34.48 -4.80
CA ARG A 400 20.99 -34.19 -6.23
C ARG A 400 19.96 -33.27 -6.91
N LEU A 401 18.75 -33.16 -6.34
CA LEU A 401 17.66 -32.26 -6.84
C LEU A 401 17.99 -30.79 -6.71
N LYS A 402 17.82 -30.05 -7.81
CA LYS A 402 17.92 -28.58 -7.82
C LYS A 402 16.86 -27.84 -6.98
N VAL A 403 15.61 -28.33 -7.00
CA VAL A 403 14.45 -27.71 -6.34
C VAL A 403 13.47 -28.75 -5.78
N ILE A 404 13.04 -28.54 -4.54
CA ILE A 404 12.00 -29.36 -3.88
C ILE A 404 10.95 -28.40 -3.39
N ASP A 405 9.81 -28.40 -4.04
CA ASP A 405 8.85 -27.35 -3.87
C ASP A 405 7.68 -27.84 -3.07
N LEU A 406 7.56 -27.37 -1.83
CA LEU A 406 6.36 -27.65 -1.03
C LEU A 406 5.60 -26.38 -0.78
N SER A 407 5.64 -25.47 -1.76
CA SER A 407 4.98 -24.17 -1.59
C SER A 407 3.48 -24.28 -1.55
N VAL A 408 2.85 -23.52 -0.67
CA VAL A 408 1.39 -23.52 -0.52
C VAL A 408 0.97 -24.86 0.06
N ASN A 409 1.21 -25.02 1.35
CA ASN A 409 0.75 -26.17 2.08
C ASN A 409 0.35 -25.76 3.50
N LYS A 410 0.15 -26.74 4.37
CA LYS A 410 -0.39 -26.51 5.71
C LYS A 410 0.46 -27.22 6.76
N ILE A 411 1.70 -27.50 6.37
CA ILE A 411 2.73 -28.02 7.22
C ILE A 411 2.89 -27.17 8.48
N SER A 412 3.02 -27.82 9.64
CA SER A 412 3.41 -27.15 10.90
C SER A 412 4.00 -28.14 11.91
N PRO A 413 5.35 -28.13 12.09
CA PRO A 413 5.92 -28.89 13.20
C PRO A 413 5.65 -28.26 14.58
N LEU A 441 -0.83 -17.30 -11.07
CA LEU A 441 -1.75 -18.07 -11.89
C LEU A 441 -0.99 -18.83 -12.98
N TYR A 442 -1.30 -20.11 -13.17
CA TYR A 442 -0.58 -21.02 -14.10
C TYR A 442 -1.41 -22.27 -14.46
N TYR A 443 -1.72 -23.09 -13.47
CA TYR A 443 -2.62 -24.25 -13.72
C TYR A 443 -4.08 -23.85 -13.96
N PHE A 444 -4.45 -22.64 -13.56
CA PHE A 444 -5.81 -22.16 -13.76
C PHE A 444 -5.95 -21.06 -14.82
N ARG A 445 -4.91 -20.82 -15.61
CA ARG A 445 -5.02 -19.91 -16.76
C ARG A 445 -5.99 -20.45 -17.79
N TYR A 446 -6.66 -19.58 -18.53
CA TYR A 446 -7.45 -20.05 -19.70
C TYR A 446 -6.45 -20.41 -20.79
N ASP A 447 -5.62 -19.47 -21.17
CA ASP A 447 -4.63 -19.71 -22.23
C ASP A 447 -3.29 -19.14 -21.83
N LYS A 448 -2.49 -19.97 -21.19
CA LYS A 448 -1.19 -19.51 -20.73
C LYS A 448 -0.23 -19.11 -21.83
N TYR A 449 -0.47 -19.56 -23.06
CA TYR A 449 0.39 -19.20 -24.21
C TYR A 449 -0.15 -18.01 -24.98
N ALA A 450 -1.23 -17.40 -24.53
CA ALA A 450 -1.82 -16.27 -25.24
C ALA A 450 -0.84 -15.11 -25.42
N ARG A 451 -0.95 -14.46 -26.54
CA ARG A 451 -0.01 -13.45 -26.94
C ARG A 451 -0.58 -12.08 -26.62
N SER A 452 0.29 -11.11 -26.31
CA SER A 452 -0.15 -9.73 -26.02
C SER A 452 -0.17 -8.88 -27.30
N CYS A 453 -0.76 -7.69 -27.27
CA CYS A 453 -0.62 -6.76 -28.43
C CYS A 453 0.81 -6.16 -28.54
N ARG A 454 1.54 -5.97 -27.41
CA ARG A 454 2.97 -5.48 -27.44
C ARG A 454 3.99 -6.34 -28.28
N SER A 468 14.85 -14.57 -7.19
CA SER A 468 14.85 -16.02 -7.02
C SER A 468 16.19 -16.56 -6.49
N CYS A 469 16.18 -17.79 -5.98
CA CYS A 469 17.40 -18.39 -5.36
C CYS A 469 17.77 -19.79 -5.86
N TYR A 470 17.28 -20.15 -7.04
CA TYR A 470 17.57 -21.43 -7.62
C TYR A 470 19.04 -21.53 -7.98
N LYS A 471 19.59 -20.43 -8.46
CA LYS A 471 21.00 -20.33 -8.82
C LYS A 471 21.98 -20.53 -7.65
N TYR A 472 21.54 -20.41 -6.41
CA TYR A 472 22.42 -20.70 -5.26
C TYR A 472 22.71 -22.20 -5.05
N GLY A 473 21.85 -23.03 -5.64
CA GLY A 473 21.98 -24.48 -5.63
C GLY A 473 20.71 -25.10 -5.07
N GLN A 474 20.83 -26.31 -4.55
CA GLN A 474 19.71 -27.05 -3.97
C GLN A 474 18.78 -26.19 -3.14
N THR A 475 17.49 -26.28 -3.38
CA THR A 475 16.54 -25.36 -2.79
C THR A 475 15.37 -26.12 -2.24
N LEU A 476 14.96 -25.74 -1.04
CA LEU A 476 13.78 -26.29 -0.41
C LEU A 476 12.83 -25.12 -0.11
N ASP A 477 11.71 -25.12 -0.83
CA ASP A 477 10.73 -24.08 -0.73
C ASP A 477 9.61 -24.52 0.19
N LEU A 478 9.62 -23.97 1.40
CA LEU A 478 8.54 -24.18 2.34
C LEU A 478 7.64 -22.97 2.44
N SER A 479 7.54 -22.16 1.37
CA SER A 479 6.75 -20.93 1.44
C SER A 479 5.28 -21.19 1.65
N LYS A 480 4.65 -20.24 2.31
CA LYS A 480 3.20 -20.20 2.43
C LYS A 480 2.75 -21.51 3.02
N ASN A 481 3.17 -21.71 4.25
CA ASN A 481 2.86 -22.89 5.03
C ASN A 481 2.45 -22.40 6.39
N SER A 482 2.13 -23.28 7.33
CA SER A 482 1.72 -22.83 8.66
C SER A 482 2.80 -23.07 9.74
N ILE A 483 4.07 -23.03 9.37
CA ILE A 483 5.13 -23.25 10.34
C ILE A 483 5.21 -22.05 11.35
N PHE A 484 4.67 -22.23 12.55
CA PHE A 484 4.72 -21.19 13.64
C PHE A 484 6.02 -21.19 14.48
N PHE A 485 6.59 -22.36 14.80
CA PHE A 485 7.82 -22.49 15.62
C PHE A 485 8.83 -23.26 14.79
N ILE A 486 10.11 -23.07 15.04
CA ILE A 486 11.14 -23.91 14.44
C ILE A 486 12.25 -24.25 15.45
N LYS A 487 13.02 -25.31 15.12
CA LYS A 487 14.16 -25.73 15.91
C LYS A 487 15.12 -26.60 15.09
N SER A 488 16.34 -26.79 15.58
CA SER A 488 17.40 -27.47 14.82
C SER A 488 17.01 -28.81 14.22
N SER A 489 16.29 -29.61 15.01
CA SER A 489 15.93 -31.00 14.62
C SER A 489 15.14 -31.04 13.31
N ASP A 490 14.24 -30.06 13.14
CA ASP A 490 13.47 -29.89 11.89
C ASP A 490 14.34 -29.88 10.64
N PHE A 491 15.59 -29.42 10.72
CA PHE A 491 16.49 -29.37 9.55
C PHE A 491 17.59 -30.44 9.56
N GLN A 492 17.43 -31.48 10.39
CA GLN A 492 18.45 -32.51 10.54
C GLN A 492 18.52 -33.39 9.28
N HIS A 493 19.76 -33.61 8.83
CA HIS A 493 20.10 -34.32 7.56
C HIS A 493 19.93 -33.46 6.33
N LEU A 494 19.70 -32.16 6.51
CA LEU A 494 19.52 -31.23 5.39
C LEU A 494 20.71 -30.29 5.16
N SER A 495 21.83 -30.55 5.82
CA SER A 495 23.03 -29.71 5.68
C SER A 495 23.50 -29.44 4.23
N PHE A 496 22.97 -30.17 3.27
CA PHE A 496 23.24 -29.91 1.84
C PHE A 496 22.57 -28.63 1.24
N LEU A 497 21.44 -28.19 1.84
CA LEU A 497 20.62 -27.06 1.31
C LEU A 497 21.40 -25.74 1.11
N LYS A 498 21.25 -25.15 -0.08
CA LYS A 498 21.85 -23.86 -0.38
C LYS A 498 20.87 -22.71 -0.09
N CYS A 499 19.63 -22.83 -0.60
CA CYS A 499 18.57 -21.85 -0.36
C CYS A 499 17.41 -22.52 0.37
N LEU A 500 16.97 -21.92 1.47
CA LEU A 500 15.72 -22.30 2.13
C LEU A 500 14.76 -21.09 2.04
N ASN A 501 13.56 -21.36 1.54
CA ASN A 501 12.51 -20.38 1.46
C ASN A 501 11.49 -20.68 2.52
N LEU A 502 11.48 -19.86 3.57
CA LEU A 502 10.43 -19.91 4.59
C LEU A 502 9.44 -18.74 4.47
N SER A 503 9.39 -18.07 3.30
CA SER A 503 8.52 -16.91 3.16
C SER A 503 7.10 -17.25 3.50
N GLY A 504 6.39 -16.38 4.18
CA GLY A 504 4.91 -16.54 4.29
C GLY A 504 4.48 -17.62 5.24
N ASN A 505 5.27 -17.88 6.25
CA ASN A 505 4.87 -18.72 7.33
C ASN A 505 4.38 -17.91 8.51
N LEU A 506 4.09 -18.62 9.59
CA LEU A 506 3.59 -18.04 10.83
C LEU A 506 4.70 -17.52 11.80
N ILE A 507 5.97 -17.58 11.41
CA ILE A 507 7.04 -17.67 12.41
C ILE A 507 7.16 -16.43 13.29
N SER A 508 6.76 -16.59 14.55
CA SER A 508 6.57 -15.54 15.51
C SER A 508 7.53 -15.70 16.71
N GLN A 509 8.79 -15.95 16.42
CA GLN A 509 9.72 -16.54 17.39
C GLN A 509 10.96 -15.69 17.66
N THR A 510 11.44 -15.71 18.90
CA THR A 510 12.63 -14.96 19.30
C THR A 510 13.88 -15.72 18.93
N LEU A 511 14.13 -15.86 17.64
CA LEU A 511 15.34 -16.49 17.11
C LEU A 511 16.61 -16.11 17.90
N ASN A 512 17.26 -17.12 18.48
CA ASN A 512 18.43 -16.97 19.37
C ASN A 512 19.76 -17.50 18.81
N GLY A 513 19.79 -18.02 17.58
CA GLY A 513 21.01 -18.65 17.03
C GLY A 513 21.10 -20.18 17.10
N SER A 514 20.09 -20.82 17.69
CA SER A 514 20.05 -22.24 17.85
C SER A 514 19.04 -22.95 16.93
N GLU A 515 18.56 -22.28 15.86
CA GLU A 515 17.41 -22.83 15.13
C GLU A 515 17.70 -23.50 13.79
N PHE A 516 18.70 -23.03 13.06
CA PHE A 516 19.04 -23.56 11.74
C PHE A 516 20.43 -24.21 11.81
N GLN A 517 20.80 -24.66 13.01
CA GLN A 517 22.19 -25.07 13.30
C GLN A 517 22.72 -26.13 12.32
N PRO A 518 21.85 -27.03 11.79
CA PRO A 518 22.34 -27.99 10.78
C PRO A 518 22.67 -27.46 9.38
N LEU A 519 22.37 -26.20 9.07
CA LEU A 519 22.40 -25.70 7.68
C LEU A 519 23.68 -24.94 7.29
N ALA A 520 24.84 -25.54 7.55
CA ALA A 520 26.11 -24.85 7.34
C ALA A 520 26.55 -24.68 5.89
N GLU A 521 25.82 -25.23 4.92
CA GLU A 521 26.09 -24.91 3.51
C GLU A 521 25.16 -23.79 2.96
N LEU A 522 24.13 -23.40 3.76
CA LEU A 522 23.11 -22.37 3.40
C LEU A 522 23.65 -20.98 3.03
N ARG A 523 23.31 -20.59 1.81
CA ARG A 523 23.73 -19.34 1.25
C ARG A 523 22.64 -18.27 1.23
N TYR A 524 21.38 -18.69 1.25
CA TYR A 524 20.25 -17.80 1.00
C TYR A 524 19.15 -18.25 1.92
N LEU A 525 18.66 -17.35 2.77
CA LEU A 525 17.45 -17.61 3.55
C LEU A 525 16.40 -16.55 3.23
N ASP A 526 15.29 -16.93 2.65
CA ASP A 526 14.19 -16.02 2.49
C ASP A 526 13.32 -16.24 3.70
N PHE A 527 13.43 -15.34 4.68
CA PHE A 527 12.57 -15.30 5.85
C PHE A 527 11.47 -14.21 5.76
N SER A 528 11.01 -13.87 4.57
CA SER A 528 10.08 -12.72 4.42
C SER A 528 8.65 -13.09 4.77
N ASN A 529 7.79 -12.10 5.00
CA ASN A 529 6.37 -12.35 5.32
C ASN A 529 6.29 -13.33 6.48
N ASN A 530 7.04 -12.99 7.53
CA ASN A 530 7.03 -13.78 8.77
C ASN A 530 6.78 -12.81 9.91
N ARG A 531 6.92 -13.26 11.15
CA ARG A 531 6.81 -12.34 12.29
C ARG A 531 8.03 -12.33 13.20
N LEU A 532 9.19 -12.22 12.58
CA LEU A 532 10.46 -12.20 13.29
C LEU A 532 10.34 -11.27 14.47
N ASP A 533 10.81 -11.77 15.59
CA ASP A 533 10.96 -10.98 16.79
C ASP A 533 12.44 -10.83 17.04
N LEU A 534 13.00 -9.69 16.62
CA LEU A 534 14.44 -9.41 16.80
C LEU A 534 14.82 -8.98 18.25
N LEU A 535 14.63 -9.87 19.22
CA LEU A 535 15.03 -9.62 20.60
C LEU A 535 16.53 -9.85 20.78
N HIS A 536 17.05 -10.93 20.20
CA HIS A 536 18.44 -11.32 20.36
C HIS A 536 19.24 -10.87 19.16
N SER A 537 20.37 -10.24 19.41
CA SER A 537 21.35 -9.98 18.37
C SER A 537 22.02 -11.23 17.79
N THR A 538 21.81 -12.39 18.39
CA THR A 538 22.41 -13.63 17.87
C THR A 538 21.54 -14.30 16.81
N ALA A 539 20.38 -13.72 16.51
CA ALA A 539 19.50 -14.29 15.48
C ALA A 539 20.32 -14.51 14.22
N PHE A 540 20.19 -15.69 13.62
CA PHE A 540 20.83 -16.05 12.34
C PHE A 540 22.35 -16.27 12.35
N GLU A 541 23.03 -16.16 13.51
CA GLU A 541 24.52 -16.28 13.56
C GLU A 541 25.08 -17.67 13.21
N GLU A 542 24.28 -18.70 13.49
CA GLU A 542 24.62 -20.07 13.08
C GLU A 542 24.84 -20.25 11.58
N LEU A 543 24.16 -19.47 10.73
CA LEU A 543 24.20 -19.71 9.27
C LEU A 543 25.45 -19.14 8.68
N ARG A 544 26.59 -19.73 9.02
CA ARG A 544 27.87 -19.09 8.79
C ARG A 544 28.24 -18.95 7.32
N LYS A 545 27.53 -19.65 6.42
CA LYS A 545 27.78 -19.46 4.99
C LYS A 545 26.80 -18.48 4.30
N LEU A 546 26.02 -17.73 5.10
CA LEU A 546 24.89 -16.91 4.60
C LEU A 546 25.32 -15.68 3.80
N GLU A 547 25.01 -15.72 2.50
CA GLU A 547 25.30 -14.63 1.60
C GLU A 547 24.14 -13.59 1.52
N VAL A 548 22.90 -14.03 1.72
CA VAL A 548 21.72 -13.20 1.49
C VAL A 548 20.68 -13.56 2.48
N LEU A 549 20.10 -12.55 3.15
CA LEU A 549 19.03 -12.71 4.12
C LEU A 549 17.87 -11.76 3.83
N ASP A 550 16.67 -12.32 3.76
CA ASP A 550 15.47 -11.54 3.56
C ASP A 550 14.58 -11.56 4.78
N ILE A 551 14.60 -10.49 5.55
CA ILE A 551 13.62 -10.36 6.62
C ILE A 551 12.55 -9.30 6.30
N SER A 552 12.32 -9.06 5.02
CA SER A 552 11.24 -8.11 4.64
C SER A 552 9.83 -8.49 5.13
N SER A 553 8.96 -7.50 5.26
CA SER A 553 7.55 -7.74 5.62
C SER A 553 7.42 -8.64 6.84
N ASN A 554 8.24 -8.34 7.83
CA ASN A 554 8.15 -8.88 9.19
C ASN A 554 7.81 -7.75 10.13
N SER A 555 6.80 -6.97 9.77
CA SER A 555 6.51 -5.75 10.49
C SER A 555 5.76 -5.98 11.78
N HIS A 556 5.11 -7.13 11.92
CA HIS A 556 4.15 -7.34 13.03
C HIS A 556 4.65 -6.77 14.35
N TYR A 557 5.77 -7.30 14.84
CA TYR A 557 6.26 -6.96 16.18
C TYR A 557 6.96 -5.59 16.24
N PHE A 558 7.30 -5.00 15.09
CA PHE A 558 7.74 -3.59 15.06
C PHE A 558 6.59 -2.58 15.15
N GLN A 559 5.33 -3.01 15.05
CA GLN A 559 4.18 -2.07 15.13
C GLN A 559 3.69 -1.76 16.55
N SER A 560 4.30 -2.37 17.57
CA SER A 560 3.80 -2.24 18.94
C SER A 560 4.90 -1.65 19.81
N GLU A 561 4.54 -0.66 20.63
CA GLU A 561 5.50 0.05 21.50
C GLU A 561 5.98 -0.83 22.67
N GLY A 562 7.17 -0.55 23.17
CA GLY A 562 7.73 -1.23 24.34
C GLY A 562 8.57 -2.47 24.05
N ILE A 563 8.70 -2.82 22.77
CA ILE A 563 9.31 -4.09 22.34
C ILE A 563 10.76 -3.90 21.88
N THR A 564 11.66 -4.66 22.50
CA THR A 564 13.08 -4.48 22.31
C THR A 564 13.42 -5.14 20.98
N HIS A 565 14.04 -4.38 20.08
CA HIS A 565 14.49 -4.90 18.80
C HIS A 565 16.03 -4.62 18.71
N MET A 566 16.79 -5.47 18.02
CA MET A 566 18.25 -5.38 17.98
C MET A 566 18.73 -5.47 16.54
N LEU A 567 18.82 -4.33 15.89
CA LEU A 567 19.21 -4.31 14.48
C LEU A 567 20.69 -4.61 14.30
N ASN A 568 21.42 -4.84 15.40
CA ASN A 568 22.89 -5.08 15.36
C ASN A 568 23.29 -6.56 15.14
N PHE A 569 22.30 -7.41 14.93
CA PHE A 569 22.50 -8.80 14.54
C PHE A 569 23.42 -9.13 13.35
N THR A 570 23.86 -8.14 12.59
CA THR A 570 24.62 -8.37 11.36
C THR A 570 26.14 -8.47 11.52
N LYS A 571 26.65 -8.13 12.70
CA LYS A 571 28.09 -8.27 13.00
C LYS A 571 28.54 -9.73 12.89
N ASN A 572 27.75 -10.60 13.51
CA ASN A 572 27.95 -12.04 13.49
C ASN A 572 28.04 -12.72 12.12
N LEU A 573 27.41 -12.16 11.08
CA LEU A 573 27.27 -12.84 9.79
C LEU A 573 28.32 -12.44 8.80
N LYS A 574 29.42 -13.19 8.79
CA LYS A 574 30.71 -12.70 8.24
C LYS A 574 30.88 -12.83 6.73
N VAL A 575 29.95 -13.50 6.05
CA VAL A 575 29.95 -13.51 4.57
C VAL A 575 28.73 -12.81 3.92
N LEU A 576 27.79 -12.32 4.73
CA LEU A 576 26.57 -11.63 4.25
C LEU A 576 26.86 -10.52 3.25
N GLN A 577 26.46 -10.75 1.99
CA GLN A 577 26.52 -9.73 0.94
C GLN A 577 25.27 -8.85 0.92
N LYS A 578 24.09 -9.42 1.17
CA LYS A 578 22.85 -8.69 0.95
C LYS A 578 21.80 -8.91 2.02
N LEU A 579 21.19 -7.80 2.46
CA LEU A 579 20.17 -7.86 3.51
C LEU A 579 18.97 -7.05 3.07
N MET A 580 17.80 -7.66 3.13
CA MET A 580 16.57 -6.98 2.76
C MET A 580 15.72 -6.94 4.01
N MET A 581 15.42 -5.73 4.45
CA MET A 581 14.51 -5.56 5.54
C MET A 581 13.48 -4.48 5.19
N ASN A 582 12.96 -4.63 4.00
CA ASN A 582 11.89 -3.78 3.48
C ASN A 582 10.53 -4.03 4.16
N ASP A 583 9.74 -2.96 4.27
CA ASP A 583 8.35 -3.01 4.74
C ASP A 583 8.22 -3.59 6.12
N ASN A 584 9.12 -3.20 7.01
CA ASN A 584 9.07 -3.67 8.40
C ASN A 584 8.50 -2.66 9.37
N ASP A 585 8.18 -1.44 8.92
CA ASP A 585 7.66 -0.37 9.82
C ASP A 585 8.58 0.00 11.03
N ILE A 586 9.88 -0.19 10.83
CA ILE A 586 10.86 -0.08 11.90
C ILE A 586 10.94 1.37 12.32
N SER A 587 10.49 1.67 13.55
CA SER A 587 10.54 3.02 14.08
C SER A 587 11.23 3.14 15.44
N SER A 588 11.84 2.06 15.88
CA SER A 588 12.36 1.93 17.22
C SER A 588 13.42 0.84 17.18
N SER A 589 14.55 1.10 17.83
CA SER A 589 15.63 0.13 17.86
C SER A 589 16.48 0.39 19.09
N THR A 590 16.85 -0.68 19.77
CA THR A 590 17.50 -0.59 21.06
C THR A 590 18.98 -0.35 20.83
N SER A 591 19.58 -1.09 19.90
CA SER A 591 20.89 -0.73 19.40
C SER A 591 20.74 0.50 18.49
N ARG A 592 21.85 1.19 18.30
CA ARG A 592 21.91 2.43 17.56
C ARG A 592 22.78 2.34 16.32
N THR A 593 23.50 1.23 16.15
CA THR A 593 24.29 0.98 14.95
C THR A 593 24.04 -0.42 14.40
N MET A 594 24.30 -0.57 13.11
CA MET A 594 24.38 -1.87 12.45
C MET A 594 25.82 -1.94 11.98
N GLU A 595 26.48 -3.09 12.23
CA GLU A 595 27.89 -3.26 11.86
C GLU A 595 27.99 -4.43 10.92
N SER A 596 28.85 -4.30 9.90
CA SER A 596 29.27 -5.46 9.14
C SER A 596 30.47 -5.14 8.29
N GLU A 597 31.31 -6.15 8.12
CA GLU A 597 32.54 -6.06 7.37
C GLU A 597 32.31 -6.52 5.93
N SER A 598 31.19 -7.20 5.70
CA SER A 598 30.91 -7.87 4.42
C SER A 598 29.76 -7.26 3.57
N LEU A 599 28.75 -6.69 4.24
CA LEU A 599 27.49 -6.30 3.59
C LEU A 599 27.66 -5.27 2.47
N ARG A 600 27.28 -5.65 1.26
CA ARG A 600 27.35 -4.79 0.10
C ARG A 600 26.04 -4.07 -0.20
N THR A 601 24.91 -4.67 0.18
CA THR A 601 23.56 -4.15 -0.22
C THR A 601 22.61 -4.21 0.94
N LEU A 602 21.98 -3.08 1.29
CA LEU A 602 20.93 -3.07 2.33
C LEU A 602 19.69 -2.40 1.81
N GLU A 603 18.61 -3.18 1.76
CA GLU A 603 17.31 -2.64 1.36
C GLU A 603 16.49 -2.36 2.60
N PHE A 604 16.20 -1.08 2.83
CA PHE A 604 15.54 -0.61 4.04
C PHE A 604 14.27 0.21 3.67
N ARG A 605 13.60 -0.16 2.59
CA ARG A 605 12.47 0.65 2.13
C ARG A 605 11.26 0.36 3.05
N GLY A 606 10.30 1.27 3.13
CA GLY A 606 9.06 1.01 3.83
C GLY A 606 9.24 0.88 5.33
N ASN A 607 10.11 1.72 5.91
CA ASN A 607 10.32 1.76 7.35
C ASN A 607 10.11 3.19 7.81
N HIS A 608 10.39 3.49 9.08
CA HIS A 608 10.24 4.85 9.60
C HIS A 608 11.53 5.55 10.00
N LEU A 609 12.48 5.65 9.08
CA LEU A 609 13.64 6.49 9.33
C LEU A 609 13.23 7.92 9.68
N ASP A 610 12.02 8.33 9.33
CA ASP A 610 11.51 9.64 9.72
C ASP A 610 11.33 9.77 11.22
N VAL A 611 10.99 8.68 11.89
CA VAL A 611 10.87 8.71 13.35
C VAL A 611 12.27 8.60 13.94
N LEU A 612 13.05 7.60 13.52
CA LEU A 612 14.41 7.41 14.02
C LEU A 612 15.32 8.65 13.85
N TRP A 613 15.15 9.39 12.77
CA TRP A 613 15.89 10.65 12.53
C TRP A 613 15.07 11.92 12.77
N ARG A 614 14.06 11.86 13.65
CA ARG A 614 13.26 13.02 14.05
C ARG A 614 14.23 14.18 14.45
N ASP A 615 13.93 15.42 14.03
CA ASP A 615 14.86 16.54 14.28
C ASP A 615 15.12 16.72 15.79
N GLY A 616 16.39 16.91 16.16
CA GLY A 616 16.82 16.97 17.55
C GLY A 616 17.13 15.61 18.20
N ASP A 617 16.94 14.50 17.49
CA ASP A 617 17.40 13.23 17.95
C ASP A 617 18.57 12.75 17.09
N ASN A 618 19.76 12.83 17.66
CA ASN A 618 21.01 12.39 17.02
C ASN A 618 21.30 10.92 17.21
N ARG A 619 20.53 10.19 18.01
CA ARG A 619 20.95 8.85 18.38
C ARG A 619 21.17 7.90 17.21
N TYR A 620 20.38 8.05 16.13
CA TYR A 620 20.39 7.09 15.00
C TYR A 620 21.08 7.60 13.77
N LEU A 621 21.76 8.75 13.86
CA LEU A 621 22.44 9.29 12.65
C LEU A 621 23.59 8.47 12.10
N GLN A 622 24.02 7.44 12.84
CA GLN A 622 25.16 6.61 12.44
C GLN A 622 24.73 5.17 12.27
N LEU A 623 23.43 4.98 12.01
CA LEU A 623 22.81 3.66 12.01
C LEU A 623 23.45 2.76 11.01
N PHE A 624 23.78 3.33 9.86
CA PHE A 624 24.40 2.59 8.75
C PHE A 624 25.93 2.82 8.62
N LYS A 625 26.53 3.70 9.45
CA LYS A 625 27.96 4.05 9.32
C LYS A 625 28.88 2.84 9.29
N ASN A 626 28.64 1.91 10.17
CA ASN A 626 29.54 0.81 10.35
C ASN A 626 29.28 -0.40 9.45
N LEU A 627 28.42 -0.20 8.46
CA LEU A 627 28.27 -1.14 7.35
C LEU A 627 29.36 -0.80 6.36
N LEU A 628 30.56 -1.30 6.63
CA LEU A 628 31.78 -0.70 6.03
C LEU A 628 31.96 -0.98 4.54
N LYS A 629 31.42 -2.08 4.03
CA LYS A 629 31.52 -2.37 2.59
C LYS A 629 30.27 -1.93 1.78
N LEU A 630 29.30 -1.26 2.43
CA LEU A 630 28.01 -1.00 1.82
C LEU A 630 28.13 -0.16 0.56
N GLU A 631 27.70 -0.74 -0.55
CA GLU A 631 27.72 -0.08 -1.83
C GLU A 631 26.35 0.48 -2.19
N GLU A 632 25.29 -0.07 -1.61
CA GLU A 632 23.92 0.18 -2.07
C GLU A 632 22.93 0.22 -0.94
N LEU A 633 22.27 1.36 -0.79
CA LEU A 633 21.35 1.61 0.31
C LEU A 633 20.02 2.11 -0.29
N ASP A 634 18.95 1.36 -0.04
CA ASP A 634 17.64 1.75 -0.44
C ASP A 634 16.88 2.24 0.78
N ILE A 635 16.77 3.56 0.90
CA ILE A 635 15.93 4.15 1.95
C ILE A 635 14.76 4.96 1.34
N SER A 636 14.21 4.42 0.26
CA SER A 636 12.94 4.91 -0.28
C SER A 636 11.76 4.61 0.66
N LYS A 637 10.64 5.28 0.47
CA LYS A 637 9.41 5.05 1.30
C LYS A 637 9.69 4.98 2.79
N ASN A 638 10.35 6.00 3.32
CA ASN A 638 10.52 6.15 4.77
C ASN A 638 9.86 7.45 5.26
N SER A 639 8.93 7.97 4.46
CA SER A 639 8.17 9.16 4.77
C SER A 639 9.06 10.27 5.36
N LEU A 640 10.20 10.43 4.70
CA LEU A 640 11.16 11.48 4.98
C LEU A 640 10.80 12.76 4.26
N SER A 641 10.30 13.74 5.02
CA SER A 641 9.96 15.03 4.45
C SER A 641 11.20 15.90 4.35
N PHE A 642 12.21 15.62 5.20
CA PHE A 642 13.57 16.23 5.07
C PHE A 642 14.68 15.31 5.64
N LEU A 643 15.94 15.70 5.44
CA LEU A 643 17.08 14.99 5.98
C LEU A 643 17.83 15.91 6.94
N PRO A 644 18.01 15.49 8.21
CA PRO A 644 18.77 16.36 9.10
C PRO A 644 20.24 16.27 8.78
N SER A 645 20.96 17.33 9.14
CA SER A 645 22.41 17.37 8.97
C SER A 645 22.96 16.27 9.85
N GLY A 646 23.88 15.50 9.29
CA GLY A 646 24.42 14.34 9.96
C GLY A 646 24.11 13.06 9.24
N VAL A 647 23.03 13.03 8.47
CA VAL A 647 22.62 11.82 7.78
C VAL A 647 23.67 11.34 6.75
N PHE A 648 24.27 12.28 6.00
CA PHE A 648 25.22 11.95 4.94
C PHE A 648 26.64 11.78 5.48
N ASP A 649 27.03 12.56 6.48
CA ASP A 649 28.27 12.31 7.21
C ASP A 649 28.26 10.92 7.88
N GLY A 650 27.08 10.50 8.37
CA GLY A 650 26.87 9.18 8.94
C GLY A 650 26.73 8.00 7.99
N MET A 651 26.78 8.22 6.67
CA MET A 651 26.71 7.12 5.71
C MET A 651 28.06 6.40 5.67
N PRO A 652 28.07 5.12 5.30
CA PRO A 652 29.33 4.45 5.14
C PRO A 652 30.12 4.96 3.93
N PRO A 653 31.46 4.75 3.94
CA PRO A 653 32.41 5.34 2.98
C PRO A 653 32.27 4.91 1.53
N ASN A 654 31.82 3.69 1.30
CA ASN A 654 31.76 3.18 -0.04
C ASN A 654 30.38 3.30 -0.70
N LEU A 655 29.51 4.17 -0.20
CA LEU A 655 28.15 4.28 -0.76
C LEU A 655 28.16 4.73 -2.23
N LYS A 656 27.69 3.84 -3.09
CA LYS A 656 27.74 3.98 -4.52
C LYS A 656 26.34 4.36 -5.04
N ASN A 657 25.30 3.68 -4.56
CA ASN A 657 23.99 4.11 -4.93
C ASN A 657 22.88 4.10 -3.90
N LEU A 658 22.19 5.24 -3.92
CA LEU A 658 21.38 5.68 -2.85
C LEU A 658 20.00 6.09 -3.36
N SER A 659 18.99 5.45 -2.82
CA SER A 659 17.63 5.75 -3.17
C SER A 659 16.90 6.36 -2.02
N LEU A 660 16.43 7.58 -2.29
CA LEU A 660 15.52 8.32 -1.43
C LEU A 660 14.18 8.54 -2.14
N ALA A 661 13.85 7.66 -3.08
CA ALA A 661 12.56 7.69 -3.77
C ALA A 661 11.35 7.69 -2.83
N LYS A 662 10.32 8.45 -3.18
CA LYS A 662 8.99 8.21 -2.60
C LYS A 662 9.00 8.45 -1.13
N ASN A 663 9.57 9.59 -0.76
CA ASN A 663 9.67 9.97 0.63
C ASN A 663 8.81 11.17 1.02
N GLY A 664 8.44 11.99 0.07
CA GLY A 664 7.89 13.31 0.36
C GLY A 664 8.95 14.37 0.68
N LEU A 665 10.21 14.16 0.27
CA LEU A 665 11.22 15.18 0.46
C LEU A 665 10.76 16.51 -0.07
N LYS A 666 10.63 17.52 0.78
CA LYS A 666 10.26 18.89 0.35
C LYS A 666 11.45 19.79 0.15
N SER A 667 12.60 19.38 0.65
CA SER A 667 13.85 20.10 0.50
C SER A 667 14.99 19.11 0.65
N PHE A 668 16.21 19.58 0.35
CA PHE A 668 17.36 18.73 0.24
C PHE A 668 18.61 19.62 0.15
N ILE A 669 19.56 19.49 1.08
CA ILE A 669 20.80 20.25 1.02
C ILE A 669 21.76 19.50 0.11
N TRP A 670 21.90 20.02 -1.09
CA TRP A 670 22.68 19.36 -2.11
C TRP A 670 24.19 19.36 -1.79
N GLU A 671 24.63 20.37 -1.03
CA GLU A 671 26.05 20.58 -0.73
C GLU A 671 26.58 19.45 0.13
N LYS A 672 25.70 18.83 0.90
CA LYS A 672 26.08 17.71 1.76
C LYS A 672 26.35 16.41 1.00
N LEU A 673 26.08 16.36 -0.29
CA LEU A 673 26.58 15.26 -1.09
C LEU A 673 28.12 15.22 -1.22
N ARG A 674 28.83 16.23 -0.72
CA ARG A 674 30.31 16.20 -0.66
C ARG A 674 30.83 15.06 0.23
N TYR A 675 30.04 14.65 1.22
CA TYR A 675 30.38 13.53 2.10
C TYR A 675 30.34 12.17 1.44
N LEU A 676 29.62 12.03 0.34
CA LEU A 676 29.45 10.74 -0.31
C LEU A 676 30.34 10.75 -1.53
N LYS A 677 31.63 10.55 -1.29
CA LYS A 677 32.70 10.77 -2.28
C LYS A 677 32.76 9.66 -3.34
N ASN A 678 32.10 8.53 -3.08
CA ASN A 678 31.92 7.48 -4.08
C ASN A 678 30.52 7.36 -4.63
N LEU A 679 29.68 8.38 -4.45
CA LEU A 679 28.29 8.30 -4.91
C LEU A 679 28.23 8.34 -6.43
N GLU A 680 27.49 7.39 -6.98
CA GLU A 680 27.33 7.20 -8.42
C GLU A 680 25.89 7.23 -8.95
N THR A 681 24.93 6.73 -8.16
CA THR A 681 23.54 6.85 -8.49
C THR A 681 22.79 7.44 -7.34
N LEU A 682 22.05 8.52 -7.59
CA LEU A 682 21.16 9.13 -6.58
C LEU A 682 19.71 9.17 -7.09
N ASP A 683 18.82 8.50 -6.35
CA ASP A 683 17.47 8.37 -6.77
C ASP A 683 16.59 9.17 -5.88
N LEU A 684 16.21 10.35 -6.35
CA LEU A 684 15.27 11.23 -5.64
C LEU A 684 13.88 11.28 -6.32
N SER A 685 13.56 10.25 -7.10
CA SER A 685 12.29 10.18 -7.80
C SER A 685 11.09 10.17 -6.84
N HIS A 686 9.98 10.77 -7.29
CA HIS A 686 8.69 10.80 -6.56
C HIS A 686 8.80 11.49 -5.22
N ASN A 687 9.14 12.76 -5.23
CA ASN A 687 9.27 13.60 -4.03
C ASN A 687 8.62 14.97 -4.34
N GLN A 688 8.79 15.98 -3.48
CA GLN A 688 8.28 17.34 -3.67
C GLN A 688 9.42 18.34 -3.78
N LEU A 689 10.51 17.94 -4.41
CA LEU A 689 11.64 18.86 -4.52
C LEU A 689 11.25 19.91 -5.53
N THR A 690 11.64 21.16 -5.28
CA THR A 690 11.35 22.28 -6.22
C THR A 690 12.58 22.91 -6.88
N THR A 691 13.77 22.52 -6.48
CA THR A 691 14.93 23.15 -7.04
C THR A 691 16.03 22.12 -7.12
N VAL A 692 16.93 22.37 -8.04
CA VAL A 692 18.13 21.58 -8.23
C VAL A 692 19.28 22.42 -7.61
N PRO A 693 20.50 21.85 -7.45
CA PRO A 693 21.59 22.65 -6.89
C PRO A 693 21.97 23.79 -7.83
N GLU A 694 22.46 24.89 -7.26
CA GLU A 694 23.11 25.93 -8.06
C GLU A 694 24.28 25.35 -8.89
N ARG A 695 25.05 24.42 -8.32
CA ARG A 695 26.18 23.81 -9.01
C ARG A 695 26.29 22.39 -8.56
N LEU A 696 25.98 21.47 -9.46
CA LEU A 696 26.06 20.06 -9.13
C LEU A 696 27.52 19.64 -8.93
N SER A 697 28.42 20.32 -9.62
CA SER A 697 29.86 20.02 -9.54
C SER A 697 30.50 20.46 -8.22
N ASN A 698 29.88 21.39 -7.50
CA ASN A 698 30.24 21.73 -6.12
C ASN A 698 29.46 20.92 -5.05
N CYS A 699 28.71 19.91 -5.49
CA CYS A 699 27.99 18.99 -4.61
C CYS A 699 28.55 17.56 -4.65
N SER A 700 28.91 17.08 -5.84
CA SER A 700 29.42 15.74 -6.00
C SER A 700 30.06 15.61 -7.37
N ARG A 701 31.37 15.46 -7.39
CA ARG A 701 32.10 15.26 -8.63
C ARG A 701 32.04 13.83 -9.16
N SER A 702 31.51 12.87 -8.40
CA SER A 702 31.51 11.49 -8.78
C SER A 702 30.18 11.01 -9.36
N LEU A 703 29.12 11.80 -9.19
CA LEU A 703 27.75 11.37 -9.50
C LEU A 703 27.57 11.15 -10.97
N LYS A 704 27.22 9.93 -11.35
CA LYS A 704 26.96 9.57 -12.72
C LYS A 704 25.48 9.65 -13.08
N ASN A 705 24.60 9.25 -12.16
CA ASN A 705 23.21 9.06 -12.46
C ASN A 705 22.32 9.77 -11.48
N LEU A 706 21.66 10.82 -11.97
CA LEU A 706 20.84 11.66 -11.13
C LEU A 706 19.39 11.50 -11.52
N ILE A 707 18.60 10.86 -10.67
CA ILE A 707 17.19 10.65 -10.99
C ILE A 707 16.32 11.59 -10.22
N LEU A 708 15.75 12.56 -10.96
CA LEU A 708 14.84 13.55 -10.39
C LEU A 708 13.40 13.48 -10.91
N LYS A 709 13.03 12.38 -11.55
CA LYS A 709 11.67 12.28 -12.07
C LYS A 709 10.64 12.39 -11.01
N ASN A 710 9.53 13.08 -11.32
CA ASN A 710 8.32 13.15 -10.49
C ASN A 710 8.53 14.01 -9.27
N ASN A 711 8.91 15.25 -9.51
CA ASN A 711 9.14 16.23 -8.48
C ASN A 711 8.41 17.50 -8.90
N GLN A 712 8.70 18.64 -8.29
CA GLN A 712 7.95 19.84 -8.53
C GLN A 712 8.83 20.96 -9.05
N ILE A 713 9.85 20.58 -9.83
CA ILE A 713 10.85 21.51 -10.33
C ILE A 713 10.25 22.35 -11.47
N ARG A 714 10.33 23.67 -11.36
CA ARG A 714 9.74 24.62 -12.32
C ARG A 714 10.75 25.32 -13.23
N SER A 715 12.00 25.39 -12.80
CA SER A 715 13.09 25.89 -13.60
C SER A 715 14.38 25.24 -13.11
N LEU A 716 15.47 25.49 -13.79
CA LEU A 716 16.76 25.06 -13.32
C LEU A 716 17.61 26.25 -12.89
N THR A 717 18.56 26.00 -12.00
CA THR A 717 19.48 27.03 -11.56
C THR A 717 20.36 27.41 -12.75
N LYS A 718 20.82 28.66 -12.74
CA LYS A 718 21.56 29.23 -13.88
C LYS A 718 22.73 28.39 -14.39
N TYR A 719 23.54 27.85 -13.48
CA TYR A 719 24.73 27.10 -13.89
C TYR A 719 24.67 25.62 -13.45
N PHE A 720 23.45 25.11 -13.27
CA PHE A 720 23.18 23.76 -12.78
C PHE A 720 24.29 22.74 -13.04
N LEU A 721 24.49 22.37 -14.30
CA LEU A 721 25.39 21.28 -14.69
C LEU A 721 26.74 21.75 -15.15
N GLN A 722 27.06 23.01 -14.90
CA GLN A 722 28.36 23.54 -15.26
C GLN A 722 29.36 22.59 -14.64
N ASP A 723 30.28 22.10 -15.47
CA ASP A 723 31.46 21.35 -15.02
C ASP A 723 31.22 19.91 -14.62
N ALA A 724 29.98 19.43 -14.67
CA ALA A 724 29.66 18.10 -14.19
C ALA A 724 30.02 17.01 -15.20
N PHE A 725 31.27 16.99 -15.62
CA PHE A 725 31.72 16.13 -16.75
C PHE A 725 31.50 14.64 -16.49
N GLN A 726 31.39 14.23 -15.22
CA GLN A 726 31.21 12.81 -14.88
C GLN A 726 29.80 12.30 -15.12
N LEU A 727 28.83 13.22 -15.20
CA LEU A 727 27.41 12.87 -15.28
C LEU A 727 27.11 12.11 -16.56
N ARG A 728 26.34 11.05 -16.46
CA ARG A 728 26.03 10.21 -17.62
C ARG A 728 24.54 10.03 -17.89
N TYR A 729 23.74 9.94 -16.83
CA TYR A 729 22.31 9.74 -16.91
C TYR A 729 21.67 10.88 -16.08
N LEU A 730 20.63 11.50 -16.62
CA LEU A 730 19.84 12.50 -15.86
C LEU A 730 18.38 12.42 -16.26
N ASP A 731 17.53 12.18 -15.28
CA ASP A 731 16.10 12.06 -15.47
C ASP A 731 15.39 13.22 -14.80
N LEU A 732 14.91 14.14 -15.62
CA LEU A 732 14.13 15.30 -15.17
C LEU A 732 12.66 15.19 -15.55
N SER A 733 12.23 14.00 -15.92
CA SER A 733 10.87 13.81 -16.44
C SER A 733 9.79 14.03 -15.37
N SER A 734 8.55 14.32 -15.80
CA SER A 734 7.45 14.58 -14.88
C SER A 734 7.81 15.61 -13.84
N ASN A 735 8.32 16.74 -14.30
CA ASN A 735 8.43 17.93 -13.47
C ASN A 735 7.58 19.05 -14.08
N LYS A 736 7.84 20.33 -13.77
CA LYS A 736 7.03 21.41 -14.27
C LYS A 736 7.91 22.50 -14.88
N ILE A 737 8.96 22.06 -15.55
CA ILE A 737 9.97 22.92 -16.16
C ILE A 737 9.39 23.56 -17.44
N GLN A 738 9.69 24.84 -17.63
CA GLN A 738 9.24 25.61 -18.79
C GLN A 738 10.33 25.90 -19.80
N MET A 739 11.50 26.30 -19.30
CA MET A 739 12.60 26.74 -20.14
C MET A 739 13.87 26.09 -19.66
N ILE A 740 14.79 25.85 -20.58
CA ILE A 740 16.10 25.38 -20.23
C ILE A 740 17.07 26.15 -21.09
N GLN A 741 17.93 26.93 -20.44
CA GLN A 741 18.97 27.70 -21.13
C GLN A 741 20.31 26.96 -21.15
N LYS A 742 21.19 27.42 -22.03
CA LYS A 742 22.52 26.83 -22.29
C LYS A 742 23.41 26.86 -21.06
N THR A 743 23.30 27.96 -20.30
CA THR A 743 24.07 28.13 -19.05
C THR A 743 23.86 26.97 -18.08
N SER A 744 22.65 26.42 -18.05
CA SER A 744 22.28 25.34 -17.15
C SER A 744 22.66 23.98 -17.68
N PHE A 745 22.66 23.84 -19.00
CA PHE A 745 22.79 22.56 -19.69
C PHE A 745 23.90 22.68 -20.71
N PRO A 746 25.13 23.04 -20.29
CA PRO A 746 26.20 23.27 -21.30
C PRO A 746 26.43 22.05 -22.21
N GLU A 747 26.78 22.30 -23.49
CA GLU A 747 27.00 21.24 -24.49
C GLU A 747 28.10 20.27 -24.08
N ASN A 748 29.24 20.78 -23.61
CA ASN A 748 30.34 19.91 -23.17
C ASN A 748 29.92 18.82 -22.14
N VAL A 749 28.90 19.08 -21.31
CA VAL A 749 28.33 18.10 -20.37
C VAL A 749 27.19 17.30 -20.99
N LEU A 750 26.32 17.98 -21.72
CA LEU A 750 25.16 17.32 -22.34
C LEU A 750 25.44 16.22 -23.34
N ASN A 751 26.48 16.43 -24.15
CA ASN A 751 26.74 15.51 -25.25
C ASN A 751 27.41 14.21 -24.83
N ASN A 752 27.91 14.13 -23.57
CA ASN A 752 28.43 12.87 -23.01
C ASN A 752 27.40 12.03 -22.24
N LEU A 753 26.13 12.45 -22.21
CA LEU A 753 25.09 11.70 -21.52
C LEU A 753 24.71 10.45 -22.29
N LYS A 754 24.66 9.31 -21.62
CA LYS A 754 24.06 8.11 -22.21
C LYS A 754 22.60 8.40 -22.50
N MET A 755 21.91 8.98 -21.51
CA MET A 755 20.47 9.24 -21.58
C MET A 755 20.08 10.56 -20.92
N LEU A 756 19.11 11.29 -21.50
CA LEU A 756 18.52 12.46 -20.85
C LEU A 756 16.99 12.38 -20.90
N LEU A 757 16.31 12.26 -19.77
CA LEU A 757 14.84 12.13 -19.80
C LEU A 757 14.16 13.47 -19.51
N LEU A 758 13.29 13.89 -20.42
CA LEU A 758 12.65 15.23 -20.40
C LEU A 758 11.12 15.26 -20.50
N HIS A 759 10.50 14.15 -20.83
CA HIS A 759 9.06 14.07 -21.00
C HIS A 759 8.24 14.52 -19.82
N HIS A 760 6.95 14.75 -20.07
CA HIS A 760 5.97 15.22 -19.07
C HIS A 760 6.45 16.44 -18.27
N ASN A 761 7.01 17.42 -18.98
CA ASN A 761 7.25 18.74 -18.40
C ASN A 761 6.26 19.82 -18.95
N ARG A 762 6.53 21.13 -18.75
CA ARG A 762 5.62 22.24 -19.17
C ARG A 762 6.33 23.21 -20.13
N PHE A 763 6.97 22.67 -21.16
CA PHE A 763 7.83 23.45 -22.03
C PHE A 763 7.14 24.59 -22.79
N LEU A 764 7.68 25.79 -22.63
CA LEU A 764 7.17 26.98 -23.31
C LEU A 764 7.95 27.17 -24.60
N CYS A 765 7.26 27.04 -25.71
CA CYS A 765 7.88 27.02 -27.02
C CYS A 765 7.85 28.38 -27.75
N THR A 766 8.51 29.36 -27.12
CA THR A 766 8.66 30.70 -27.64
C THR A 766 10.07 30.83 -28.13
N CYS A 767 10.39 32.00 -28.66
CA CYS A 767 11.73 32.27 -29.17
C CYS A 767 12.83 32.34 -28.08
N ASP A 768 12.43 32.37 -26.81
CA ASP A 768 13.38 32.15 -25.72
C ASP A 768 13.87 30.70 -25.64
N ALA A 769 13.09 29.76 -26.17
CA ALA A 769 13.41 28.31 -26.19
C ALA A 769 14.26 27.85 -27.37
N VAL A 770 14.89 28.80 -28.04
CA VAL A 770 15.40 28.57 -29.37
C VAL A 770 16.61 27.61 -29.29
N TRP A 771 17.50 27.84 -28.33
CA TRP A 771 18.66 26.95 -28.11
C TRP A 771 18.25 25.49 -27.72
N PHE A 772 17.34 25.37 -26.76
CA PHE A 772 16.87 24.05 -26.29
C PHE A 772 16.14 23.28 -27.37
N VAL A 773 15.32 23.98 -28.17
CA VAL A 773 14.56 23.30 -29.24
C VAL A 773 15.56 22.83 -30.28
N TRP A 774 16.49 23.70 -30.62
CA TRP A 774 17.53 23.31 -31.54
C TRP A 774 18.30 22.12 -30.96
N TRP A 775 18.84 22.30 -29.74
CA TRP A 775 19.63 21.22 -29.14
C TRP A 775 18.91 19.85 -29.12
N VAL A 776 17.69 19.79 -28.57
CA VAL A 776 16.89 18.56 -28.62
C VAL A 776 16.82 17.99 -30.04
N GLN A 777 16.53 18.85 -31.02
CA GLN A 777 16.30 18.41 -32.42
C GLN A 777 17.47 17.69 -33.08
N HIS A 778 18.68 18.18 -32.79
CA HIS A 778 19.93 17.73 -33.40
C HIS A 778 20.81 16.75 -32.60
N THR A 779 20.61 16.64 -31.29
CA THR A 779 21.54 15.84 -30.49
C THR A 779 21.47 14.33 -30.75
N GLU A 780 22.58 13.66 -30.50
CA GLU A 780 22.72 12.18 -30.63
C GLU A 780 22.22 11.47 -29.37
N VAL A 781 22.29 12.21 -28.26
CA VAL A 781 21.91 11.72 -26.94
C VAL A 781 20.50 11.16 -26.95
N THR A 782 20.35 9.97 -26.40
CA THR A 782 19.05 9.32 -26.27
C THR A 782 18.15 10.14 -25.35
N ILE A 783 16.94 10.38 -25.83
CA ILE A 783 15.90 11.09 -25.10
C ILE A 783 14.66 10.26 -25.41
N PRO A 784 14.23 9.42 -24.47
CA PRO A 784 13.04 8.65 -24.79
C PRO A 784 11.73 9.46 -24.86
N TYR A 785 10.77 8.87 -25.57
CA TYR A 785 9.45 9.46 -25.85
C TYR A 785 9.51 10.81 -26.60
N LEU A 786 10.61 11.03 -27.32
CA LEU A 786 10.87 12.31 -27.99
C LEU A 786 9.72 12.72 -28.96
N ALA A 787 9.05 11.71 -29.52
CA ALA A 787 7.94 11.88 -30.46
C ALA A 787 6.57 11.52 -29.88
N THR A 788 6.36 11.64 -28.57
CA THR A 788 5.08 11.25 -27.96
C THR A 788 4.77 12.08 -26.72
N ASP A 789 5.74 12.21 -25.81
CA ASP A 789 5.53 12.91 -24.54
C ASP A 789 6.57 13.98 -24.25
N VAL A 790 7.24 14.54 -25.27
CA VAL A 790 8.09 15.76 -25.11
C VAL A 790 7.52 16.92 -25.96
N THR A 791 6.55 17.60 -25.36
CA THR A 791 5.67 18.49 -26.08
C THR A 791 5.63 19.88 -25.47
N CYS A 792 5.36 20.87 -26.32
CA CYS A 792 5.08 22.24 -25.89
C CYS A 792 3.69 22.28 -25.24
N VAL A 793 3.51 23.09 -24.21
CA VAL A 793 2.17 23.38 -23.66
C VAL A 793 1.60 24.73 -24.12
N GLY A 794 2.49 25.64 -24.50
CA GLY A 794 2.14 26.88 -25.22
C GLY A 794 3.35 27.38 -26.02
N PRO A 795 3.31 28.60 -26.58
CA PRO A 795 2.14 29.49 -26.56
C PRO A 795 1.12 29.12 -27.63
N GLY A 796 -0.14 29.51 -27.41
CA GLY A 796 -1.29 29.27 -28.29
C GLY A 796 -1.16 28.30 -29.46
N ALA A 797 -0.50 28.76 -30.51
CA ALA A 797 -0.33 27.99 -31.74
C ALA A 797 0.19 26.56 -31.45
N HIS A 798 1.31 26.49 -30.74
CA HIS A 798 2.03 25.24 -30.55
C HIS A 798 1.54 24.35 -29.40
N LYS A 799 0.53 24.78 -28.65
CA LYS A 799 -0.05 23.96 -27.58
C LYS A 799 -0.34 22.51 -28.04
N GLY A 800 0.35 21.55 -27.44
CA GLY A 800 0.22 20.12 -27.75
C GLY A 800 1.26 19.61 -28.74
N GLN A 801 2.01 20.52 -29.36
CA GLN A 801 2.94 20.16 -30.43
C GLN A 801 4.22 19.60 -29.85
N SER A 802 4.79 18.65 -30.56
CA SER A 802 6.00 18.00 -30.14
C SER A 802 7.14 18.97 -30.37
N VAL A 803 8.11 18.98 -29.47
CA VAL A 803 9.30 19.84 -29.62
C VAL A 803 10.10 19.47 -30.87
N ILE A 804 10.10 18.19 -31.24
CA ILE A 804 10.91 17.77 -32.40
C ILE A 804 10.36 18.25 -33.75
N SER A 805 9.04 18.33 -33.88
CA SER A 805 8.40 18.88 -35.10
C SER A 805 8.39 20.40 -35.20
N LEU A 806 8.70 21.08 -34.10
CA LEU A 806 8.60 22.53 -33.99
C LEU A 806 9.57 23.27 -34.91
N ASP A 807 9.03 24.11 -35.80
CA ASP A 807 9.83 24.88 -36.76
C ASP A 807 9.88 26.31 -36.29
N LEU A 808 11.05 26.84 -35.94
CA LEU A 808 11.13 28.24 -35.49
C LEU A 808 11.89 29.19 -36.41
N TYR A 809 11.71 29.07 -37.74
CA TYR A 809 12.18 30.06 -38.75
C TYR A 809 11.96 31.50 -38.30
N THR A 810 10.73 31.78 -37.83
CA THR A 810 10.33 33.15 -37.40
C THR A 810 11.15 33.75 -36.24
N CYS A 811 12.00 32.96 -35.56
CA CYS A 811 12.88 33.49 -34.50
C CYS A 811 14.22 33.92 -35.09
N ARG B 6 -25.34 37.48 -2.48
CA ARG B 6 -24.67 38.49 -1.56
C ARG B 6 -24.55 39.87 -2.26
N TRP B 7 -24.70 40.93 -1.47
CA TRP B 7 -24.56 42.29 -1.99
C TRP B 7 -23.09 42.61 -2.16
N PHE B 8 -22.27 42.18 -1.19
CA PHE B 8 -20.81 42.35 -1.25
C PHE B 8 -20.07 41.01 -1.09
N PRO B 9 -19.04 40.76 -1.92
CA PRO B 9 -18.26 39.49 -1.76
C PRO B 9 -17.41 39.35 -0.53
N LYS B 10 -17.24 38.07 -0.16
CA LYS B 10 -16.40 37.61 0.93
C LYS B 10 -15.26 38.55 1.09
N THR B 11 -14.29 38.48 0.19
CA THR B 11 -13.05 39.26 0.32
C THR B 11 -12.13 38.85 1.53
N LEU B 12 -12.62 38.88 2.77
CA LEU B 12 -11.83 38.51 3.96
C LEU B 12 -11.44 37.04 3.92
N PRO B 13 -10.13 36.74 4.06
CA PRO B 13 -9.70 35.32 3.94
C PRO B 13 -9.93 34.42 5.18
N CYS B 14 -11.08 34.53 5.84
CA CYS B 14 -11.23 33.99 7.19
C CYS B 14 -12.65 33.51 7.44
N ASP B 15 -12.81 32.36 8.09
CA ASP B 15 -14.16 31.85 8.40
C ASP B 15 -14.77 32.70 9.53
N VAL B 16 -15.72 33.58 9.17
CA VAL B 16 -16.44 34.39 10.16
C VAL B 16 -17.63 33.59 10.67
N THR B 17 -17.43 32.80 11.72
CA THR B 17 -18.54 32.13 12.37
C THR B 17 -19.15 33.19 13.32
N LEU B 18 -20.20 32.84 14.05
CA LEU B 18 -21.00 33.85 14.78
C LEU B 18 -21.94 33.24 15.83
N ASP B 19 -21.63 33.43 17.11
CA ASP B 19 -22.18 32.63 18.22
C ASP B 19 -22.75 33.51 19.37
N HIS B 24 -20.48 36.60 21.23
CA HIS B 24 -19.41 35.92 20.49
C HIS B 24 -19.45 36.08 18.93
N VAL B 25 -18.41 36.71 18.37
CA VAL B 25 -18.16 36.82 16.92
C VAL B 25 -16.78 36.15 16.64
N ILE B 26 -16.76 34.95 16.04
CA ILE B 26 -15.51 34.18 15.83
C ILE B 26 -14.98 34.40 14.43
N VAL B 27 -13.77 34.95 14.35
CA VAL B 27 -13.05 35.20 13.09
C VAL B 27 -11.83 34.29 13.04
N ASP B 28 -11.78 33.38 12.07
CA ASP B 28 -10.74 32.33 12.02
C ASP B 28 -9.92 32.38 10.75
N CYS B 29 -8.67 32.85 10.89
CA CYS B 29 -7.76 32.97 9.78
C CYS B 29 -6.61 31.95 9.90
N THR B 30 -6.88 30.80 10.49
CA THR B 30 -5.92 29.68 10.60
C THR B 30 -5.43 29.22 9.22
N ASP B 31 -4.11 29.16 9.05
CA ASP B 31 -3.45 28.63 7.83
C ASP B 31 -4.07 29.23 6.58
N LYS B 32 -3.86 30.53 6.41
CA LYS B 32 -4.33 31.26 5.25
C LYS B 32 -3.20 31.98 4.56
N HIS B 33 -1.97 31.52 4.78
CA HIS B 33 -0.77 32.09 4.14
C HIS B 33 -0.69 33.62 4.20
N LEU B 34 -1.06 34.20 5.34
CA LEU B 34 -1.12 35.65 5.52
C LEU B 34 0.22 36.19 6.00
N THR B 35 0.63 37.36 5.49
CA THR B 35 1.83 38.07 5.98
C THR B 35 1.53 39.39 6.71
N GLU B 36 0.25 39.76 6.77
CA GLU B 36 -0.23 40.90 7.54
C GLU B 36 -1.59 40.48 8.07
N ILE B 37 -2.01 40.99 9.21
CA ILE B 37 -3.39 40.88 9.60
C ILE B 37 -4.20 41.51 8.48
N PRO B 38 -5.30 40.86 8.08
CA PRO B 38 -6.05 41.41 6.95
C PRO B 38 -6.89 42.60 7.37
N GLY B 39 -7.12 43.52 6.43
CA GLY B 39 -8.15 44.54 6.57
C GLY B 39 -9.55 43.93 6.56
N GLY B 40 -10.51 44.68 7.07
CA GLY B 40 -11.91 44.31 7.01
C GLY B 40 -12.40 43.44 8.14
N ILE B 41 -11.55 43.22 9.15
CA ILE B 41 -11.98 42.37 10.26
C ILE B 41 -13.10 43.14 10.99
N PRO B 42 -14.24 42.45 11.22
CA PRO B 42 -15.36 43.07 11.91
C PRO B 42 -14.98 43.72 13.25
N THR B 43 -15.57 44.88 13.49
CA THR B 43 -15.35 45.64 14.71
C THR B 43 -15.84 44.87 15.96
N ASN B 44 -16.93 44.10 15.83
CA ASN B 44 -17.44 43.31 16.95
C ASN B 44 -16.70 41.98 17.18
N THR B 45 -15.54 41.74 16.53
CA THR B 45 -14.77 40.48 16.73
C THR B 45 -14.44 40.21 18.21
N THR B 46 -14.93 39.09 18.76
CA THR B 46 -14.62 38.66 20.10
C THR B 46 -13.41 37.73 20.10
N ASN B 47 -13.46 36.59 19.40
CA ASN B 47 -12.31 35.70 19.22
C ASN B 47 -11.73 35.88 17.82
N LEU B 48 -10.42 36.18 17.72
CA LEU B 48 -9.67 36.23 16.46
C LEU B 48 -8.51 35.19 16.46
N THR B 49 -8.49 34.27 15.48
CA THR B 49 -7.43 33.27 15.33
C THR B 49 -6.56 33.48 14.08
N LEU B 50 -5.26 33.60 14.29
CA LEU B 50 -4.29 33.83 13.23
C LEU B 50 -3.15 32.78 13.27
N THR B 51 -3.45 31.59 13.79
CA THR B 51 -2.42 30.59 13.97
C THR B 51 -2.00 29.97 12.64
N ILE B 52 -0.71 29.68 12.50
CA ILE B 52 -0.09 29.22 11.26
C ILE B 52 -0.28 30.25 10.13
N ASN B 53 0.38 31.38 10.28
CA ASN B 53 0.55 32.36 9.23
C ASN B 53 1.98 32.85 9.28
N HIS B 54 2.32 33.88 8.52
CA HIS B 54 3.70 34.37 8.51
C HIS B 54 3.72 35.86 8.70
N ILE B 55 2.94 36.30 9.69
CA ILE B 55 2.78 37.71 9.98
C ILE B 55 3.95 38.03 10.89
N PRO B 56 4.92 38.84 10.42
CA PRO B 56 6.21 38.95 11.13
C PRO B 56 6.22 39.92 12.32
N ASP B 57 5.17 40.72 12.49
CA ASP B 57 5.07 41.58 13.67
C ASP B 57 3.68 41.97 14.10
N ILE B 58 3.59 42.45 15.34
CA ILE B 58 2.36 42.96 15.96
C ILE B 58 2.62 44.40 16.44
N SER B 59 1.66 45.29 16.21
CA SER B 59 1.79 46.71 16.52
C SER B 59 0.48 47.23 17.13
N PRO B 60 0.43 48.53 17.47
CA PRO B 60 -0.89 49.07 17.89
C PRO B 60 -1.91 49.12 16.76
N ALA B 61 -1.44 49.18 15.51
CA ALA B 61 -2.32 49.03 14.34
C ALA B 61 -2.99 47.65 14.26
N SER B 62 -2.26 46.61 14.63
CA SER B 62 -2.76 45.26 14.55
C SER B 62 -4.20 45.13 15.02
N PHE B 63 -4.48 45.61 16.22
CA PHE B 63 -5.80 45.42 16.81
C PHE B 63 -6.58 46.73 17.03
N HIS B 64 -6.09 47.84 16.46
CA HIS B 64 -6.65 49.20 16.62
C HIS B 64 -8.16 49.23 16.87
N ARG B 65 -8.95 48.83 15.89
CA ARG B 65 -10.40 48.97 15.98
C ARG B 65 -11.11 47.87 16.79
N LEU B 66 -10.39 46.81 17.19
CA LEU B 66 -11.02 45.54 17.57
C LEU B 66 -11.31 45.51 19.05
N VAL B 67 -12.15 46.45 19.48
CA VAL B 67 -12.24 46.80 20.89
C VAL B 67 -12.95 45.78 21.77
N HIS B 68 -13.74 44.88 21.19
CA HIS B 68 -14.44 43.88 22.00
C HIS B 68 -13.71 42.53 22.11
N LEU B 69 -12.45 42.44 21.65
CA LEU B 69 -11.67 41.18 21.68
C LEU B 69 -11.53 40.53 23.05
N VAL B 70 -12.06 39.33 23.24
CA VAL B 70 -11.79 38.53 24.44
C VAL B 70 -10.67 37.50 24.25
N GLU B 71 -10.39 37.10 23.01
CA GLU B 71 -9.37 36.05 22.76
C GLU B 71 -8.60 36.33 21.48
N ILE B 72 -7.28 36.17 21.54
CA ILE B 72 -6.39 36.28 20.38
C ILE B 72 -5.59 35.01 20.37
N ASP B 73 -5.69 34.26 19.28
CA ASP B 73 -4.89 33.09 19.08
C ASP B 73 -3.90 33.43 17.96
N PHE B 74 -2.73 33.90 18.35
CA PHE B 74 -1.64 34.24 17.43
C PHE B 74 -0.53 33.19 17.55
N ARG B 75 -0.87 31.91 17.42
CA ARG B 75 0.13 30.82 17.56
C ARG B 75 0.90 30.50 16.27
N CYS B 76 2.15 30.05 16.41
CA CYS B 76 2.90 29.45 15.29
C CYS B 76 2.98 30.33 14.02
N ASN B 77 3.29 31.61 14.20
CA ASN B 77 3.73 32.47 13.10
C ASN B 77 5.25 32.43 12.93
N CYS B 78 5.94 31.78 13.84
CA CYS B 78 7.38 31.62 13.74
C CYS B 78 7.85 30.48 14.67
N VAL B 79 7.52 29.24 14.32
CA VAL B 79 7.81 28.17 15.24
C VAL B 79 9.31 27.91 15.19
N PRO B 80 9.90 27.51 16.33
CA PRO B 80 11.33 27.21 16.41
C PRO B 80 11.81 26.27 15.33
N ILE B 81 13.06 26.46 14.92
CA ILE B 81 13.63 25.82 13.72
C ILE B 81 13.36 24.31 13.59
N ARG B 82 13.58 23.55 14.67
CA ARG B 82 13.46 22.06 14.66
C ARG B 82 12.02 21.55 14.78
N LEU B 83 11.16 22.43 15.32
CA LEU B 83 9.75 22.18 15.45
C LEU B 83 8.97 22.46 14.17
N GLY B 84 9.49 23.34 13.32
CA GLY B 84 8.77 23.85 12.15
C GLY B 84 9.01 23.04 10.91
N SER B 85 8.56 23.56 9.78
CA SER B 85 8.81 22.89 8.50
C SER B 85 10.22 23.30 8.13
N LYS B 86 10.97 22.37 7.55
CA LYS B 86 12.32 22.64 7.03
C LYS B 86 12.32 23.13 5.55
N SER B 87 11.18 23.07 4.87
CA SER B 87 11.00 23.78 3.58
C SER B 87 10.79 25.30 3.81
N ASN B 88 10.01 25.62 4.84
CA ASN B 88 9.53 26.97 5.11
C ASN B 88 9.97 27.44 6.54
N MET B 89 11.29 27.57 6.76
CA MET B 89 11.83 27.97 8.09
C MET B 89 11.62 29.45 8.35
N CYS B 90 11.22 29.79 9.57
CA CYS B 90 10.97 31.19 9.93
C CYS B 90 12.28 32.00 10.05
N PRO B 91 12.44 33.06 9.23
CA PRO B 91 13.73 33.73 9.14
C PRO B 91 14.06 34.64 10.33
N ARG B 92 13.06 35.07 11.08
CA ARG B 92 13.24 36.10 12.08
C ARG B 92 12.08 36.04 13.07
N ARG B 93 12.37 36.12 14.37
CA ARG B 93 11.33 35.98 15.37
C ARG B 93 10.23 37.01 15.20
N LEU B 94 9.01 36.66 15.60
CA LEU B 94 7.92 37.63 15.76
C LEU B 94 8.36 38.83 16.58
N GLN B 95 8.09 40.04 16.06
CA GLN B 95 8.33 41.30 16.79
C GLN B 95 7.03 41.77 17.43
N ILE B 96 7.06 42.15 18.70
CA ILE B 96 5.89 42.79 19.31
C ILE B 96 6.30 44.17 19.78
N LYS B 97 5.85 45.19 19.07
CA LYS B 97 6.13 46.59 19.38
C LYS B 97 5.37 47.04 20.66
N PRO B 98 5.82 48.13 21.31
CA PRO B 98 5.12 48.63 22.50
C PRO B 98 3.67 49.02 22.22
N ARG B 99 2.83 48.88 23.24
CA ARG B 99 1.44 49.37 23.23
C ARG B 99 0.47 48.49 22.41
N SER B 100 0.95 47.39 21.83
CA SER B 100 0.12 46.56 20.95
C SER B 100 -1.09 45.92 21.60
N PHE B 101 -1.05 45.64 22.90
CA PHE B 101 -2.16 44.95 23.58
C PHE B 101 -2.94 45.78 24.60
N SER B 102 -2.40 46.94 25.02
CA SER B 102 -2.88 47.63 26.21
C SER B 102 -4.15 48.45 25.96
N GLY B 103 -4.54 48.58 24.68
CA GLY B 103 -5.87 49.07 24.34
C GLY B 103 -7.03 48.12 24.62
N LEU B 104 -6.77 46.83 24.84
CA LEU B 104 -7.79 45.77 24.79
C LEU B 104 -8.31 45.39 26.17
N THR B 105 -9.27 46.20 26.62
CA THR B 105 -9.82 46.16 27.97
C THR B 105 -10.52 44.87 28.30
N TYR B 106 -11.10 44.22 27.29
CA TYR B 106 -11.93 43.03 27.48
C TYR B 106 -11.17 41.68 27.21
N LEU B 107 -9.87 41.77 26.84
CA LEU B 107 -9.04 40.58 26.49
C LEU B 107 -8.84 39.61 27.65
N LYS B 108 -9.26 38.37 27.48
CA LYS B 108 -9.19 37.34 28.53
C LYS B 108 -8.24 36.15 28.23
N SER B 109 -7.97 35.89 26.95
CA SER B 109 -7.07 34.83 26.57
C SER B 109 -6.14 35.36 25.49
N LEU B 110 -4.86 34.99 25.59
CA LEU B 110 -3.86 35.40 24.61
C LEU B 110 -2.94 34.21 24.41
N TYR B 111 -2.75 33.83 23.15
CA TYR B 111 -1.99 32.65 22.79
C TYR B 111 -0.87 33.10 21.86
N LEU B 112 0.35 33.22 22.38
CA LEU B 112 1.52 33.59 21.56
C LEU B 112 2.55 32.45 21.43
N ASP B 113 2.05 31.21 21.50
CA ASP B 113 2.92 30.04 21.47
C ASP B 113 3.59 29.90 20.10
N GLY B 114 4.81 29.38 20.09
CA GLY B 114 5.46 29.03 18.84
C GLY B 114 5.81 30.22 17.99
N ASN B 115 6.38 31.27 18.59
CA ASN B 115 6.81 32.45 17.85
C ASN B 115 8.24 32.88 18.02
N GLN B 116 9.07 32.01 18.60
CA GLN B 116 10.46 32.30 18.92
C GLN B 116 10.67 33.56 19.76
N LEU B 117 9.73 33.84 20.65
CA LEU B 117 9.85 34.97 21.54
C LEU B 117 10.98 34.75 22.56
N LEU B 118 11.73 35.81 22.81
CA LEU B 118 12.85 35.82 23.78
C LEU B 118 12.46 36.20 25.21
N GLU B 119 11.29 36.83 25.41
CA GLU B 119 10.89 37.33 26.72
C GLU B 119 9.40 37.30 26.86
N ILE B 120 8.93 37.24 28.10
CA ILE B 120 7.53 37.42 28.39
C ILE B 120 7.11 38.79 27.88
N PRO B 121 6.12 38.86 26.96
CA PRO B 121 5.81 40.15 26.37
C PRO B 121 5.10 41.05 27.37
N GLN B 122 5.48 42.31 27.38
CA GLN B 122 5.02 43.25 28.39
C GLN B 122 3.85 44.07 27.86
N GLY B 123 3.33 44.95 28.70
CA GLY B 123 2.26 45.85 28.33
C GLY B 123 0.93 45.16 28.15
N LEU B 124 0.75 44.04 28.84
CA LEU B 124 -0.45 43.23 28.68
C LEU B 124 -1.53 43.82 29.56
N PRO B 125 -2.80 43.66 29.18
CA PRO B 125 -3.89 44.22 30.00
C PRO B 125 -4.21 43.46 31.27
N PRO B 126 -4.74 44.17 32.28
CA PRO B 126 -5.13 43.55 33.55
C PRO B 126 -6.37 42.67 33.47
N SER B 127 -7.11 42.75 32.36
CA SER B 127 -8.22 41.83 32.12
C SER B 127 -7.79 40.41 31.81
N LEU B 128 -6.49 40.18 31.58
CA LEU B 128 -6.00 38.91 31.06
C LEU B 128 -6.05 37.78 32.07
N GLN B 129 -6.75 36.68 31.72
CA GLN B 129 -6.86 35.49 32.58
C GLN B 129 -5.98 34.32 32.15
N LEU B 130 -5.63 34.28 30.88
CA LEU B 130 -4.89 33.14 30.30
C LEU B 130 -3.76 33.68 29.42
N LEU B 131 -2.55 33.17 29.61
CA LEU B 131 -1.41 33.53 28.72
C LEU B 131 -0.65 32.27 28.40
N SER B 132 -0.43 32.07 27.11
CA SER B 132 0.20 30.86 26.63
C SER B 132 1.41 31.20 25.77
N LEU B 133 2.56 30.66 26.16
CA LEU B 133 3.81 31.02 25.54
C LEU B 133 4.62 29.79 25.23
N GLU B 134 3.94 28.66 25.07
CA GLU B 134 4.65 27.41 24.80
C GLU B 134 5.51 27.51 23.53
N ALA B 135 6.54 26.69 23.44
CA ALA B 135 7.35 26.62 22.21
C ALA B 135 7.91 27.98 21.79
N ASN B 136 8.30 28.77 22.77
CA ASN B 136 9.07 29.99 22.52
C ASN B 136 10.50 29.80 22.99
N ASN B 137 11.28 30.86 23.09
CA ASN B 137 12.64 30.78 23.65
C ASN B 137 12.81 31.60 24.93
N ILE B 138 11.90 31.33 25.87
CA ILE B 138 11.85 31.97 27.18
C ILE B 138 12.21 30.95 28.24
N PHE B 139 13.39 31.13 28.85
CA PHE B 139 13.95 30.19 29.82
C PHE B 139 14.49 30.88 31.08
N SER B 140 14.06 32.10 31.34
CA SER B 140 14.33 32.81 32.56
C SER B 140 13.12 33.61 32.95
N ILE B 141 12.54 33.29 34.10
CA ILE B 141 11.38 33.99 34.66
C ILE B 141 11.79 34.88 35.86
N ARG B 142 11.57 36.19 35.70
CA ARG B 142 11.82 37.18 36.74
C ARG B 142 10.49 37.72 37.28
N LYS B 143 10.50 38.08 38.57
CA LYS B 143 9.30 38.54 39.26
C LYS B 143 8.76 39.80 38.61
N GLU B 144 9.65 40.67 38.17
CA GLU B 144 9.25 41.96 37.67
C GLU B 144 8.42 41.75 36.41
N GLN B 145 8.91 40.88 35.52
CA GLN B 145 8.23 40.54 34.26
C GLN B 145 6.79 40.01 34.46
N LEU B 146 6.53 39.38 35.60
CA LEU B 146 5.22 38.82 35.95
C LEU B 146 4.22 39.73 36.69
N THR B 147 4.56 40.98 37.01
CA THR B 147 3.63 41.84 37.79
C THR B 147 2.49 42.38 36.92
N GLU B 148 2.71 42.49 35.60
CA GLU B 148 1.59 42.73 34.67
C GLU B 148 0.45 41.68 34.77
N LEU B 149 0.72 40.51 35.34
CA LEU B 149 -0.25 39.42 35.39
C LEU B 149 -0.94 39.28 36.73
N ALA B 150 -1.22 40.39 37.42
CA ALA B 150 -1.88 40.30 38.74
C ALA B 150 -3.12 39.37 38.68
N ASN B 151 -3.93 39.52 37.63
CA ASN B 151 -5.21 38.82 37.54
C ASN B 151 -5.20 37.54 36.74
N ILE B 152 -4.02 37.01 36.43
CA ILE B 152 -3.88 35.79 35.63
C ILE B 152 -4.26 34.55 36.42
N GLU B 153 -4.97 33.64 35.73
CA GLU B 153 -5.40 32.36 36.31
C GLU B 153 -4.75 31.16 35.67
N ILE B 154 -4.39 31.27 34.39
CA ILE B 154 -3.81 30.15 33.66
C ILE B 154 -2.54 30.62 32.97
N LEU B 155 -1.44 29.84 33.10
CA LEU B 155 -0.15 30.24 32.54
C LEU B 155 0.64 29.07 31.99
N TYR B 156 0.77 29.04 30.64
CA TYR B 156 1.49 27.98 29.93
C TYR B 156 2.85 28.49 29.51
N LEU B 157 3.91 27.93 30.12
CA LEU B 157 5.26 28.37 29.83
C LEU B 157 6.15 27.27 29.27
N GLY B 158 5.58 26.10 28.97
CA GLY B 158 6.34 24.91 28.66
C GLY B 158 6.91 24.84 27.27
N GLN B 159 7.73 23.83 27.06
CA GLN B 159 8.35 23.60 25.75
C GLN B 159 9.22 24.72 25.25
N ASN B 160 9.87 25.45 26.18
CA ASN B 160 10.89 26.45 25.82
C ASN B 160 12.38 25.99 25.97
N CYS B 161 12.62 24.84 26.63
CA CYS B 161 13.97 24.29 26.75
C CYS B 161 13.95 22.78 26.85
N TYR B 162 13.93 22.12 25.69
CA TYR B 162 13.98 20.65 25.61
C TYR B 162 14.75 20.22 24.38
N TYR B 163 14.94 18.91 24.19
CA TYR B 163 15.74 18.39 23.09
C TYR B 163 15.37 18.95 21.72
N ARG B 164 14.10 19.25 21.49
CA ARG B 164 13.65 19.83 20.19
C ARG B 164 13.72 21.36 20.07
N ASN B 165 13.95 22.03 21.19
CA ASN B 165 13.90 23.50 21.24
C ASN B 165 14.81 23.84 22.38
N PRO B 166 16.11 23.58 22.19
CA PRO B 166 17.02 23.64 23.32
C PRO B 166 17.36 25.09 23.69
N CYS B 167 17.46 25.39 24.99
CA CYS B 167 18.05 26.66 25.43
C CYS B 167 19.50 26.57 25.89
N TYR B 168 20.03 25.36 26.02
CA TYR B 168 21.46 25.14 26.36
C TYR B 168 21.89 25.47 27.80
N VAL B 169 20.92 25.79 28.67
CA VAL B 169 21.18 26.15 30.06
C VAL B 169 20.03 25.62 30.90
N SER B 170 20.20 25.64 32.22
CA SER B 170 19.12 25.38 33.14
C SER B 170 18.10 26.48 33.07
N TYR B 171 16.88 26.11 33.31
CA TYR B 171 15.77 27.05 33.32
C TYR B 171 15.96 27.79 34.62
N SER B 172 15.60 29.08 34.67
CA SER B 172 15.69 29.90 35.90
C SER B 172 14.40 30.57 36.27
N ILE B 173 13.97 30.33 37.51
CA ILE B 173 12.83 31.03 38.06
C ILE B 173 13.29 31.65 39.39
N GLU B 174 13.21 32.98 39.49
CA GLU B 174 13.44 33.66 40.76
C GLU B 174 12.66 33.03 41.92
N LYS B 175 13.25 33.10 43.11
CA LYS B 175 12.55 32.77 44.37
C LYS B 175 11.27 33.61 44.43
N ASP B 176 10.16 32.93 44.74
CA ASP B 176 8.82 33.55 44.89
C ASP B 176 8.29 34.27 43.65
N ALA B 177 8.77 33.89 42.45
CA ALA B 177 8.36 34.56 41.20
C ALA B 177 6.84 34.53 40.97
N PHE B 178 6.23 33.39 41.27
CA PHE B 178 4.81 33.21 41.05
C PHE B 178 3.93 33.59 42.25
N LEU B 179 4.54 33.93 43.39
CA LEU B 179 3.81 34.02 44.68
C LEU B 179 2.74 35.10 44.74
N ASN B 180 3.05 36.26 44.17
CA ASN B 180 2.13 37.40 44.13
C ASN B 180 1.11 37.33 42.94
N LEU B 181 1.04 36.18 42.28
CA LEU B 181 -0.06 35.87 41.37
C LEU B 181 -1.11 35.19 42.23
N THR B 182 -1.94 36.03 42.82
CA THR B 182 -2.85 35.61 43.86
C THR B 182 -4.06 34.84 43.31
N LYS B 183 -4.29 34.91 41.99
CA LYS B 183 -5.41 34.22 41.34
C LYS B 183 -4.96 33.03 40.46
N LEU B 184 -3.65 32.78 40.39
CA LEU B 184 -3.11 31.71 39.57
C LEU B 184 -3.64 30.33 39.95
N LYS B 185 -4.23 29.63 38.99
CA LYS B 185 -4.75 28.31 39.24
C LYS B 185 -3.93 27.24 38.54
N VAL B 186 -3.65 27.45 37.26
CA VAL B 186 -2.94 26.43 36.46
C VAL B 186 -1.63 27.04 36.07
N LEU B 187 -0.56 26.26 36.26
CA LEU B 187 0.80 26.65 35.88
C LEU B 187 1.47 25.47 35.26
N SER B 188 1.98 25.66 34.04
CA SER B 188 2.65 24.57 33.30
C SER B 188 4.07 25.00 32.96
N LEU B 189 5.03 24.27 33.53
CA LEU B 189 6.44 24.48 33.23
C LEU B 189 7.07 23.18 32.72
N LYS B 190 6.29 22.37 32.03
CA LYS B 190 6.81 21.13 31.42
C LYS B 190 7.88 21.38 30.34
N ASP B 191 8.68 20.35 30.10
CA ASP B 191 9.49 20.29 28.88
C ASP B 191 10.44 21.50 28.83
N ASN B 192 11.03 21.80 29.99
CA ASN B 192 11.69 23.06 30.22
C ASN B 192 13.07 23.09 30.84
N ASN B 193 13.63 21.98 31.28
CA ASN B 193 15.00 21.99 31.87
C ASN B 193 15.05 22.75 33.21
N VAL B 194 13.97 22.62 33.95
CA VAL B 194 13.82 23.14 35.27
C VAL B 194 14.49 22.19 36.25
N THR B 195 15.25 22.76 37.20
CA THR B 195 16.02 21.98 38.19
C THR B 195 15.36 21.85 39.58
N THR B 196 14.41 22.73 39.93
CA THR B 196 13.72 22.70 41.23
C THR B 196 12.32 23.29 41.14
N VAL B 197 11.46 22.85 42.06
CA VAL B 197 10.12 23.38 42.18
C VAL B 197 10.25 24.88 42.49
N PRO B 198 9.67 25.77 41.66
CA PRO B 198 9.88 27.22 41.90
C PRO B 198 9.07 27.80 43.07
N THR B 199 9.56 27.52 44.28
CA THR B 199 8.97 28.03 45.52
C THR B 199 9.14 29.57 45.64
N VAL B 200 8.25 30.23 46.39
CA VAL B 200 7.03 29.66 47.00
C VAL B 200 5.87 29.87 46.02
N LEU B 201 5.01 28.85 45.92
CA LEU B 201 3.88 28.87 44.99
C LEU B 201 2.62 29.36 45.66
N PRO B 202 1.77 30.13 44.93
CA PRO B 202 0.52 30.63 45.51
C PRO B 202 -0.45 29.50 45.79
N SER B 203 -1.10 29.56 46.94
CA SER B 203 -1.89 28.44 47.48
C SER B 203 -3.14 28.12 46.62
N THR B 204 -3.56 29.14 45.89
CA THR B 204 -4.64 29.06 44.89
C THR B 204 -4.44 28.05 43.70
N LEU B 205 -3.21 27.61 43.42
CA LEU B 205 -2.93 26.57 42.41
C LEU B 205 -3.78 25.32 42.53
N THR B 206 -4.42 24.97 41.42
CA THR B 206 -5.21 23.73 41.25
C THR B 206 -4.48 22.68 40.45
N GLU B 207 -3.74 23.10 39.42
CA GLU B 207 -2.98 22.18 38.57
C GLU B 207 -1.56 22.68 38.42
N LEU B 208 -0.61 21.77 38.50
CA LEU B 208 0.81 22.12 38.45
C LEU B 208 1.52 21.07 37.62
N TYR B 209 1.99 21.49 36.45
CA TYR B 209 2.64 20.56 35.52
C TYR B 209 4.13 20.86 35.45
N LEU B 210 4.92 19.88 35.91
CA LEU B 210 6.34 20.01 36.08
C LEU B 210 7.06 18.82 35.47
N TYR B 211 6.47 18.21 34.44
CA TYR B 211 7.05 16.99 33.87
C TYR B 211 8.09 17.27 32.78
N ASN B 212 8.90 16.26 32.52
CA ASN B 212 10.02 16.33 31.59
C ASN B 212 10.97 17.49 31.85
N ASN B 213 11.70 17.35 32.94
CA ASN B 213 12.56 18.41 33.47
C ASN B 213 13.81 17.79 34.12
N MET B 214 14.65 18.57 34.80
CA MET B 214 15.82 18.05 35.53
C MET B 214 15.70 18.20 37.05
N ILE B 215 14.52 17.91 37.58
CA ILE B 215 14.28 18.01 39.00
C ILE B 215 14.71 16.69 39.64
N ALA B 216 15.83 16.71 40.37
CA ALA B 216 16.37 15.48 40.99
C ALA B 216 15.72 15.19 42.32
N GLU B 217 15.17 16.22 42.99
CA GLU B 217 14.63 16.07 44.36
C GLU B 217 13.48 17.03 44.68
N ILE B 218 12.55 16.52 45.46
CA ILE B 218 11.47 17.32 46.03
C ILE B 218 11.88 17.66 47.47
N GLN B 219 11.91 18.94 47.83
CA GLN B 219 12.10 19.37 49.21
C GLN B 219 10.78 19.28 49.91
N GLU B 220 10.77 19.00 51.22
CA GLU B 220 9.50 18.75 51.92
C GLU B 220 8.62 19.98 52.15
N ASP B 221 9.18 21.16 51.94
CA ASP B 221 8.41 22.41 51.93
C ASP B 221 7.91 22.81 50.54
N ASP B 222 8.19 22.00 49.52
CA ASP B 222 7.90 22.41 48.13
C ASP B 222 6.41 22.58 47.85
N PHE B 223 5.56 21.75 48.44
CA PHE B 223 4.11 21.88 48.25
C PHE B 223 3.33 22.21 49.53
N ASN B 224 4.00 22.90 50.47
CA ASN B 224 3.49 23.24 51.83
C ASN B 224 2.11 23.88 51.94
N ASN B 225 1.82 24.76 51.01
CA ASN B 225 0.66 25.65 51.14
C ASN B 225 -0.45 25.35 50.13
N LEU B 226 -0.31 24.25 49.39
CA LEU B 226 -1.11 23.99 48.19
C LEU B 226 -2.26 23.07 48.52
N ASN B 227 -3.08 23.51 49.46
CA ASN B 227 -4.31 22.80 49.86
C ASN B 227 -5.31 22.56 48.70
N GLN B 228 -5.43 23.54 47.81
CA GLN B 228 -6.35 23.47 46.67
C GLN B 228 -5.87 22.63 45.45
N LEU B 229 -4.61 22.21 45.43
CA LEU B 229 -4.08 21.48 44.27
C LEU B 229 -4.85 20.17 44.02
N GLN B 230 -5.50 20.08 42.86
CA GLN B 230 -6.16 18.87 42.35
C GLN B 230 -5.29 18.00 41.41
N ILE B 231 -4.41 18.61 40.60
CA ILE B 231 -3.55 17.83 39.69
C ILE B 231 -2.07 18.21 39.87
N LEU B 232 -1.25 17.17 40.05
CA LEU B 232 0.22 17.29 40.12
C LEU B 232 0.87 16.30 39.15
N ASP B 233 1.79 16.82 38.34
CA ASP B 233 2.53 15.96 37.42
C ASP B 233 4.01 16.22 37.55
N LEU B 234 4.74 15.20 37.98
CA LEU B 234 6.20 15.30 38.19
C LEU B 234 6.91 14.28 37.31
N SER B 235 6.22 13.84 36.25
CA SER B 235 6.73 12.75 35.41
C SER B 235 7.99 13.12 34.66
N GLY B 236 8.71 12.11 34.20
CA GLY B 236 9.93 12.35 33.41
C GLY B 236 11.00 13.19 34.11
N ASN B 237 11.16 12.95 35.41
CA ASN B 237 12.24 13.56 36.20
C ASN B 237 12.97 12.40 36.79
N CYS B 238 14.22 12.23 36.39
CA CYS B 238 14.92 10.96 36.60
C CYS B 238 14.14 9.90 35.82
N PRO B 239 14.04 10.10 34.49
CA PRO B 239 13.28 9.23 33.63
C PRO B 239 13.88 7.85 33.56
N ARG B 240 13.03 6.86 33.30
CA ARG B 240 13.44 5.52 32.99
C ARG B 240 13.69 5.55 31.47
N CYS B 241 14.94 5.38 31.05
CA CYS B 241 15.31 5.62 29.64
C CYS B 241 15.29 4.43 28.70
N TYR B 242 14.94 3.25 29.22
CA TYR B 242 15.06 2.00 28.46
C TYR B 242 14.05 2.04 27.30
N ASN B 243 14.57 1.94 26.07
CA ASN B 243 13.76 2.05 24.82
C ASN B 243 12.96 3.33 24.71
N ALA B 244 13.52 4.42 25.19
CA ALA B 244 12.92 5.72 24.99
C ALA B 244 13.06 6.03 23.51
N PRO B 245 11.95 6.40 22.84
CA PRO B 245 12.08 6.88 21.45
C PRO B 245 12.54 8.37 21.32
N PHE B 246 13.13 8.95 22.36
CA PHE B 246 13.67 10.29 22.37
C PHE B 246 14.94 10.35 23.23
N PRO B 247 15.77 11.41 23.08
CA PRO B 247 16.97 11.54 23.92
C PRO B 247 16.61 11.61 25.39
N CYS B 248 17.17 10.70 26.17
CA CYS B 248 16.75 10.47 27.55
C CYS B 248 17.99 10.34 28.42
N THR B 249 18.16 11.32 29.32
CA THR B 249 19.26 11.31 30.26
C THR B 249 18.75 10.92 31.67
N PRO B 250 19.14 9.73 32.16
CA PRO B 250 18.69 9.34 33.49
C PRO B 250 19.45 10.08 34.61
N CYS B 251 18.86 10.07 35.81
CA CYS B 251 19.58 10.51 37.01
C CYS B 251 20.69 9.51 37.32
N LYS B 252 21.80 10.01 37.89
CA LYS B 252 23.03 9.22 38.16
C LYS B 252 22.76 8.04 39.09
N ASN B 253 23.54 6.98 38.89
CA ASN B 253 23.39 5.71 39.64
C ASN B 253 22.00 5.08 39.54
N ASN B 254 21.31 5.28 38.42
CA ASN B 254 19.92 4.85 38.26
C ASN B 254 19.04 5.38 39.42
N SER B 255 19.34 6.58 39.90
CA SER B 255 18.68 7.10 41.08
C SER B 255 17.21 7.45 40.76
N PRO B 256 16.31 7.32 41.73
CA PRO B 256 14.97 7.86 41.53
C PRO B 256 14.85 9.33 41.83
N LEU B 257 13.74 9.91 41.38
CA LEU B 257 13.30 11.22 41.82
C LEU B 257 13.05 11.12 43.31
N GLN B 258 13.84 11.82 44.12
CA GLN B 258 13.72 11.71 45.57
C GLN B 258 12.57 12.56 46.10
N ILE B 259 11.58 11.88 46.70
CA ILE B 259 10.36 12.49 47.25
C ILE B 259 10.27 12.15 48.76
N PRO B 260 10.57 13.12 49.65
CA PRO B 260 10.41 12.95 51.09
C PRO B 260 9.08 12.33 51.41
N VAL B 261 9.05 11.40 52.37
CA VAL B 261 7.81 10.69 52.80
C VAL B 261 6.62 11.62 53.13
N ASN B 262 6.91 12.84 53.57
CA ASN B 262 5.92 13.84 53.94
C ASN B 262 5.69 14.96 52.90
N ALA B 263 6.25 14.81 51.69
CA ALA B 263 6.17 15.87 50.65
C ALA B 263 4.76 16.27 50.22
N PHE B 264 3.79 15.35 50.32
CA PHE B 264 2.41 15.60 49.86
C PHE B 264 1.40 15.97 50.95
N ASP B 265 1.82 15.94 52.23
CA ASP B 265 0.94 16.20 53.41
C ASP B 265 -0.01 17.38 53.29
N ALA B 266 0.39 18.43 52.59
CA ALA B 266 -0.49 19.58 52.39
C ALA B 266 -1.58 19.43 51.32
N LEU B 267 -1.51 18.40 50.49
CA LEU B 267 -2.35 18.30 49.26
C LEU B 267 -3.64 17.53 49.52
N THR B 268 -4.53 18.16 50.28
CA THR B 268 -5.72 17.46 50.82
C THR B 268 -6.72 17.15 49.71
N GLU B 269 -6.87 18.10 48.78
CA GLU B 269 -7.83 18.03 47.67
C GLU B 269 -7.38 17.24 46.43
N LEU B 270 -6.19 16.63 46.48
CA LEU B 270 -5.51 16.10 45.27
C LEU B 270 -6.25 14.93 44.61
N LYS B 271 -6.60 15.12 43.34
CA LYS B 271 -7.37 14.13 42.57
C LYS B 271 -6.52 13.33 41.62
N VAL B 272 -5.50 13.95 41.02
CA VAL B 272 -4.62 13.28 40.06
C VAL B 272 -3.16 13.51 40.42
N LEU B 273 -2.46 12.40 40.60
CA LEU B 273 -1.02 12.37 40.83
C LEU B 273 -0.40 11.50 39.74
N ARG B 274 0.47 12.09 38.94
CA ARG B 274 1.16 11.35 37.91
C ARG B 274 2.65 11.35 38.23
N LEU B 275 3.20 10.16 38.42
CA LEU B 275 4.61 9.95 38.69
C LEU B 275 5.16 8.97 37.68
N HIS B 276 4.94 9.30 36.42
CA HIS B 276 5.31 8.45 35.26
C HIS B 276 6.79 8.71 34.99
N SER B 277 7.56 7.66 34.73
CA SER B 277 8.98 7.81 34.36
C SER B 277 9.75 8.67 35.36
N ASN B 278 9.80 8.17 36.59
CA ASN B 278 10.58 8.77 37.67
C ASN B 278 11.59 7.78 38.28
N SER B 279 11.78 6.62 37.65
CA SER B 279 12.73 5.60 38.11
C SER B 279 12.50 5.08 39.54
N LEU B 280 11.27 5.25 40.03
CA LEU B 280 10.90 4.84 41.37
C LEU B 280 11.07 3.34 41.57
N GLN B 281 11.70 2.96 42.70
CA GLN B 281 11.71 1.55 43.18
C GLN B 281 10.70 1.24 44.31
N HIS B 282 10.36 2.23 45.14
CA HIS B 282 9.47 2.00 46.29
C HIS B 282 8.40 3.04 46.24
N VAL B 283 7.20 2.67 46.65
CA VAL B 283 6.10 3.62 46.73
C VAL B 283 5.72 3.64 48.19
N PRO B 284 6.47 4.45 48.99
CA PRO B 284 6.33 4.43 50.43
C PRO B 284 4.94 4.90 50.86
N PRO B 285 4.18 4.05 51.60
CA PRO B 285 2.78 4.34 51.92
C PRO B 285 2.60 5.69 52.55
N ARG B 286 3.63 6.09 53.30
CA ARG B 286 3.62 7.36 53.97
C ARG B 286 3.28 8.56 53.07
N TRP B 287 3.63 8.51 51.77
CA TRP B 287 3.25 9.60 50.81
C TRP B 287 1.75 9.98 50.86
N PHE B 288 0.89 8.96 50.99
CA PHE B 288 -0.56 9.12 50.83
C PHE B 288 -1.37 9.29 52.11
N LYS B 289 -0.69 9.51 53.24
CA LYS B 289 -1.38 9.54 54.55
C LYS B 289 -2.51 10.59 54.58
N ASN B 290 -2.23 11.81 54.12
CA ASN B 290 -3.21 12.87 54.17
C ASN B 290 -3.95 13.14 52.84
N ILE B 291 -3.78 12.24 51.86
CA ILE B 291 -4.48 12.33 50.57
C ILE B 291 -5.63 11.33 50.55
N ASN B 292 -6.79 11.77 51.01
CA ASN B 292 -7.95 10.90 51.05
C ASN B 292 -8.47 10.64 49.63
N ASN B 293 -8.83 11.72 48.95
CA ASN B 293 -9.65 11.67 47.71
C ASN B 293 -8.95 11.40 46.39
N LEU B 294 -7.78 10.77 46.43
CA LEU B 294 -7.08 10.52 45.19
C LEU B 294 -7.93 9.63 44.26
N GLN B 295 -8.12 10.13 43.04
CA GLN B 295 -8.91 9.45 42.00
C GLN B 295 -8.05 8.75 40.93
N GLU B 296 -6.82 9.24 40.69
CA GLU B 296 -6.02 8.84 39.54
C GLU B 296 -4.53 8.81 39.85
N LEU B 297 -3.92 7.64 39.68
CA LEU B 297 -2.52 7.45 40.00
C LEU B 297 -1.80 6.77 38.86
N ASP B 298 -0.82 7.48 38.29
CA ASP B 298 -0.03 7.00 37.17
C ASP B 298 1.39 6.74 37.62
N LEU B 299 1.74 5.47 37.73
CA LEU B 299 3.04 5.03 38.16
C LEU B 299 3.73 4.23 37.07
N SER B 300 3.44 4.55 35.81
CA SER B 300 4.00 3.80 34.66
C SER B 300 5.44 4.22 34.39
N GLN B 301 6.21 3.33 33.80
CA GLN B 301 7.63 3.58 33.43
C GLN B 301 8.53 3.92 34.63
N ASN B 302 8.48 3.06 35.64
CA ASN B 302 9.35 3.12 36.82
C ASN B 302 9.98 1.74 37.01
N PHE B 303 10.52 1.40 38.18
CA PHE B 303 11.04 0.03 38.43
C PHE B 303 10.35 -0.59 39.63
N LEU B 304 9.07 -0.89 39.47
CA LEU B 304 8.22 -1.33 40.55
C LEU B 304 7.74 -2.78 40.40
N ALA B 305 8.52 -3.63 39.74
CA ALA B 305 8.11 -5.05 39.61
C ALA B 305 7.95 -5.69 41.00
N LYS B 306 8.99 -5.54 41.84
CA LYS B 306 8.99 -5.95 43.24
C LYS B 306 7.94 -5.22 44.04
N GLU B 307 7.93 -3.89 43.99
CA GLU B 307 6.93 -3.13 44.74
C GLU B 307 5.48 -3.58 44.49
N ILE B 308 5.17 -4.11 43.29
CA ILE B 308 3.82 -4.57 42.96
C ILE B 308 3.41 -5.79 43.81
N GLY B 309 4.37 -6.66 44.16
CA GLY B 309 4.15 -7.79 45.10
C GLY B 309 3.80 -7.37 46.53
N ASP B 310 4.62 -6.46 47.07
CA ASP B 310 4.36 -5.75 48.34
C ASP B 310 3.16 -4.78 48.18
N ALA B 311 3.41 -3.52 47.84
CA ALA B 311 2.34 -2.54 47.53
C ALA B 311 1.44 -2.19 48.72
N LYS B 312 2.06 -2.01 49.88
CA LYS B 312 1.33 -1.61 51.08
C LYS B 312 0.55 -0.31 50.90
N PHE B 313 1.07 0.62 50.11
CA PHE B 313 0.41 1.92 49.89
C PHE B 313 -1.05 1.83 49.37
N LEU B 314 -1.40 0.74 48.68
CA LEU B 314 -2.75 0.62 48.14
C LEU B 314 -3.82 0.64 49.23
N HIS B 315 -3.43 0.20 50.43
CA HIS B 315 -4.29 0.25 51.63
C HIS B 315 -4.82 1.66 51.93
N PHE B 316 -4.09 2.71 51.52
CA PHE B 316 -4.57 4.09 51.71
C PHE B 316 -5.27 4.72 50.50
N LEU B 317 -5.80 3.91 49.56
CA LEU B 317 -6.41 4.45 48.30
C LEU B 317 -7.82 3.90 47.99
N PRO B 318 -8.73 3.98 48.98
CA PRO B 318 -10.11 3.47 48.78
C PRO B 318 -11.00 4.28 47.81
N ASN B 319 -10.56 5.49 47.43
CA ASN B 319 -11.29 6.31 46.44
C ASN B 319 -10.77 6.20 44.98
N LEU B 320 -9.73 5.40 44.75
CA LEU B 320 -8.96 5.48 43.50
C LEU B 320 -9.68 4.82 42.33
N ILE B 321 -9.97 5.62 41.30
CA ILE B 321 -10.64 5.17 40.10
C ILE B 321 -9.64 4.53 39.11
N GLN B 322 -8.50 5.17 38.84
CA GLN B 322 -7.51 4.63 37.88
C GLN B 322 -6.16 4.46 38.49
N LEU B 323 -5.56 3.30 38.26
CA LEU B 323 -4.22 3.06 38.69
C LEU B 323 -3.44 2.53 37.48
N ASP B 324 -2.30 3.15 37.17
CA ASP B 324 -1.48 2.69 36.05
C ASP B 324 -0.15 2.20 36.54
N LEU B 325 0.14 0.92 36.33
CA LEU B 325 1.44 0.32 36.73
C LEU B 325 2.19 -0.32 35.53
N SER B 326 1.82 0.18 34.34
CA SER B 326 2.34 -0.32 33.09
C SER B 326 3.84 -0.01 32.99
N PHE B 327 4.56 -0.89 32.32
CA PHE B 327 5.99 -0.76 32.02
C PHE B 327 6.89 -0.54 33.24
N ASN B 328 6.80 -1.51 34.15
CA ASN B 328 7.66 -1.56 35.33
C ASN B 328 8.56 -2.80 35.37
N PHE B 329 8.63 -3.53 34.25
CA PHE B 329 9.47 -4.72 34.21
C PHE B 329 10.92 -4.46 34.58
N GLU B 330 11.56 -5.50 35.04
CA GLU B 330 12.99 -5.49 35.32
C GLU B 330 13.68 -5.85 34.01
N LEU B 331 14.75 -5.14 33.67
CA LEU B 331 15.42 -5.39 32.39
C LEU B 331 15.99 -6.78 32.43
N GLN B 332 15.92 -7.49 31.30
CA GLN B 332 16.49 -8.84 31.16
C GLN B 332 15.78 -9.94 31.94
N VAL B 333 14.55 -9.72 32.38
CA VAL B 333 13.88 -10.67 33.29
C VAL B 333 12.47 -11.06 32.85
N TYR B 334 12.34 -12.34 32.50
CA TYR B 334 11.08 -12.94 32.14
C TYR B 334 10.53 -13.72 33.36
N ARG B 335 9.77 -13.01 34.20
CA ARG B 335 9.06 -13.62 35.33
C ARG B 335 8.16 -14.76 34.86
N ALA B 336 8.09 -15.82 35.66
CA ALA B 336 7.24 -16.96 35.37
C ALA B 336 5.77 -16.68 35.63
N SER B 337 5.46 -15.63 36.39
CA SER B 337 4.05 -15.32 36.73
C SER B 337 3.90 -13.91 37.25
N MET B 338 2.67 -13.48 37.51
CA MET B 338 2.43 -12.13 38.01
C MET B 338 2.15 -12.08 39.53
N ASN B 339 3.18 -11.76 40.33
CA ASN B 339 3.05 -11.57 41.78
C ASN B 339 2.28 -10.25 42.05
N LEU B 340 0.94 -10.33 42.06
CA LEU B 340 0.07 -9.22 42.52
C LEU B 340 -0.18 -9.25 44.03
N SER B 341 -0.11 -8.11 44.71
CA SER B 341 -0.40 -8.03 46.17
C SER B 341 -1.84 -8.26 46.51
N GLN B 342 -2.08 -8.81 47.70
CA GLN B 342 -3.45 -8.83 48.24
C GLN B 342 -3.94 -7.42 48.48
N ALA B 343 -2.99 -6.50 48.69
CA ALA B 343 -3.29 -5.07 48.86
C ALA B 343 -4.34 -4.57 47.86
N PHE B 344 -4.20 -5.05 46.61
CA PHE B 344 -5.10 -4.66 45.52
C PHE B 344 -6.58 -4.70 45.90
N SER B 345 -6.97 -5.66 46.73
CA SER B 345 -8.35 -5.76 47.26
C SER B 345 -8.81 -4.52 48.03
N SER B 346 -7.88 -3.72 48.55
CA SER B 346 -8.23 -2.43 49.15
C SER B 346 -8.96 -1.51 48.18
N LEU B 347 -8.62 -1.61 46.89
CA LEU B 347 -8.98 -0.60 45.90
C LEU B 347 -10.43 -0.68 45.51
N LYS B 348 -11.28 -0.44 46.50
CA LYS B 348 -12.71 -0.66 46.40
C LYS B 348 -13.27 0.12 45.21
N SER B 349 -12.84 1.37 45.09
CA SER B 349 -13.40 2.26 44.06
C SER B 349 -12.88 2.05 42.63
N LEU B 350 -11.79 1.28 42.46
CA LEU B 350 -11.10 1.07 41.16
C LEU B 350 -12.01 0.66 39.98
N LYS B 351 -12.13 1.54 38.99
CA LYS B 351 -12.79 1.28 37.71
C LYS B 351 -11.81 0.82 36.63
N ILE B 352 -10.59 1.36 36.61
CA ILE B 352 -9.62 1.08 35.54
C ILE B 352 -8.27 0.69 36.14
N LEU B 353 -7.73 -0.46 35.76
CA LEU B 353 -6.40 -0.87 36.18
C LEU B 353 -5.56 -1.26 34.96
N ARG B 354 -4.33 -0.76 34.86
CA ARG B 354 -3.46 -1.11 33.76
C ARG B 354 -2.11 -1.56 34.24
N ILE B 355 -1.69 -2.74 33.79
CA ILE B 355 -0.41 -3.34 34.16
C ILE B 355 0.19 -3.98 32.89
N ARG B 356 0.45 -3.12 31.92
CA ARG B 356 1.16 -3.52 30.72
C ARG B 356 2.62 -3.66 31.07
N GLY B 357 3.38 -4.40 30.30
CA GLY B 357 4.82 -4.39 30.48
C GLY B 357 5.35 -4.72 31.86
N TYR B 358 4.68 -5.62 32.56
CA TYR B 358 5.25 -6.31 33.76
C TYR B 358 6.16 -7.46 33.31
N VAL B 359 5.76 -8.11 32.21
CA VAL B 359 6.56 -9.10 31.47
C VAL B 359 6.61 -10.45 32.18
N PHE B 360 5.62 -11.30 31.88
CA PHE B 360 5.55 -12.66 32.43
C PHE B 360 5.05 -13.72 31.46
N LYS B 361 5.37 -14.98 31.75
CA LYS B 361 5.10 -16.13 30.86
C LYS B 361 3.70 -16.74 30.98
N GLU B 362 3.24 -16.97 32.20
CA GLU B 362 1.99 -17.69 32.42
C GLU B 362 1.09 -16.90 33.34
N LEU B 363 -0.14 -16.64 32.87
CA LEU B 363 -1.19 -16.08 33.69
C LEU B 363 -2.10 -17.23 34.13
N LYS B 364 -2.27 -17.40 35.45
CA LYS B 364 -3.24 -18.37 36.03
C LYS B 364 -4.31 -17.63 36.83
N SER B 365 -5.47 -18.27 36.98
CA SER B 365 -6.69 -17.63 37.51
C SER B 365 -6.55 -16.99 38.89
N PHE B 366 -5.68 -17.59 39.71
CA PHE B 366 -5.43 -17.17 41.09
C PHE B 366 -4.64 -15.87 41.25
N GLN B 367 -3.73 -15.63 40.30
CA GLN B 367 -2.92 -14.41 40.30
C GLN B 367 -3.78 -13.17 40.26
N LEU B 368 -5.01 -13.30 39.75
CA LEU B 368 -5.99 -12.22 39.71
C LEU B 368 -6.94 -12.17 40.88
N SER B 369 -6.74 -13.06 41.87
CA SER B 369 -7.72 -13.19 42.98
C SER B 369 -7.82 -11.91 43.81
N PRO B 370 -6.69 -11.18 44.00
CA PRO B 370 -6.80 -9.88 44.70
C PRO B 370 -7.82 -8.90 44.15
N LEU B 371 -8.21 -9.05 42.89
CA LEU B 371 -9.16 -8.17 42.20
C LEU B 371 -10.61 -8.64 42.23
N HIS B 372 -10.86 -9.89 42.67
CA HIS B 372 -12.19 -10.55 42.52
C HIS B 372 -13.34 -9.75 43.11
N ASN B 373 -13.09 -9.04 44.21
CA ASN B 373 -14.14 -8.26 44.88
C ASN B 373 -14.24 -6.79 44.51
N LEU B 374 -13.40 -6.33 43.58
CA LEU B 374 -13.43 -4.94 43.15
C LEU B 374 -14.71 -4.72 42.35
N GLN B 375 -15.70 -4.13 43.02
CA GLN B 375 -17.09 -4.12 42.54
C GLN B 375 -17.25 -3.24 41.31
N ASN B 376 -16.53 -2.11 41.33
CA ASN B 376 -16.64 -1.09 40.28
C ASN B 376 -15.70 -1.29 39.08
N LEU B 377 -14.86 -2.33 39.12
CA LEU B 377 -13.84 -2.60 38.08
C LEU B 377 -14.45 -2.76 36.69
N GLU B 378 -13.94 -1.98 35.74
CA GLU B 378 -14.42 -1.96 34.34
C GLU B 378 -13.34 -2.38 33.33
N VAL B 379 -12.09 -1.98 33.57
CA VAL B 379 -11.01 -2.19 32.60
C VAL B 379 -9.82 -2.80 33.29
N LEU B 380 -9.42 -3.98 32.81
CA LEU B 380 -8.20 -4.65 33.24
C LEU B 380 -7.35 -4.84 31.99
N ASP B 381 -6.13 -4.30 32.04
CA ASP B 381 -5.26 -4.20 30.89
C ASP B 381 -3.94 -4.84 31.23
N LEU B 382 -3.72 -6.03 30.68
CA LEU B 382 -2.47 -6.75 30.85
C LEU B 382 -1.77 -6.93 29.51
N GLY B 383 -1.82 -5.84 28.70
CA GLY B 383 -1.25 -5.83 27.37
C GLY B 383 0.27 -5.89 27.36
N THR B 384 0.85 -6.36 26.27
CA THR B 384 2.30 -6.24 26.08
C THR B 384 3.02 -6.78 27.31
N ASN B 385 2.74 -8.05 27.61
CA ASN B 385 3.39 -8.78 28.71
C ASN B 385 4.09 -10.05 28.28
N PHE B 386 4.13 -10.33 26.98
CA PHE B 386 4.75 -11.51 26.43
C PHE B 386 4.24 -12.79 27.06
N ILE B 387 2.97 -12.76 27.45
CA ILE B 387 2.28 -13.87 28.07
C ILE B 387 2.18 -15.00 27.05
N LYS B 388 2.81 -16.14 27.32
CA LYS B 388 2.67 -17.34 26.45
C LYS B 388 1.51 -18.31 26.75
N ILE B 389 1.03 -18.35 27.99
CA ILE B 389 0.05 -19.37 28.42
C ILE B 389 -1.05 -18.70 29.22
N ALA B 390 -2.31 -18.97 28.87
CA ALA B 390 -3.44 -18.46 29.65
C ALA B 390 -4.77 -19.17 29.36
N ASN B 391 -5.37 -19.76 30.38
CA ASN B 391 -6.68 -20.36 30.27
C ASN B 391 -7.63 -19.17 30.31
N LEU B 392 -8.24 -18.92 29.18
CA LEU B 392 -9.12 -17.78 29.02
C LEU B 392 -10.40 -17.92 29.81
N SER B 393 -10.75 -19.14 30.23
CA SER B 393 -11.99 -19.35 30.99
C SER B 393 -11.94 -18.61 32.31
N MET B 394 -10.73 -18.40 32.85
CA MET B 394 -10.49 -17.59 34.06
C MET B 394 -11.31 -16.32 34.12
N PHE B 395 -11.64 -15.75 32.96
CA PHE B 395 -12.41 -14.51 32.91
C PHE B 395 -13.90 -14.70 33.15
N LYS B 396 -14.34 -15.94 33.41
CA LYS B 396 -15.69 -16.21 33.95
C LYS B 396 -16.06 -15.37 35.18
N GLN B 397 -15.04 -15.09 36.01
CA GLN B 397 -15.20 -14.26 37.22
C GLN B 397 -15.52 -12.79 36.88
N PHE B 398 -15.12 -12.35 35.67
CA PHE B 398 -15.11 -10.94 35.29
C PHE B 398 -16.20 -10.57 34.27
N LYS B 399 -17.37 -11.18 34.39
CA LYS B 399 -18.56 -10.80 33.59
C LYS B 399 -18.95 -9.33 33.72
N ARG B 400 -18.61 -8.67 34.82
CA ARG B 400 -19.03 -7.27 35.05
C ARG B 400 -18.10 -6.25 34.37
N LEU B 401 -16.87 -6.68 34.03
CA LEU B 401 -15.85 -5.83 33.34
C LEU B 401 -16.24 -5.48 31.92
N LYS B 402 -16.18 -4.17 31.60
CA LYS B 402 -16.40 -3.65 30.23
C LYS B 402 -15.36 -4.10 29.20
N VAL B 403 -14.08 -4.18 29.62
CA VAL B 403 -12.92 -4.49 28.75
C VAL B 403 -11.85 -5.31 29.48
N ILE B 404 -11.38 -6.39 28.83
CA ILE B 404 -10.30 -7.21 29.33
C ILE B 404 -9.29 -7.25 28.21
N ASP B 405 -8.17 -6.56 28.39
CA ASP B 405 -7.24 -6.32 27.32
C ASP B 405 -6.01 -7.17 27.46
N LEU B 406 -5.87 -8.19 26.60
CA LEU B 406 -4.64 -8.95 26.53
C LEU B 406 -3.95 -8.71 25.20
N SER B 407 -4.11 -7.49 24.66
CA SER B 407 -3.52 -7.16 23.37
C SER B 407 -1.99 -7.13 23.41
N VAL B 408 -1.37 -7.66 22.36
CA VAL B 408 0.08 -7.71 22.25
C VAL B 408 0.61 -8.67 23.30
N ASN B 409 0.46 -9.95 23.00
CA ASN B 409 1.03 -10.99 23.82
C ASN B 409 1.48 -12.16 22.93
N LYS B 410 1.78 -13.29 23.54
CA LYS B 410 2.32 -14.42 22.82
C LYS B 410 1.56 -15.71 23.15
N ILE B 411 0.33 -15.52 23.63
CA ILE B 411 -0.63 -16.57 23.88
C ILE B 411 -0.77 -17.48 22.65
N SER B 412 -0.81 -18.79 22.87
CA SER B 412 -1.20 -19.77 21.81
C SER B 412 -1.69 -21.11 22.39
N PRO B 413 -3.03 -21.36 22.35
CA PRO B 413 -3.52 -22.72 22.69
C PRO B 413 -3.28 -23.73 21.56
N LEU B 441 1.35 4.63 19.92
CA LEU B 441 2.29 5.14 20.93
C LEU B 441 1.52 5.85 22.07
N TYR B 442 1.92 5.60 23.32
CA TYR B 442 1.22 6.11 24.53
C TYR B 442 2.12 6.06 25.77
N TYR B 443 2.52 4.86 26.20
CA TYR B 443 3.45 4.75 27.32
C TYR B 443 4.87 5.23 26.96
N PHE B 444 5.18 5.28 25.66
CA PHE B 444 6.48 5.72 25.21
C PHE B 444 6.49 7.08 24.53
N ARG B 445 5.41 7.84 24.65
CA ARG B 445 5.43 9.24 24.21
C ARG B 445 6.39 10.10 25.04
N TYR B 446 6.96 11.17 24.49
CA TYR B 446 7.71 12.15 25.29
C TYR B 446 6.68 13.02 26.05
N ASP B 447 5.76 13.64 25.33
CA ASP B 447 4.75 14.47 25.95
C ASP B 447 3.40 14.16 25.30
N LYS B 448 2.70 13.21 25.87
CA LYS B 448 1.40 12.82 25.34
C LYS B 448 0.36 13.93 25.39
N TYR B 449 0.55 14.97 26.22
CA TYR B 449 -0.41 16.08 26.31
C TYR B 449 -0.03 17.25 25.45
N ALA B 450 1.03 17.12 24.68
CA ALA B 450 1.50 18.24 23.87
C ALA B 450 0.42 18.74 22.90
N ARG B 451 0.42 20.03 22.68
CA ARG B 451 -0.59 20.70 21.91
C ARG B 451 -0.05 20.94 20.49
N SER B 452 -0.94 20.92 19.49
CA SER B 452 -0.53 21.15 18.08
C SER B 452 -0.62 22.63 17.72
N CYS B 453 -0.11 23.03 16.55
CA CYS B 453 -0.36 24.42 16.07
C CYS B 453 -1.84 24.63 15.60
N ARG B 454 -2.51 23.61 15.05
CA ARG B 454 -3.96 23.72 14.63
C ARG B 454 -5.01 24.07 15.74
N SER B 468 -14.04 0.74 16.79
CA SER B 468 -14.04 0.15 18.14
C SER B 468 -15.35 -0.61 18.49
N CYS B 469 -15.26 -1.51 19.47
CA CYS B 469 -16.40 -2.35 19.86
C CYS B 469 -16.71 -2.40 21.35
N TYR B 470 -16.26 -1.40 22.09
CA TYR B 470 -16.51 -1.33 23.50
C TYR B 470 -17.98 -1.10 23.77
N LYS B 471 -18.60 -0.28 22.93
CA LYS B 471 -20.02 0.00 22.99
C LYS B 471 -20.95 -1.21 22.81
N TYR B 472 -20.47 -2.31 22.25
CA TYR B 472 -21.28 -3.55 22.17
C TYR B 472 -21.46 -4.29 23.52
N GLY B 473 -20.57 -3.99 24.48
CA GLY B 473 -20.62 -4.51 25.83
C GLY B 473 -19.30 -5.16 26.16
N GLN B 474 -19.32 -6.08 27.12
CA GLN B 474 -18.13 -6.81 27.56
C GLN B 474 -17.22 -7.22 26.40
N THR B 475 -15.94 -6.93 26.51
CA THR B 475 -15.00 -7.13 25.42
C THR B 475 -13.77 -7.84 25.88
N LEU B 476 -13.34 -8.83 25.10
CA LEU B 476 -12.07 -9.55 25.36
C LEU B 476 -11.17 -9.40 24.13
N ASP B 477 -10.09 -8.65 24.30
CA ASP B 477 -9.19 -8.30 23.23
C ASP B 477 -8.02 -9.23 23.29
N LEU B 478 -8.02 -10.17 22.38
CA LEU B 478 -6.89 -11.05 22.20
C LEU B 478 -6.04 -10.67 20.98
N SER B 479 -6.06 -9.39 20.58
CA SER B 479 -5.33 -8.99 19.38
C SER B 479 -3.83 -9.17 19.48
N LYS B 480 -3.22 -9.41 18.32
CA LYS B 480 -1.79 -9.44 18.20
C LYS B 480 -1.30 -10.41 19.24
N ASN B 481 -1.64 -11.66 19.01
CA ASN B 481 -1.21 -12.78 19.83
C ASN B 481 -0.75 -13.87 18.88
N SER B 482 -0.33 -15.03 19.36
CA SER B 482 0.11 -16.11 18.46
C SER B 482 -0.90 -17.27 18.38
N ILE B 483 -2.20 -16.99 18.53
CA ILE B 483 -3.22 -18.04 18.43
C ILE B 483 -3.34 -18.61 16.98
N PHE B 484 -2.75 -19.77 16.71
CA PHE B 484 -2.82 -20.43 15.37
C PHE B 484 -4.09 -21.30 15.13
N PHE B 485 -4.56 -22.02 16.13
CA PHE B 485 -5.75 -22.89 16.03
C PHE B 485 -6.76 -22.43 17.08
N ILE B 486 -8.04 -22.67 16.85
CA ILE B 486 -9.04 -22.46 17.88
C ILE B 486 -10.08 -23.60 17.92
N LYS B 487 -10.79 -23.70 19.04
CA LYS B 487 -11.88 -24.66 19.22
C LYS B 487 -12.81 -24.23 20.35
N SER B 488 -13.99 -24.84 20.42
CA SER B 488 -15.05 -24.42 21.35
C SER B 488 -14.61 -24.30 22.81
N SER B 489 -13.80 -25.26 23.25
CA SER B 489 -13.37 -25.36 24.66
C SER B 489 -12.62 -24.10 25.12
N ASP B 490 -11.77 -23.54 24.24
CA ASP B 490 -11.07 -22.26 24.46
C ASP B 490 -11.99 -21.12 24.91
N PHE B 491 -13.25 -21.12 24.50
CA PHE B 491 -14.21 -20.08 24.91
C PHE B 491 -15.25 -20.53 25.94
N GLN B 492 -14.99 -21.66 26.61
CA GLN B 492 -15.93 -22.21 27.59
C GLN B 492 -15.98 -21.33 28.86
N HIS B 493 -17.22 -21.05 29.29
CA HIS B 493 -17.55 -20.14 30.39
C HIS B 493 -17.48 -18.66 30.00
N LEU B 494 -17.32 -18.38 28.71
CA LEU B 494 -17.25 -17.00 28.23
C LEU B 494 -18.51 -16.54 27.48
N SER B 495 -19.59 -17.32 27.54
CA SER B 495 -20.86 -16.95 26.85
C SER B 495 -21.41 -15.52 27.11
N PHE B 496 -20.88 -14.85 28.12
CA PHE B 496 -21.22 -13.45 28.37
C PHE B 496 -20.65 -12.40 27.36
N LEU B 497 -19.53 -12.72 26.71
CA LEU B 497 -18.82 -11.79 25.80
C LEU B 497 -19.70 -11.20 24.67
N LYS B 498 -19.64 -9.88 24.52
CA LYS B 498 -20.32 -9.18 23.42
C LYS B 498 -19.41 -8.97 22.19
N CYS B 499 -18.19 -8.46 22.42
CA CYS B 499 -17.16 -8.31 21.37
C CYS B 499 -15.91 -9.15 21.68
N LEU B 500 -15.48 -9.95 20.73
CA LEU B 500 -14.20 -10.65 20.80
C LEU B 500 -13.29 -10.13 19.67
N ASN B 501 -12.08 -9.69 20.05
CA ASN B 501 -11.11 -9.18 19.11
C ASN B 501 -10.02 -10.19 18.96
N LEU B 502 -10.02 -10.88 17.83
CA LEU B 502 -8.94 -11.80 17.49
C LEU B 502 -7.99 -11.24 16.42
N SER B 503 -8.04 -9.93 16.18
CA SER B 503 -7.28 -9.33 15.08
C SER B 503 -5.78 -9.64 15.22
N GLY B 504 -5.10 -9.94 14.13
CA GLY B 504 -3.64 -10.07 14.20
C GLY B 504 -3.11 -11.32 14.89
N ASN B 505 -3.88 -12.39 14.83
CA ASN B 505 -3.39 -13.66 15.21
C ASN B 505 -2.91 -14.48 14.00
N LEU B 506 -2.51 -15.72 14.29
CA LEU B 506 -2.01 -16.66 13.30
C LEU B 506 -3.10 -17.49 12.56
N ILE B 507 -4.39 -17.22 12.81
CA ILE B 507 -5.42 -18.24 12.58
C ILE B 507 -5.61 -18.66 11.13
N SER B 508 -5.15 -19.87 10.83
CA SER B 508 -4.99 -20.39 9.49
C SER B 508 -5.90 -21.62 9.24
N GLN B 509 -7.16 -21.50 9.64
CA GLN B 509 -8.00 -22.65 9.91
C GLN B 509 -9.28 -22.68 9.08
N THR B 510 -9.71 -23.87 8.70
CA THR B 510 -10.93 -24.04 7.91
C THR B 510 -12.15 -24.03 8.78
N LEU B 511 -12.43 -22.87 9.38
CA LEU B 511 -13.60 -22.65 10.21
C LEU B 511 -14.84 -23.33 9.63
N ASN B 512 -15.43 -24.25 10.41
CA ASN B 512 -16.59 -25.08 10.00
C ASN B 512 -17.90 -24.79 10.73
N GLY B 513 -17.93 -23.81 11.63
CA GLY B 513 -19.12 -23.57 12.47
C GLY B 513 -19.10 -24.17 13.90
N SER B 514 -18.03 -24.89 14.26
CA SER B 514 -17.92 -25.55 15.53
C SER B 514 -16.90 -24.89 16.47
N GLU B 515 -16.50 -23.64 16.21
CA GLU B 515 -15.33 -23.08 16.92
C GLU B 515 -15.63 -22.09 18.02
N PHE B 516 -16.67 -21.29 17.86
CA PHE B 516 -17.04 -20.26 18.83
C PHE B 516 -18.39 -20.62 19.48
N GLN B 517 -18.70 -21.92 19.50
CA GLN B 517 -20.05 -22.42 19.84
C GLN B 517 -20.55 -21.92 21.20
N PRO B 518 -19.64 -21.72 22.20
CA PRO B 518 -20.08 -21.10 23.45
C PRO B 518 -20.51 -19.62 23.45
N LEU B 519 -20.31 -18.88 22.35
CA LEU B 519 -20.42 -17.41 22.37
C LEU B 519 -21.74 -16.87 21.82
N ALA B 520 -22.85 -17.38 22.33
CA ALA B 520 -24.17 -17.02 21.80
C ALA B 520 -24.68 -15.61 22.16
N GLU B 521 -23.95 -14.87 23.00
CA GLU B 521 -24.30 -13.45 23.23
C GLU B 521 -23.48 -12.49 22.31
N LEU B 522 -22.45 -13.03 21.63
CA LEU B 522 -21.51 -12.27 20.77
C LEU B 522 -22.17 -11.47 19.64
N ARG B 523 -21.90 -10.19 19.66
CA ARG B 523 -22.42 -9.24 18.70
C ARG B 523 -21.39 -8.78 17.66
N TYR B 524 -20.09 -8.88 17.99
CA TYR B 524 -19.03 -8.28 17.20
C TYR B 524 -17.85 -9.24 17.25
N LEU B 525 -17.40 -9.68 16.09
CA LEU B 525 -16.16 -10.43 16.00
C LEU B 525 -15.19 -9.70 15.06
N ASP B 526 -14.07 -9.23 15.59
CA ASP B 526 -13.02 -8.70 14.73
C ASP B 526 -12.07 -9.87 14.47
N PHE B 527 -12.20 -10.47 13.29
CA PHE B 527 -11.32 -11.53 12.83
C PHE B 527 -10.28 -11.02 11.80
N SER B 528 -9.88 -9.75 11.86
CA SER B 528 -9.03 -9.18 10.81
C SER B 528 -7.57 -9.57 10.97
N ASN B 529 -6.77 -9.41 9.94
CA ASN B 529 -5.31 -9.72 10.01
C ASN B 529 -5.16 -11.15 10.53
N ASN B 530 -5.88 -12.05 9.90
CA ASN B 530 -5.77 -13.46 10.18
C ASN B 530 -5.53 -14.20 8.88
N ARG B 531 -5.60 -15.53 8.88
CA ARG B 531 -5.52 -16.30 7.64
C ARG B 531 -6.71 -17.23 7.39
N LEU B 532 -7.90 -16.66 7.57
CA LEU B 532 -9.13 -17.38 7.34
C LEU B 532 -9.01 -18.17 6.05
N ASP B 533 -9.44 -19.40 6.12
CA ASP B 533 -9.60 -20.26 4.97
C ASP B 533 -11.08 -20.55 4.76
N LEU B 534 -11.70 -19.78 3.86
CA LEU B 534 -13.14 -19.89 3.63
C LEU B 534 -13.51 -21.14 2.74
N LEU B 535 -13.23 -22.34 3.25
CA LEU B 535 -13.59 -23.56 2.55
C LEU B 535 -15.07 -23.89 2.77
N HIS B 536 -15.55 -23.75 4.01
CA HIS B 536 -16.91 -24.11 4.36
C HIS B 536 -17.78 -22.85 4.40
N SER B 537 -18.93 -22.91 3.76
CA SER B 537 -19.96 -21.88 3.90
C SER B 537 -20.57 -21.81 5.30
N THR B 538 -20.28 -22.77 6.17
CA THR B 538 -20.79 -22.73 7.54
C THR B 538 -19.91 -21.93 8.51
N ALA B 539 -18.81 -21.37 8.02
CA ALA B 539 -17.93 -20.56 8.86
C ALA B 539 -18.75 -19.48 9.52
N PHE B 540 -18.56 -19.32 10.83
CA PHE B 540 -19.27 -18.30 11.64
C PHE B 540 -20.79 -18.47 11.90
N GLU B 541 -21.43 -19.56 11.44
CA GLU B 541 -22.92 -19.73 11.60
C GLU B 541 -23.39 -19.92 13.05
N GLU B 542 -22.53 -20.50 13.89
CA GLU B 542 -22.78 -20.60 15.31
C GLU B 542 -23.02 -19.28 16.01
N LEU B 543 -22.43 -18.20 15.54
CA LEU B 543 -22.53 -16.92 16.26
C LEU B 543 -23.86 -16.24 15.97
N ARG B 544 -24.93 -16.82 16.48
CA ARG B 544 -26.28 -16.44 16.04
C ARG B 544 -26.70 -15.06 16.44
N LYS B 545 -25.99 -14.41 17.37
CA LYS B 545 -26.29 -13.01 17.70
C LYS B 545 -25.40 -11.96 16.97
N LEU B 546 -24.64 -12.41 15.94
CA LEU B 546 -23.60 -11.60 15.31
C LEU B 546 -24.15 -10.44 14.46
N GLU B 547 -23.87 -9.22 14.92
CA GLU B 547 -24.25 -8.00 14.22
C GLU B 547 -23.16 -7.50 13.24
N VAL B 548 -21.89 -7.78 13.52
CA VAL B 548 -20.77 -7.19 12.78
C VAL B 548 -19.68 -8.21 12.71
N LEU B 549 -19.16 -8.45 11.50
CA LEU B 549 -18.01 -9.37 11.29
C LEU B 549 -16.90 -8.70 10.46
N ASP B 550 -15.67 -8.78 10.96
CA ASP B 550 -14.54 -8.26 10.24
C ASP B 550 -13.62 -9.36 9.83
N ILE B 551 -13.66 -9.70 8.55
CA ILE B 551 -12.64 -10.62 8.00
C ILE B 551 -11.64 -9.90 7.06
N SER B 552 -11.45 -8.60 7.27
CA SER B 552 -10.47 -7.86 6.49
C SER B 552 -9.00 -8.37 6.64
N SER B 553 -8.18 -8.13 5.64
CA SER B 553 -6.76 -8.47 5.67
C SER B 553 -6.58 -9.91 6.07
N ASN B 554 -7.37 -10.80 5.47
CA ASN B 554 -7.21 -12.24 5.52
C ASN B 554 -6.92 -12.70 4.11
N SER B 555 -5.98 -12.03 3.45
CA SER B 555 -5.72 -12.31 2.06
C SER B 555 -4.94 -13.60 1.79
N HIS B 556 -4.19 -14.10 2.79
CA HIS B 556 -3.17 -15.15 2.54
C HIS B 556 -3.64 -16.22 1.56
N TYR B 557 -4.73 -16.90 1.93
CA TYR B 557 -5.18 -18.06 1.16
C TYR B 557 -5.94 -17.66 -0.12
N PHE B 558 -6.37 -16.40 -0.23
CA PHE B 558 -6.90 -15.90 -1.52
C PHE B 558 -5.83 -15.58 -2.56
N GLN B 559 -4.55 -15.57 -2.20
CA GLN B 559 -3.50 -15.25 -3.15
C GLN B 559 -3.00 -16.42 -3.97
N SER B 560 -3.48 -17.63 -3.70
CA SER B 560 -2.94 -18.84 -4.35
C SER B 560 -4.04 -19.53 -5.16
N GLU B 561 -3.73 -19.92 -6.40
CA GLU B 561 -4.72 -20.52 -7.31
C GLU B 561 -5.11 -21.94 -6.89
N GLY B 562 -6.31 -22.36 -7.25
CA GLY B 562 -6.81 -23.72 -7.00
C GLY B 562 -7.55 -23.94 -5.70
N ILE B 563 -7.65 -22.89 -4.89
CA ILE B 563 -8.18 -22.98 -3.51
C ILE B 563 -9.65 -22.57 -3.42
N THR B 564 -10.47 -23.46 -2.88
CA THR B 564 -11.92 -23.30 -2.92
C THR B 564 -12.26 -22.31 -1.86
N HIS B 565 -12.95 -21.24 -2.23
CA HIS B 565 -13.42 -20.23 -1.28
C HIS B 565 -14.96 -20.15 -1.43
N MET B 566 -15.68 -19.82 -0.36
CA MET B 566 -17.16 -19.81 -0.37
C MET B 566 -17.70 -18.51 0.22
N LEU B 567 -17.88 -17.52 -0.62
CA LEU B 567 -18.33 -16.21 -0.13
C LEU B 567 -19.79 -16.21 0.28
N ASN B 568 -20.48 -17.35 0.13
CA ASN B 568 -21.90 -17.45 0.45
C ASN B 568 -22.22 -17.78 1.91
N PHE B 569 -21.18 -17.84 2.74
CA PHE B 569 -21.33 -17.96 4.20
C PHE B 569 -22.26 -16.99 4.96
N THR B 570 -22.78 -15.96 4.30
CA THR B 570 -23.59 -14.93 4.97
C THR B 570 -25.10 -15.18 5.05
N LYS B 571 -25.59 -16.21 4.36
CA LYS B 571 -27.02 -16.60 4.45
C LYS B 571 -27.37 -17.02 5.87
N ASN B 572 -26.50 -17.88 6.41
CA ASN B 572 -26.60 -18.37 7.80
C ASN B 572 -26.71 -17.31 8.92
N LEU B 573 -26.17 -16.09 8.73
CA LEU B 573 -26.01 -15.12 9.81
C LEU B 573 -27.14 -14.12 9.77
N LYS B 574 -28.21 -14.42 10.50
CA LYS B 574 -29.53 -13.81 10.31
C LYS B 574 -29.74 -12.44 10.95
N VAL B 575 -28.80 -11.99 11.79
CA VAL B 575 -28.85 -10.61 12.31
C VAL B 575 -27.70 -9.70 11.82
N LEU B 576 -26.78 -10.23 11.02
CA LEU B 576 -25.60 -9.50 10.54
C LEU B 576 -25.98 -8.19 9.85
N GLN B 577 -25.62 -7.06 10.49
CA GLN B 577 -25.78 -5.74 9.91
C GLN B 577 -24.57 -5.34 9.05
N LYS B 578 -23.35 -5.70 9.44
CA LYS B 578 -22.15 -5.16 8.79
C LYS B 578 -21.05 -6.18 8.59
N LEU B 579 -20.51 -6.19 7.37
CA LEU B 579 -19.45 -7.14 7.04
C LEU B 579 -18.30 -6.37 6.40
N MET B 580 -17.09 -6.60 6.88
CA MET B 580 -15.92 -5.97 6.32
C MET B 580 -15.03 -7.08 5.80
N MET B 581 -14.78 -7.04 4.51
CA MET B 581 -13.84 -7.98 3.93
C MET B 581 -12.88 -7.26 3.00
N ASN B 582 -12.36 -6.18 3.55
CA ASN B 582 -11.40 -5.34 2.87
C ASN B 582 -10.03 -5.97 2.81
N ASP B 583 -9.31 -5.68 1.73
CA ASP B 583 -7.90 -6.09 1.58
C ASP B 583 -7.68 -7.57 1.64
N ASN B 584 -8.57 -8.31 0.99
CA ASN B 584 -8.46 -9.76 0.95
C ASN B 584 -7.95 -10.30 -0.37
N ASP B 585 -7.74 -9.44 -1.37
CA ASP B 585 -7.22 -9.87 -2.71
C ASP B 585 -8.10 -10.91 -3.46
N ILE B 586 -9.39 -10.87 -3.15
CA ILE B 586 -10.32 -11.89 -3.56
C ILE B 586 -10.48 -11.79 -5.07
N SER B 587 -10.01 -12.80 -5.79
CA SER B 587 -10.14 -12.84 -7.23
C SER B 587 -10.78 -14.14 -7.77
N SER B 588 -11.29 -14.97 -6.87
CA SER B 588 -11.77 -16.28 -7.20
C SER B 588 -12.78 -16.65 -6.14
N SER B 589 -13.89 -17.24 -6.56
CA SER B 589 -14.92 -17.67 -5.63
C SER B 589 -15.75 -18.79 -6.25
N THR B 590 -16.01 -19.81 -5.45
CA THR B 590 -16.64 -21.02 -5.94
C THR B 590 -18.13 -20.79 -6.03
N SER B 591 -18.71 -20.19 -5.00
CA SER B 591 -20.06 -19.67 -5.09
C SER B 591 -20.03 -18.40 -5.91
N ARG B 592 -21.20 -18.01 -6.42
CA ARG B 592 -21.36 -16.91 -7.34
C ARG B 592 -22.25 -15.82 -6.81
N THR B 593 -22.89 -16.07 -5.68
CA THR B 593 -23.70 -15.06 -5.02
C THR B 593 -23.41 -15.02 -3.52
N MET B 594 -23.69 -13.88 -2.92
CA MET B 594 -23.71 -13.71 -1.49
C MET B 594 -25.16 -13.35 -1.20
N GLU B 595 -25.75 -14.01 -0.20
CA GLU B 595 -27.16 -13.77 0.14
C GLU B 595 -27.24 -13.31 1.58
N SER B 596 -28.12 -12.37 1.85
CA SER B 596 -28.48 -12.07 3.21
C SER B 596 -29.74 -11.22 3.25
N GLU B 597 -30.53 -11.46 4.29
CA GLU B 597 -31.78 -10.78 4.52
C GLU B 597 -31.57 -9.57 5.43
N SER B 598 -30.42 -9.53 6.09
CA SER B 598 -30.15 -8.55 7.16
C SER B 598 -29.07 -7.48 6.83
N LEU B 599 -28.07 -7.85 6.01
CA LEU B 599 -26.85 -7.04 5.81
C LEU B 599 -27.13 -5.67 5.23
N ARG B 600 -26.77 -4.65 6.00
CA ARG B 600 -26.93 -3.25 5.57
C ARG B 600 -25.65 -2.66 4.94
N THR B 601 -24.46 -3.14 5.33
CA THR B 601 -23.20 -2.53 4.96
C THR B 601 -22.19 -3.60 4.59
N LEU B 602 -21.62 -3.49 3.40
CA LEU B 602 -20.53 -4.40 3.00
C LEU B 602 -19.35 -3.61 2.51
N GLU B 603 -18.23 -3.79 3.18
CA GLU B 603 -16.98 -3.18 2.76
C GLU B 603 -16.15 -4.24 2.04
N PHE B 604 -15.88 -3.96 0.75
CA PHE B 604 -15.22 -4.91 -0.15
C PHE B 604 -14.04 -4.24 -0.83
N ARG B 605 -13.37 -3.32 -0.13
CA ARG B 605 -12.29 -2.57 -0.76
C ARG B 605 -11.05 -3.47 -0.87
N GLY B 606 -10.14 -3.16 -1.77
CA GLY B 606 -8.86 -3.87 -1.82
C GLY B 606 -8.99 -5.33 -2.24
N ASN B 607 -9.87 -5.63 -3.18
CA ASN B 607 -10.05 -6.98 -3.73
C ASN B 607 -9.89 -6.92 -5.24
N HIS B 608 -10.14 -8.02 -5.95
CA HIS B 608 -10.07 -8.02 -7.42
C HIS B 608 -11.41 -8.23 -8.14
N LEU B 609 -12.39 -7.37 -7.88
CA LEU B 609 -13.59 -7.39 -8.70
C LEU B 609 -13.25 -7.21 -10.18
N ASP B 610 -12.09 -6.66 -10.48
CA ASP B 610 -11.64 -6.57 -11.88
C ASP B 610 -11.45 -7.93 -12.52
N VAL B 611 -11.01 -8.90 -11.76
CA VAL B 611 -10.86 -10.25 -12.29
C VAL B 611 -12.22 -10.95 -12.33
N LEU B 612 -12.95 -10.92 -11.21
CA LEU B 612 -14.28 -11.50 -11.15
C LEU B 612 -15.24 -10.98 -12.21
N TRP B 613 -15.16 -9.70 -12.55
CA TRP B 613 -16.00 -9.10 -13.61
C TRP B 613 -15.27 -8.87 -14.92
N ARG B 614 -14.25 -9.69 -15.21
CA ARG B 614 -13.50 -9.63 -16.47
C ARG B 614 -14.51 -9.61 -17.66
N ASP B 615 -14.29 -8.76 -18.66
CA ASP B 615 -15.26 -8.62 -19.78
C ASP B 615 -15.54 -9.96 -20.48
N GLY B 616 -16.84 -10.27 -20.68
CA GLY B 616 -17.27 -11.55 -21.20
C GLY B 616 -17.48 -12.65 -20.16
N ASP B 617 -17.23 -12.38 -18.89
CA ASP B 617 -17.54 -13.34 -17.85
C ASP B 617 -18.70 -12.78 -17.04
N ASN B 618 -19.87 -13.35 -17.25
CA ASN B 618 -21.10 -12.98 -16.57
C ASN B 618 -21.29 -13.65 -15.22
N ARG B 619 -20.46 -14.62 -14.85
CA ARG B 619 -20.77 -15.44 -13.71
C ARG B 619 -20.97 -14.69 -12.41
N TYR B 620 -20.22 -13.58 -12.22
CA TYR B 620 -20.21 -12.86 -10.93
C TYR B 620 -20.95 -11.55 -10.95
N LEU B 621 -21.66 -11.24 -12.03
CA LEU B 621 -22.37 -9.96 -12.09
C LEU B 621 -23.48 -9.78 -11.07
N GLN B 622 -23.85 -10.85 -10.36
CA GLN B 622 -24.96 -10.83 -9.41
C GLN B 622 -24.46 -11.18 -8.02
N LEU B 623 -23.16 -10.97 -7.81
CA LEU B 623 -22.48 -11.35 -6.59
C LEU B 623 -23.10 -10.72 -5.36
N PHE B 624 -23.52 -9.47 -5.50
CA PHE B 624 -24.11 -8.71 -4.41
C PHE B 624 -25.64 -8.56 -4.53
N LYS B 625 -26.25 -9.07 -5.61
CA LYS B 625 -27.71 -8.88 -5.84
C LYS B 625 -28.58 -9.32 -4.68
N ASN B 626 -28.26 -10.48 -4.12
CA ASN B 626 -29.10 -11.08 -3.08
C ASN B 626 -28.78 -10.63 -1.64
N LEU B 627 -27.96 -9.58 -1.51
CA LEU B 627 -27.79 -8.86 -0.26
C LEU B 627 -28.95 -7.87 -0.25
N LEU B 628 -30.10 -8.34 0.18
CA LEU B 628 -31.36 -7.63 -0.11
C LEU B 628 -31.58 -6.33 0.66
N LYS B 629 -31.00 -6.21 1.86
CA LYS B 629 -31.13 -4.96 2.62
C LYS B 629 -29.96 -3.97 2.42
N LEU B 630 -29.01 -4.28 1.53
CA LEU B 630 -27.72 -3.57 1.47
C LEU B 630 -27.94 -2.12 1.11
N GLU B 631 -27.52 -1.26 2.00
CA GLU B 631 -27.63 0.17 1.81
C GLU B 631 -26.29 0.75 1.37
N GLU B 632 -25.18 0.09 1.68
CA GLU B 632 -23.86 0.68 1.56
C GLU B 632 -22.81 -0.31 1.10
N LEU B 633 -22.20 -0.03 -0.04
CA LEU B 633 -21.26 -0.94 -0.69
C LEU B 633 -20.01 -0.15 -0.99
N ASP B 634 -18.90 -0.60 -0.42
CA ASP B 634 -17.60 -0.02 -0.72
C ASP B 634 -16.78 -0.93 -1.63
N ILE B 635 -16.74 -0.59 -2.91
CA ILE B 635 -15.92 -1.37 -3.85
C ILE B 635 -14.77 -0.52 -4.43
N SER B 636 -14.24 0.35 -3.58
CA SER B 636 -13.07 1.14 -3.92
C SER B 636 -11.84 0.23 -3.97
N LYS B 637 -10.78 0.68 -4.63
CA LYS B 637 -9.55 -0.10 -4.75
C LYS B 637 -9.80 -1.54 -5.17
N ASN B 638 -10.47 -1.74 -6.29
CA ASN B 638 -10.59 -3.06 -6.94
C ASN B 638 -9.99 -3.05 -8.35
N SER B 639 -9.11 -2.09 -8.59
CA SER B 639 -8.44 -1.92 -9.87
C SER B 639 -9.37 -2.15 -11.07
N LEU B 640 -10.53 -1.51 -10.96
CA LEU B 640 -11.55 -1.45 -12.00
C LEU B 640 -11.28 -0.31 -12.95
N SER B 641 -10.81 -0.66 -14.14
CA SER B 641 -10.57 0.33 -15.16
C SER B 641 -11.83 0.65 -15.90
N PHE B 642 -12.79 -0.27 -15.91
CA PHE B 642 -14.17 0.00 -16.37
C PHE B 642 -15.19 -0.92 -15.65
N LEU B 643 -16.48 -0.67 -15.90
CA LEU B 643 -17.58 -1.48 -15.37
C LEU B 643 -18.33 -2.09 -16.53
N PRO B 644 -18.43 -3.43 -16.56
CA PRO B 644 -19.22 -4.00 -17.66
C PRO B 644 -20.70 -3.79 -17.41
N SER B 645 -21.45 -3.82 -18.50
CA SER B 645 -22.88 -3.73 -18.44
C SER B 645 -23.33 -4.97 -17.67
N GLY B 646 -24.23 -4.75 -16.72
CA GLY B 646 -24.69 -5.79 -15.86
C GLY B 646 -24.36 -5.53 -14.41
N VAL B 647 -23.31 -4.74 -14.16
CA VAL B 647 -22.85 -4.49 -12.79
C VAL B 647 -23.84 -3.73 -11.95
N PHE B 648 -24.49 -2.73 -12.56
CA PHE B 648 -25.49 -1.91 -11.90
C PHE B 648 -26.87 -2.57 -11.85
N ASP B 649 -27.27 -3.27 -12.90
CA ASP B 649 -28.48 -4.07 -12.86
C ASP B 649 -28.38 -5.14 -11.75
N GLY B 650 -27.18 -5.70 -11.59
CA GLY B 650 -26.91 -6.70 -10.57
C GLY B 650 -26.72 -6.22 -9.13
N MET B 651 -26.82 -4.91 -8.89
CA MET B 651 -26.73 -4.39 -7.53
C MET B 651 -28.03 -4.68 -6.79
N PRO B 652 -27.98 -4.80 -5.45
CA PRO B 652 -29.20 -4.91 -4.70
C PRO B 652 -30.08 -3.64 -4.73
N PRO B 653 -31.39 -3.81 -4.50
CA PRO B 653 -32.39 -2.76 -4.72
C PRO B 653 -32.27 -1.56 -3.84
N ASN B 654 -31.77 -1.72 -2.64
CA ASN B 654 -31.76 -0.62 -1.70
C ASN B 654 -30.43 0.14 -1.63
N LEU B 655 -29.58 0.03 -2.66
CA LEU B 655 -28.27 0.64 -2.62
C LEU B 655 -28.38 2.17 -2.52
N LYS B 656 -27.85 2.70 -1.44
CA LYS B 656 -27.95 4.10 -1.08
C LYS B 656 -26.62 4.77 -1.34
N ASN B 657 -25.54 4.15 -0.89
CA ASN B 657 -24.21 4.74 -0.87
C ASN B 657 -23.15 3.81 -1.50
N LEU B 658 -22.56 4.25 -2.62
CA LEU B 658 -21.69 3.41 -3.44
C LEU B 658 -20.35 4.10 -3.70
N SER B 659 -19.28 3.43 -3.31
CA SER B 659 -17.94 3.90 -3.54
C SER B 659 -17.24 3.06 -4.56
N LEU B 660 -16.85 3.75 -5.63
CA LEU B 660 -15.93 3.26 -6.64
C LEU B 660 -14.62 4.07 -6.63
N ALA B 661 -14.27 4.65 -5.49
CA ALA B 661 -13.02 5.39 -5.33
C ALA B 661 -11.78 4.58 -5.67
N LYS B 662 -10.79 5.22 -6.28
CA LYS B 662 -9.44 4.64 -6.33
C LYS B 662 -9.42 3.36 -7.08
N ASN B 663 -10.02 3.38 -8.26
CA ASN B 663 -10.09 2.20 -9.09
C ASN B 663 -9.29 2.29 -10.36
N GLY B 664 -9.00 3.49 -10.83
CA GLY B 664 -8.54 3.68 -12.19
C GLY B 664 -9.64 3.64 -13.25
N LEU B 665 -10.90 3.88 -12.87
CA LEU B 665 -11.96 4.03 -13.86
C LEU B 665 -11.57 5.05 -14.94
N LYS B 666 -11.45 4.61 -16.18
CA LYS B 666 -11.19 5.51 -17.32
C LYS B 666 -12.46 5.94 -18.05
N SER B 667 -13.55 5.25 -17.80
CA SER B 667 -14.84 5.56 -18.40
C SER B 667 -15.92 5.01 -17.52
N PHE B 668 -17.14 5.42 -17.82
CA PHE B 668 -18.28 5.19 -16.94
C PHE B 668 -19.56 5.57 -17.70
N ILE B 669 -20.45 4.61 -17.92
CA ILE B 669 -21.74 4.91 -18.56
C ILE B 669 -22.69 5.44 -17.49
N TRP B 670 -22.91 6.74 -17.55
CA TRP B 670 -23.68 7.45 -16.54
C TRP B 670 -25.15 7.07 -16.59
N GLU B 671 -25.62 6.69 -17.78
CA GLU B 671 -27.03 6.39 -18.02
C GLU B 671 -27.45 5.17 -17.24
N LYS B 672 -26.50 4.28 -16.97
CA LYS B 672 -26.76 3.06 -16.21
C LYS B 672 -27.01 3.30 -14.73
N LEU B 673 -26.84 4.53 -14.24
CA LEU B 673 -27.29 4.84 -12.89
C LEU B 673 -28.82 4.85 -12.74
N ARG B 674 -29.56 4.66 -13.84
CA ARG B 674 -31.03 4.51 -13.78
C ARG B 674 -31.44 3.25 -13.02
N TYR B 675 -30.56 2.23 -13.03
CA TYR B 675 -30.79 1.01 -12.27
C TYR B 675 -30.69 1.13 -10.75
N LEU B 676 -30.03 2.15 -10.25
CA LEU B 676 -29.82 2.32 -8.82
C LEU B 676 -30.79 3.40 -8.36
N LYS B 677 -32.03 2.98 -8.13
CA LYS B 677 -33.16 3.90 -7.97
C LYS B 677 -33.21 4.56 -6.62
N ASN B 678 -32.48 3.98 -5.66
CA ASN B 678 -32.31 4.58 -4.34
C ASN B 678 -30.92 5.15 -4.09
N LEU B 679 -30.14 5.38 -5.14
CA LEU B 679 -28.78 5.89 -4.97
C LEU B 679 -28.79 7.34 -4.48
N GLU B 680 -28.03 7.57 -3.42
CA GLU B 680 -27.92 8.88 -2.77
C GLU B 680 -26.53 9.47 -2.65
N THR B 681 -25.52 8.62 -2.49
CA THR B 681 -24.13 9.06 -2.54
C THR B 681 -23.37 8.17 -3.53
N LEU B 682 -22.73 8.80 -4.52
CA LEU B 682 -21.82 8.10 -5.42
C LEU B 682 -20.39 8.67 -5.29
N ASP B 683 -19.45 7.79 -4.94
CA ASP B 683 -18.09 8.20 -4.74
C ASP B 683 -17.20 7.68 -5.86
N LEU B 684 -16.91 8.54 -6.83
CA LEU B 684 -16.02 8.24 -7.89
C LEU B 684 -14.66 8.96 -7.75
N SER B 685 -14.32 9.36 -6.53
CA SER B 685 -13.05 10.07 -6.26
C SER B 685 -11.82 9.24 -6.64
N HIS B 686 -10.75 9.92 -7.07
CA HIS B 686 -9.44 9.32 -7.42
C HIS B 686 -9.58 8.28 -8.52
N ASN B 687 -10.01 8.72 -9.70
CA ASN B 687 -10.11 7.87 -10.89
C ASN B 687 -9.55 8.64 -12.09
N GLN B 688 -9.75 8.15 -13.32
CA GLN B 688 -9.32 8.81 -14.56
C GLN B 688 -10.51 9.20 -15.41
N LEU B 689 -11.61 9.59 -14.80
CA LEU B 689 -12.76 9.95 -15.56
C LEU B 689 -12.48 11.28 -16.23
N THR B 690 -12.95 11.45 -17.47
CA THR B 690 -12.74 12.73 -18.20
C THR B 690 -14.01 13.50 -18.53
N THR B 691 -15.18 12.96 -18.26
CA THR B 691 -16.40 13.65 -18.61
C THR B 691 -17.48 13.33 -17.62
N VAL B 692 -18.39 14.27 -17.50
CA VAL B 692 -19.55 14.14 -16.64
C VAL B 692 -20.71 13.81 -17.60
N PRO B 693 -21.87 13.40 -17.07
CA PRO B 693 -23.00 13.11 -17.98
C PRO B 693 -23.49 14.35 -18.70
N GLU B 694 -24.03 14.19 -19.91
CA GLU B 694 -24.74 15.28 -20.59
C GLU B 694 -25.90 15.81 -19.74
N ARG B 695 -26.59 14.92 -19.04
CA ARG B 695 -27.72 15.30 -18.16
C ARG B 695 -27.74 14.36 -16.96
N LEU B 696 -27.41 14.89 -15.80
CA LEU B 696 -27.38 14.09 -14.61
C LEU B 696 -28.79 13.67 -14.21
N SER B 697 -29.78 14.51 -14.58
CA SER B 697 -31.17 14.25 -14.27
C SER B 697 -31.76 13.12 -15.10
N ASN B 698 -31.15 12.79 -16.25
CA ASN B 698 -31.49 11.59 -17.04
C ASN B 698 -30.66 10.37 -16.66
N CYS B 699 -29.88 10.47 -15.59
CA CYS B 699 -29.07 9.37 -15.07
C CYS B 699 -29.53 8.87 -13.73
N SER B 700 -29.93 9.79 -12.85
CA SER B 700 -30.35 9.43 -11.53
C SER B 700 -31.06 10.60 -10.90
N ARG B 701 -32.37 10.46 -10.71
CA ARG B 701 -33.17 11.50 -10.06
C ARG B 701 -33.08 11.49 -8.54
N SER B 702 -32.45 10.47 -7.94
CA SER B 702 -32.34 10.37 -6.48
C SER B 702 -31.02 10.87 -5.89
N LEU B 703 -30.00 11.07 -6.74
CA LEU B 703 -28.62 11.31 -6.28
C LEU B 703 -28.48 12.63 -5.59
N LYS B 704 -28.06 12.59 -4.34
CA LYS B 704 -27.86 13.79 -3.53
C LYS B 704 -26.40 14.22 -3.51
N ASN B 705 -25.47 13.24 -3.46
CA ASN B 705 -24.07 13.54 -3.24
C ASN B 705 -23.21 12.92 -4.31
N LEU B 706 -22.63 13.77 -5.16
CA LEU B 706 -21.81 13.31 -6.27
C LEU B 706 -20.37 13.69 -6.00
N ILE B 707 -19.52 12.70 -5.70
CA ILE B 707 -18.10 12.97 -5.44
C ILE B 707 -17.25 12.61 -6.65
N LEU B 708 -16.77 13.64 -7.33
CA LEU B 708 -15.89 13.50 -8.47
C LEU B 708 -14.46 14.03 -8.28
N LYS B 709 -14.04 14.28 -7.03
CA LYS B 709 -12.73 14.82 -6.81
C LYS B 709 -11.65 13.91 -7.29
N ASN B 710 -10.60 14.50 -7.86
CA ASN B 710 -9.37 13.81 -8.26
C ASN B 710 -9.63 12.93 -9.47
N ASN B 711 -10.10 13.55 -10.55
CA ASN B 711 -10.31 12.91 -11.82
C ASN B 711 -9.66 13.77 -12.89
N GLN B 712 -9.98 13.56 -14.18
CA GLN B 712 -9.28 14.21 -15.26
C GLN B 712 -10.24 15.04 -16.09
N ILE B 713 -11.25 15.60 -15.43
CA ILE B 713 -12.33 16.37 -16.08
C ILE B 713 -11.82 17.74 -16.52
N ARG B 714 -11.97 18.05 -17.80
CA ARG B 714 -11.42 19.27 -18.39
C ARG B 714 -12.48 20.34 -18.70
N SER B 715 -13.73 19.91 -18.87
CA SER B 715 -14.85 20.82 -19.00
C SER B 715 -16.09 20.10 -18.48
N LEU B 716 -17.21 20.79 -18.45
CA LEU B 716 -18.49 20.14 -18.19
C LEU B 716 -19.43 20.14 -19.41
N THR B 717 -20.35 19.19 -19.44
CA THR B 717 -21.30 19.09 -20.52
C THR B 717 -22.24 20.28 -20.45
N LYS B 718 -22.75 20.70 -21.62
CA LYS B 718 -23.55 21.94 -21.74
C LYS B 718 -24.69 22.08 -20.72
N TYR B 719 -25.44 21.02 -20.50
CA TYR B 719 -26.59 21.10 -19.60
C TYR B 719 -26.44 20.18 -18.37
N PHE B 720 -25.18 19.88 -18.01
CA PHE B 720 -24.82 18.93 -16.94
C PHE B 720 -25.90 18.77 -15.85
N LEU B 721 -26.11 19.82 -15.08
CA LEU B 721 -26.96 19.75 -13.88
C LEU B 721 -28.35 20.28 -14.11
N GLN B 722 -28.73 20.48 -15.37
CA GLN B 722 -30.06 20.93 -15.69
C GLN B 722 -31.01 19.98 -14.99
N ASP B 723 -31.95 20.57 -14.25
CA ASP B 723 -33.07 19.83 -13.64
C ASP B 723 -32.70 18.92 -12.45
N ALA B 724 -31.45 18.89 -12.01
CA ALA B 724 -31.02 17.98 -10.93
C ALA B 724 -31.34 18.54 -9.53
N PHE B 725 -32.61 18.86 -9.31
CA PHE B 725 -33.05 19.61 -8.11
C PHE B 725 -32.77 18.84 -6.81
N GLN B 726 -32.59 17.52 -6.89
CA GLN B 726 -32.34 16.69 -5.72
C GLN B 726 -30.90 16.74 -5.23
N LEU B 727 -29.97 17.22 -6.09
CA LEU B 727 -28.55 17.30 -5.76
C LEU B 727 -28.26 18.26 -4.60
N ARG B 728 -27.44 17.84 -3.65
CA ARG B 728 -27.12 18.66 -2.49
C ARG B 728 -25.64 18.94 -2.29
N TYR B 729 -24.80 17.96 -2.62
CA TYR B 729 -23.38 18.04 -2.44
C TYR B 729 -22.78 17.67 -3.80
N LEU B 730 -21.78 18.43 -4.24
CA LEU B 730 -21.03 18.09 -5.46
C LEU B 730 -19.58 18.51 -5.31
N ASP B 731 -18.69 17.53 -5.46
CA ASP B 731 -17.25 17.72 -5.32
C ASP B 731 -16.60 17.52 -6.66
N LEU B 732 -16.20 18.63 -7.27
CA LEU B 732 -15.45 18.64 -8.51
C LEU B 732 -14.02 19.04 -8.31
N SER B 733 -13.54 19.00 -7.08
CA SER B 733 -12.19 19.50 -6.78
C SER B 733 -11.09 18.59 -7.38
N SER B 734 -9.88 19.13 -7.54
CA SER B 734 -8.76 18.40 -8.15
C SER B 734 -9.11 17.77 -9.48
N ASN B 735 -9.68 18.57 -10.37
CA ASN B 735 -9.83 18.18 -11.75
C ASN B 735 -9.05 19.17 -12.61
N LYS B 736 -9.36 19.30 -13.90
CA LYS B 736 -8.58 20.18 -14.79
C LYS B 736 -9.50 21.11 -15.56
N ILE B 737 -10.56 21.54 -14.87
CA ILE B 737 -11.64 22.34 -15.46
C ILE B 737 -11.12 23.76 -15.67
N GLN B 738 -11.46 24.33 -16.82
CA GLN B 738 -11.07 25.68 -17.17
C GLN B 738 -12.21 26.71 -17.08
N MET B 739 -13.40 26.34 -17.58
CA MET B 739 -14.54 27.25 -17.68
C MET B 739 -15.77 26.54 -17.19
N ILE B 740 -16.70 27.29 -16.62
CA ILE B 740 -17.99 26.75 -16.24
C ILE B 740 -19.00 27.79 -16.65
N GLN B 741 -19.91 27.41 -17.55
CA GLN B 741 -20.99 28.29 -18.00
C GLN B 741 -22.29 28.03 -17.22
N LYS B 742 -23.21 28.99 -17.32
CA LYS B 742 -24.52 28.98 -16.63
C LYS B 742 -25.41 27.80 -17.03
N THR B 743 -25.35 27.45 -18.32
CA THR B 743 -26.10 26.31 -18.86
C THR B 743 -25.82 25.01 -18.09
N SER B 744 -24.58 24.85 -17.64
CA SER B 744 -24.14 23.64 -16.96
C SER B 744 -24.46 23.64 -15.49
N PHE B 745 -24.51 24.84 -14.93
CA PHE B 745 -24.58 25.05 -13.50
C PHE B 745 -25.73 26.02 -13.24
N PRO B 746 -26.96 25.68 -13.65
CA PRO B 746 -28.07 26.64 -13.48
C PRO B 746 -28.29 27.04 -12.03
N GLU B 747 -28.69 28.30 -11.84
CA GLU B 747 -28.87 28.87 -10.48
C GLU B 747 -29.93 28.08 -9.66
N ASN B 748 -31.07 27.74 -10.29
CA ASN B 748 -32.11 26.79 -9.74
C ASN B 748 -31.54 25.69 -8.88
N VAL B 749 -30.51 25.06 -9.43
CA VAL B 749 -29.89 23.86 -8.85
C VAL B 749 -28.74 24.26 -7.94
N LEU B 750 -27.91 25.20 -8.38
CA LEU B 750 -26.74 25.59 -7.60
C LEU B 750 -27.03 26.13 -6.22
N ASN B 751 -28.09 26.94 -6.10
CA ASN B 751 -28.34 27.67 -4.86
C ASN B 751 -28.94 26.80 -3.75
N ASN B 752 -29.39 25.57 -4.08
CA ASN B 752 -29.82 24.56 -3.07
C ASN B 752 -28.74 23.60 -2.58
N LEU B 753 -27.50 23.78 -3.04
CA LEU B 753 -26.40 22.92 -2.61
C LEU B 753 -25.98 23.26 -1.17
N LYS B 754 -25.84 22.24 -0.33
CA LYS B 754 -25.21 22.43 0.95
C LYS B 754 -23.77 22.87 0.72
N MET B 755 -23.10 22.17 -0.18
CA MET B 755 -21.67 22.38 -0.47
C MET B 755 -21.30 22.18 -1.95
N LEU B 756 -20.38 23.00 -2.47
CA LEU B 756 -19.85 22.83 -3.82
C LEU B 756 -18.33 22.94 -3.76
N LEU B 757 -17.61 21.86 -4.04
CA LEU B 757 -16.14 21.92 -3.96
C LEU B 757 -15.54 22.12 -5.36
N LEU B 758 -14.70 23.16 -5.47
CA LEU B 758 -14.11 23.61 -6.76
C LEU B 758 -12.61 23.77 -6.80
N HIS B 759 -11.96 23.72 -5.65
CA HIS B 759 -10.52 23.96 -5.54
C HIS B 759 -9.67 23.02 -6.38
N HIS B 760 -8.39 23.39 -6.55
CA HIS B 760 -7.44 22.66 -7.36
C HIS B 760 -7.96 22.30 -8.77
N ASN B 761 -8.52 23.28 -9.46
CA ASN B 761 -8.81 23.14 -10.89
C ASN B 761 -7.87 24.06 -11.75
N ARG B 762 -8.20 24.29 -13.04
CA ARG B 762 -7.36 25.07 -13.97
C ARG B 762 -8.11 26.25 -14.54
N PHE B 763 -8.73 27.03 -13.67
CA PHE B 763 -9.64 28.10 -14.09
C PHE B 763 -9.00 29.19 -14.94
N LEU B 764 -9.60 29.42 -16.11
CA LEU B 764 -9.16 30.47 -17.02
C LEU B 764 -9.96 31.72 -16.73
N CYS B 765 -9.27 32.76 -16.26
CA CYS B 765 -9.93 33.98 -15.77
C CYS B 765 -9.97 35.10 -16.82
N THR B 766 -10.62 34.79 -17.95
CA THR B 766 -10.85 35.71 -19.03
C THR B 766 -12.28 36.15 -18.95
N CYS B 767 -12.68 37.04 -19.85
CA CYS B 767 -14.04 37.56 -19.87
C CYS B 767 -15.09 36.56 -20.31
N ASP B 768 -14.67 35.39 -20.79
CA ASP B 768 -15.59 34.24 -20.91
C ASP B 768 -16.03 33.66 -19.55
N ALA B 769 -15.21 33.87 -18.50
CA ALA B 769 -15.49 33.39 -17.12
C ALA B 769 -16.34 34.35 -16.28
N VAL B 770 -17.00 35.29 -16.94
CA VAL B 770 -17.54 36.46 -16.26
C VAL B 770 -18.71 36.03 -15.34
N TRP B 771 -19.59 35.16 -15.86
CA TRP B 771 -20.68 34.63 -15.04
C TRP B 771 -20.19 33.82 -13.80
N PHE B 772 -19.26 32.90 -14.03
CA PHE B 772 -18.75 32.01 -12.97
C PHE B 772 -18.01 32.79 -11.91
N VAL B 773 -17.26 33.80 -12.33
CA VAL B 773 -16.52 34.59 -11.37
C VAL B 773 -17.51 35.37 -10.56
N TRP B 774 -18.48 35.97 -11.24
CA TRP B 774 -19.52 36.67 -10.53
C TRP B 774 -20.24 35.70 -9.59
N TRP B 775 -20.75 34.60 -10.12
CA TRP B 775 -21.51 33.66 -9.29
C TRP B 775 -20.73 33.23 -8.03
N VAL B 776 -19.51 32.74 -8.19
CA VAL B 776 -18.67 32.40 -7.03
C VAL B 776 -18.63 33.56 -6.03
N GLN B 777 -18.39 34.77 -6.53
CA GLN B 777 -18.15 35.95 -5.67
C GLN B 777 -19.31 36.30 -4.76
N HIS B 778 -20.52 36.11 -5.29
CA HIS B 778 -21.75 36.50 -4.63
C HIS B 778 -22.57 35.39 -3.94
N THR B 779 -22.36 34.11 -4.25
CA THR B 779 -23.24 33.04 -3.73
C THR B 779 -23.11 32.79 -2.21
N GLU B 780 -24.19 32.29 -1.63
CA GLU B 780 -24.26 31.93 -0.21
C GLU B 780 -23.72 30.50 0.02
N VAL B 781 -23.78 29.69 -1.04
CA VAL B 781 -23.36 28.28 -1.01
C VAL B 781 -21.94 28.12 -0.51
N THR B 782 -21.73 27.19 0.43
CA THR B 782 -20.41 26.93 0.99
C THR B 782 -19.51 26.37 -0.09
N ILE B 783 -18.32 26.94 -0.20
CA ILE B 783 -17.31 26.54 -1.16
C ILE B 783 -16.05 26.60 -0.35
N PRO B 784 -15.55 25.45 0.10
CA PRO B 784 -14.36 25.55 0.92
C PRO B 784 -13.09 25.96 0.14
N TYR B 785 -12.12 26.48 0.91
CA TYR B 785 -10.85 26.97 0.40
C TYR B 785 -11.00 28.09 -0.65
N LEU B 786 -12.13 28.78 -0.60
CA LEU B 786 -12.44 29.85 -1.53
C LEU B 786 -11.34 30.93 -1.63
N ALA B 787 -10.64 31.16 -0.52
CA ALA B 787 -9.61 32.16 -0.39
C ALA B 787 -8.19 31.59 -0.28
N THR B 788 -7.92 30.42 -0.86
CA THR B 788 -6.62 29.77 -0.72
C THR B 788 -6.31 28.88 -1.91
N ASP B 789 -7.26 28.02 -2.29
CA ASP B 789 -7.04 27.04 -3.36
C ASP B 789 -8.11 27.08 -4.43
N VAL B 790 -8.83 28.21 -4.62
CA VAL B 790 -9.70 28.44 -5.80
C VAL B 790 -9.18 29.61 -6.61
N THR B 791 -8.22 29.31 -7.48
CA THR B 791 -7.38 30.31 -8.11
C THR B 791 -7.37 30.21 -9.62
N CYS B 792 -7.15 31.34 -10.28
CA CYS B 792 -6.93 31.40 -11.72
C CYS B 792 -5.55 30.87 -12.01
N VAL B 793 -5.37 30.19 -13.14
CA VAL B 793 -4.02 29.81 -13.64
C VAL B 793 -3.52 30.71 -14.75
N GLY B 794 -4.45 31.35 -15.46
CA GLY B 794 -4.17 32.43 -16.41
C GLY B 794 -5.42 33.31 -16.60
N PRO B 795 -5.44 34.23 -17.56
CA PRO B 795 -4.31 34.56 -18.44
C PRO B 795 -3.30 35.48 -17.74
N GLY B 796 -2.05 35.43 -18.24
CA GLY B 796 -0.91 36.23 -17.75
C GLY B 796 -1.03 36.99 -16.44
N ALA B 797 -1.73 38.13 -16.50
CA ALA B 797 -1.90 39.02 -15.34
C ALA B 797 -2.35 38.26 -14.09
N HIS B 798 -3.44 37.53 -14.22
CA HIS B 798 -4.09 36.93 -13.07
C HIS B 798 -3.53 35.57 -12.62
N LYS B 799 -2.51 35.03 -13.33
CA LYS B 799 -1.89 33.75 -12.95
C LYS B 799 -1.54 33.69 -11.45
N GLY B 800 -2.21 32.79 -10.72
CA GLY B 800 -2.03 32.61 -9.27
C GLY B 800 -3.09 33.31 -8.42
N GLN B 801 -3.88 34.17 -9.04
CA GLN B 801 -4.80 35.03 -8.31
C GLN B 801 -6.05 34.29 -7.94
N SER B 802 -6.61 34.62 -6.79
CA SER B 802 -7.80 33.96 -6.28
C SER B 802 -8.96 34.48 -7.10
N VAL B 803 -9.91 33.60 -7.39
CA VAL B 803 -11.12 34.00 -8.11
C VAL B 803 -11.94 35.02 -7.32
N ILE B 804 -11.93 34.96 -5.99
CA ILE B 804 -12.75 35.88 -5.21
C ILE B 804 -12.24 37.33 -5.22
N SER B 805 -10.91 37.53 -5.25
CA SER B 805 -10.31 38.88 -5.36
C SER B 805 -10.36 39.48 -6.77
N LEU B 806 -10.68 38.66 -7.78
CA LEU B 806 -10.60 39.03 -9.18
C LEU B 806 -11.60 40.11 -9.56
N ASP B 807 -11.08 41.24 -10.04
CA ASP B 807 -11.86 42.42 -10.42
C ASP B 807 -11.73 42.55 -11.90
N LEU B 808 -12.75 42.17 -12.66
CA LEU B 808 -12.63 42.22 -14.13
C LEU B 808 -13.56 43.28 -14.68
N TYR B 809 -13.25 44.53 -14.24
CA TYR B 809 -13.84 45.79 -14.77
C TYR B 809 -14.03 45.76 -16.29
N THR B 810 -12.95 45.47 -16.99
CA THR B 810 -12.84 45.74 -18.42
C THR B 810 -13.76 44.97 -19.38
N CYS B 811 -14.97 44.59 -18.93
CA CYS B 811 -15.85 43.69 -19.68
C CYS B 811 -17.33 44.03 -19.46
#